data_8TZ1
#
_entry.id   8TZ1
#
_cell.length_a   1.00
_cell.length_b   1.00
_cell.length_c   1.00
_cell.angle_alpha   90.00
_cell.angle_beta   90.00
_cell.angle_gamma   90.00
#
_symmetry.space_group_name_H-M   'P 1'
#
loop_
_entity.id
_entity.type
_entity.pdbx_description
1 polymer 'Sodium/nucleoside cotransporter'
2 non-polymer 1-(beta-D-ribofuranosyl)-1H-1,2,4-triazole-3-carboxamide
3 non-polymer 'SODIUM ION'
4 non-polymer 1-palmitoyl-2-oleoyl-sn-glycero-3-phosphocholine
5 water water
#
_entity_poly.entity_id   1
_entity_poly.type   'polypeptide(L)'
_entity_poly.pdbx_seq_one_letter_code
;MDYKDDDDKLEATMAMSSKISVELQRVAALPAQGCSNTGFQNDEDGFENQNPSGNDHSLRNRVVQNREHENGKQVEEHIT
IGQDSLRKDEEEEDDQETHRKGCLERMCGRMSDFCREHKTTLRYIIWGILIAGYLALVIAACVMNFHRALPLFVITVVAI
FFVVWDHLMAKYESQIARFLSPGQRLLDSHWFWLKWVIWGCLILGVILWLVFDTAKLGQQQLVSFGGLIIYTSLTFLFSK
HPTKVYWRPVFWGIGLQFLLGLLILRTEPGFMAFDWLGKQVQTFLGYSDAGASFVFGEKYTDHFFAFKVLPIVIFFSTVM
SMLYYLGLMQWIIRKVGWVMLVTMGTSPVESVVASGNIFIGQTESPLLVRPYLPYVTKSELHAIMTAGFSTIAGSVLGAY
ISFGVSSSHLLTASVMSAPAALAISKLFWPETETPKINLKNAMKMESGDSRNLLEAATQGASSSISLVANIAVNLIAFLA
LLSFMNSALSWLGNMFDYPQLSFEVICSYVFMPFAFMMGVDWQDSFMVAKLIGYKTFFNEFVAYQQLSKLISLRQVGGPK
FVDGVQQYMSMRSEAISTYALCGFANFGSLGIVIGGLTSMAPSRKRDITAGAMRALIAGTIACFLTACIAGMLTNTPVDI
NCHHILENAFNSGLVRNTTNVVSCCQGLLSSAVVKGPGEVIPTGNHSLYSLKNCCNLLNTPTLNCSWIPNVLSNS
;
_entity_poly.pdbx_strand_id   A,C,B
#
# COMPACT_ATOMS: atom_id res chain seq x y z
N GLU A 105 48.21 -6.75 20.83
CA GLU A 105 47.88 -5.59 20.01
C GLU A 105 48.27 -4.30 20.71
N ARG A 106 49.52 -4.24 21.19
CA ARG A 106 50.00 -3.03 21.86
C ARG A 106 50.01 -1.85 20.90
N MET A 107 50.43 -2.09 19.65
CA MET A 107 50.44 -1.02 18.67
C MET A 107 49.03 -0.49 18.42
N CYS A 108 48.05 -1.40 18.35
CA CYS A 108 46.67 -0.97 18.15
C CYS A 108 46.19 -0.11 19.31
N GLY A 109 46.54 -0.51 20.55
CA GLY A 109 46.18 0.31 21.70
C GLY A 109 46.82 1.68 21.67
N ARG A 110 48.09 1.74 21.24
CA ARG A 110 48.75 3.03 21.11
C ARG A 110 48.07 3.89 20.05
N MET A 111 47.68 3.28 18.93
CA MET A 111 46.97 4.03 17.91
C MET A 111 45.63 4.55 18.43
N SER A 112 44.91 3.70 19.18
CA SER A 112 43.64 4.15 19.76
C SER A 112 43.85 5.28 20.74
N ASP A 113 44.90 5.19 21.56
CA ASP A 113 45.19 6.27 22.50
C ASP A 113 45.54 7.56 21.76
N PHE A 114 46.33 7.45 20.69
CA PHE A 114 46.66 8.64 19.92
C PHE A 114 45.41 9.27 19.30
N CYS A 115 44.53 8.45 18.76
CA CYS A 115 43.29 8.97 18.17
C CYS A 115 42.44 9.68 19.22
N ARG A 116 42.32 9.09 20.41
CA ARG A 116 41.53 9.71 21.47
C ARG A 116 42.15 11.02 21.92
N GLU A 117 43.49 11.07 21.99
CA GLU A 117 44.16 12.24 22.54
C GLU A 117 43.90 13.48 21.70
N HIS A 118 43.90 13.34 20.37
CA HIS A 118 43.80 14.47 19.45
C HIS A 118 42.65 14.26 18.46
N LYS A 119 41.49 13.86 18.97
CA LYS A 119 40.35 13.61 18.11
C LYS A 119 39.91 14.87 17.39
N THR A 120 39.86 16.01 18.11
CA THR A 120 39.35 17.23 17.52
C THR A 120 40.24 17.73 16.38
N THR A 121 41.56 17.70 16.58
CA THR A 121 42.46 18.21 15.56
C THR A 121 42.50 17.31 14.32
N LEU A 122 42.35 16.00 14.51
CA LEU A 122 42.41 15.07 13.39
C LEU A 122 41.27 15.29 12.43
N ARG A 123 40.04 15.36 12.93
CA ARG A 123 38.89 15.53 12.05
C ARG A 123 38.86 16.94 11.45
N TYR A 124 39.26 17.95 12.23
CA TYR A 124 39.31 19.31 11.70
C TYR A 124 40.29 19.40 10.53
N ILE A 125 41.45 18.76 10.67
CA ILE A 125 42.44 18.79 9.59
C ILE A 125 41.88 18.11 8.34
N ILE A 126 41.19 16.98 8.52
CA ILE A 126 40.64 16.26 7.37
C ILE A 126 39.63 17.14 6.64
N TRP A 127 38.75 17.80 7.38
CA TRP A 127 37.79 18.69 6.74
C TRP A 127 38.49 19.86 6.05
N GLY A 128 39.53 20.40 6.67
CA GLY A 128 40.27 21.47 6.03
C GLY A 128 40.89 21.04 4.72
N ILE A 129 41.43 19.81 4.68
CA ILE A 129 42.02 19.31 3.45
C ILE A 129 40.96 19.19 2.36
N LEU A 130 39.78 18.67 2.71
CA LEU A 130 38.70 18.57 1.74
C LEU A 130 38.30 19.93 1.20
N ILE A 131 38.20 20.92 2.10
CA ILE A 131 37.86 22.28 1.66
C ILE A 131 38.93 22.81 0.72
N ALA A 132 40.20 22.59 1.06
CA ALA A 132 41.28 23.07 0.21
C ALA A 132 41.22 22.42 -1.17
N GLY A 133 40.91 21.12 -1.21
CA GLY A 133 40.78 20.45 -2.49
C GLY A 133 39.67 21.04 -3.34
N TYR A 134 38.52 21.32 -2.74
CA TYR A 134 37.41 21.92 -3.47
C TYR A 134 37.80 23.29 -4.00
N LEU A 135 38.45 24.11 -3.17
CA LEU A 135 38.88 25.43 -3.63
C LEU A 135 39.89 25.30 -4.77
N ALA A 136 40.78 24.32 -4.68
CA ALA A 136 41.76 24.11 -5.75
C ALA A 136 41.06 23.78 -7.06
N LEU A 137 40.03 22.95 -7.01
CA LEU A 137 39.27 22.65 -8.22
C LEU A 137 38.60 23.90 -8.77
N VAL A 138 38.01 24.72 -7.90
CA VAL A 138 37.32 25.92 -8.36
C VAL A 138 38.28 26.89 -9.02
N ILE A 139 39.40 27.18 -8.34
CA ILE A 139 40.34 28.15 -8.88
C ILE A 139 40.94 27.65 -10.19
N ALA A 140 41.27 26.35 -10.25
CA ALA A 140 41.81 25.80 -11.49
C ALA A 140 40.81 25.91 -12.62
N ALA A 141 39.54 25.64 -12.34
CA ALA A 141 38.51 25.77 -13.37
C ALA A 141 38.41 27.20 -13.88
N CYS A 142 38.46 28.17 -12.97
CA CYS A 142 38.42 29.56 -13.40
C CYS A 142 39.65 29.94 -14.22
N VAL A 143 40.81 29.41 -13.83
CA VAL A 143 42.04 29.73 -14.54
C VAL A 143 41.97 29.22 -15.99
N MET A 144 41.53 27.97 -16.17
CA MET A 144 41.44 27.42 -17.52
C MET A 144 40.46 28.22 -18.37
N ASN A 145 39.31 28.58 -17.80
CA ASN A 145 38.33 29.40 -18.50
C ASN A 145 37.39 29.98 -17.45
N PHE A 146 37.17 31.29 -17.52
CA PHE A 146 36.38 31.98 -16.50
C PHE A 146 34.90 32.03 -16.85
N HIS A 147 34.58 32.43 -18.10
CA HIS A 147 33.18 32.50 -18.49
C HIS A 147 32.48 31.16 -18.36
N ARG A 148 33.22 30.06 -18.60
CA ARG A 148 32.63 28.74 -18.50
C ARG A 148 32.45 28.29 -17.05
N ALA A 149 33.30 28.77 -16.15
CA ALA A 149 33.27 28.38 -14.75
C ALA A 149 32.59 29.41 -13.86
N LEU A 150 31.91 30.39 -14.45
CA LEU A 150 31.32 31.47 -13.65
C LEU A 150 30.31 30.95 -12.62
N PRO A 151 29.31 30.14 -12.98
CA PRO A 151 28.33 29.73 -11.96
C PRO A 151 28.94 29.01 -10.78
N LEU A 152 29.96 28.18 -11.01
CA LEU A 152 30.62 27.51 -9.89
C LEU A 152 31.29 28.52 -8.97
N PHE A 153 31.92 29.54 -9.55
CA PHE A 153 32.53 30.60 -8.74
C PHE A 153 31.46 31.34 -7.93
N VAL A 154 30.32 31.62 -8.55
CA VAL A 154 29.26 32.35 -7.85
C VAL A 154 28.75 31.54 -6.66
N ILE A 155 28.50 30.25 -6.88
CA ILE A 155 27.97 29.40 -5.81
C ILE A 155 28.96 29.35 -4.65
N THR A 156 30.25 29.21 -4.97
CA THR A 156 31.25 29.17 -3.92
C THR A 156 31.29 30.49 -3.14
N VAL A 157 31.18 31.61 -3.84
CA VAL A 157 31.27 32.92 -3.18
C VAL A 157 30.11 33.09 -2.21
N VAL A 158 28.89 32.81 -2.65
CA VAL A 158 27.73 33.02 -1.79
C VAL A 158 27.77 32.07 -0.59
N ALA A 159 28.22 30.83 -0.81
CA ALA A 159 28.33 29.89 0.29
C ALA A 159 29.33 30.38 1.33
N ILE A 160 30.48 30.89 0.87
CA ILE A 160 31.47 31.42 1.80
C ILE A 160 30.90 32.61 2.56
N PHE A 161 30.20 33.49 1.85
CA PHE A 161 29.64 34.68 2.49
C PHE A 161 28.67 34.30 3.61
N PHE A 162 27.78 33.36 3.33
CA PHE A 162 26.78 32.97 4.33
C PHE A 162 27.44 32.28 5.52
N VAL A 163 28.43 31.42 5.27
CA VAL A 163 29.11 30.74 6.36
C VAL A 163 29.80 31.73 7.27
N VAL A 164 30.51 32.70 6.68
CA VAL A 164 31.15 33.73 7.48
C VAL A 164 30.11 34.57 8.23
N TRP A 165 29.04 34.95 7.53
CA TRP A 165 27.99 35.74 8.17
C TRP A 165 27.41 35.00 9.37
N ASP A 166 27.04 33.73 9.19
CA ASP A 166 26.42 32.98 10.28
C ASP A 166 27.38 32.88 11.47
N HIS A 167 28.66 32.61 11.21
CA HIS A 167 29.63 32.52 12.29
C HIS A 167 29.75 33.83 13.05
N LEU A 168 29.79 34.95 12.33
CA LEU A 168 29.93 36.25 12.99
C LEU A 168 28.72 36.58 13.84
N MET A 169 27.51 36.33 13.31
CA MET A 169 26.31 36.62 14.10
C MET A 169 26.28 35.78 15.36
N ALA A 170 26.65 34.50 15.26
CA ALA A 170 26.65 33.64 16.43
C ALA A 170 27.66 34.11 17.47
N LYS A 171 28.84 34.51 17.03
CA LYS A 171 29.91 34.85 17.96
C LYS A 171 29.73 36.24 18.56
N TYR A 172 29.31 37.21 17.74
CA TYR A 172 29.24 38.61 18.14
C TYR A 172 27.81 39.09 18.33
N GLU A 173 26.89 38.20 18.72
CA GLU A 173 25.50 38.59 18.88
C GLU A 173 25.35 39.64 19.98
N SER A 174 26.00 39.42 21.12
CA SER A 174 25.84 40.34 22.25
C SER A 174 26.37 41.72 21.91
N GLN A 175 27.55 41.79 21.27
CA GLN A 175 28.13 43.08 20.95
C GLN A 175 27.26 43.85 19.97
N ILE A 176 26.74 43.16 18.96
CA ILE A 176 25.89 43.82 17.97
C ILE A 176 24.61 44.33 18.62
N ALA A 177 23.99 43.51 19.46
CA ALA A 177 22.77 43.94 20.14
C ALA A 177 23.00 45.16 21.01
N ARG A 178 24.11 45.18 21.75
CA ARG A 178 24.44 46.35 22.55
C ARG A 178 24.69 47.56 21.67
N PHE A 179 25.36 47.36 20.53
CA PHE A 179 25.63 48.47 19.62
C PHE A 179 24.35 49.05 19.06
N LEU A 180 23.35 48.21 18.77
CA LEU A 180 22.09 48.70 18.22
C LEU A 180 21.21 49.35 19.27
N SER A 181 21.37 48.98 20.53
CA SER A 181 20.45 49.43 21.58
C SER A 181 20.28 50.94 21.64
N PRO A 182 21.34 51.76 21.60
CA PRO A 182 21.13 53.21 21.71
C PRO A 182 20.19 53.77 20.66
N GLY A 183 20.30 53.31 19.41
CA GLY A 183 19.41 53.78 18.37
C GLY A 183 17.97 53.39 18.63
N GLN A 184 17.75 52.18 19.13
CA GLN A 184 16.40 51.75 19.47
C GLN A 184 15.80 52.62 20.58
N ARG A 185 16.61 52.95 21.58
CA ARG A 185 16.11 53.82 22.65
C ARG A 185 15.74 55.19 22.10
N LEU A 186 16.58 55.75 21.22
CA LEU A 186 16.28 57.06 20.64
C LEU A 186 14.99 57.02 19.82
N LEU A 187 14.82 55.97 19.02
CA LEU A 187 13.60 55.84 18.23
C LEU A 187 12.38 55.70 19.13
N ASP A 188 12.50 54.93 20.21
CA ASP A 188 11.39 54.79 21.14
C ASP A 188 11.03 56.13 21.77
N SER A 189 12.04 56.95 22.08
CA SER A 189 11.78 58.24 22.70
C SER A 189 11.00 59.16 21.75
N HIS A 190 11.37 59.18 20.48
CA HIS A 190 10.75 60.06 19.50
C HIS A 190 9.60 59.40 18.75
N TRP A 191 9.27 58.15 19.05
CA TRP A 191 8.25 57.45 18.29
C TRP A 191 6.87 58.04 18.48
N PHE A 192 6.60 58.65 19.65
CA PHE A 192 5.25 59.14 19.93
C PHE A 192 4.80 60.15 18.89
N TRP A 193 5.72 60.93 18.34
CA TRP A 193 5.40 61.88 17.28
C TRP A 193 5.85 61.41 15.90
N LEU A 194 6.89 60.57 15.83
CA LEU A 194 7.40 60.14 14.54
C LEU A 194 6.50 59.09 13.88
N LYS A 195 5.61 58.45 14.64
CA LYS A 195 4.74 57.44 14.06
C LYS A 195 3.79 58.05 13.04
N TRP A 196 3.25 59.23 13.32
CA TRP A 196 2.33 59.88 12.39
C TRP A 196 3.03 60.21 11.08
N VAL A 197 4.28 60.68 11.16
CA VAL A 197 5.01 61.02 9.94
C VAL A 197 5.21 59.79 9.07
N ILE A 198 5.66 58.69 9.70
CA ILE A 198 5.92 57.47 8.94
C ILE A 198 4.64 56.93 8.32
N TRP A 199 3.56 56.90 9.11
CA TRP A 199 2.29 56.40 8.58
C TRP A 199 1.78 57.27 7.45
N GLY A 200 1.88 58.60 7.61
CA GLY A 200 1.44 59.49 6.55
C GLY A 200 2.22 59.30 5.26
N CYS A 201 3.53 59.12 5.37
CA CYS A 201 4.34 58.89 4.18
C CYS A 201 3.94 57.60 3.49
N LEU A 202 3.70 56.53 4.25
CA LEU A 202 3.30 55.27 3.66
C LEU A 202 1.95 55.39 2.96
N ILE A 203 1.00 56.09 3.59
CA ILE A 203 -0.30 56.28 2.95
C ILE A 203 -0.16 57.09 1.68
N LEU A 204 0.66 58.15 1.73
CA LEU A 204 0.88 58.96 0.53
C LEU A 204 1.51 58.12 -0.58
N GLY A 205 2.47 57.26 -0.23
CA GLY A 205 3.09 56.41 -1.24
C GLY A 205 2.09 55.49 -1.89
N VAL A 206 1.19 54.90 -1.10
CA VAL A 206 0.17 54.02 -1.65
C VAL A 206 -0.72 54.78 -2.61
N ILE A 207 -1.15 55.98 -2.23
CA ILE A 207 -2.00 56.79 -3.09
C ILE A 207 -1.29 57.10 -4.40
N LEU A 208 -0.02 57.50 -4.32
CA LEU A 208 0.71 57.86 -5.53
C LEU A 208 0.86 56.67 -6.46
N TRP A 209 1.13 55.48 -5.89
CA TRP A 209 1.27 54.29 -6.72
C TRP A 209 -0.03 53.98 -7.46
N LEU A 210 -1.15 54.06 -6.76
CA LEU A 210 -2.45 53.81 -7.39
C LEU A 210 -2.69 54.78 -8.53
N VAL A 211 -2.46 56.08 -8.29
CA VAL A 211 -2.79 57.10 -9.28
C VAL A 211 -1.93 56.94 -10.53
N PHE A 212 -0.63 56.73 -10.35
CA PHE A 212 0.31 56.81 -11.47
C PHE A 212 0.64 55.46 -12.10
N ASP A 213 0.32 54.35 -11.44
CA ASP A 213 0.54 53.04 -12.03
C ASP A 213 -0.75 52.25 -12.21
N THR A 214 -1.55 52.09 -11.15
CA THR A 214 -2.74 51.26 -11.24
C THR A 214 -3.76 51.87 -12.21
N ALA A 215 -4.00 53.17 -12.11
CA ALA A 215 -4.96 53.81 -13.01
C ALA A 215 -4.49 53.71 -14.45
N LYS A 216 -3.20 53.89 -14.69
CA LYS A 216 -2.68 53.75 -16.05
C LYS A 216 -2.89 52.34 -16.58
N LEU A 217 -2.67 51.33 -15.73
CA LEU A 217 -2.81 49.95 -16.17
C LEU A 217 -4.24 49.65 -16.60
N GLY A 218 -5.22 50.10 -15.83
CA GLY A 218 -6.60 49.98 -16.23
C GLY A 218 -7.52 49.80 -15.03
N GLN A 219 -8.80 49.63 -15.35
CA GLN A 219 -9.84 49.48 -14.33
C GLN A 219 -9.67 48.20 -13.54
N GLN A 220 -9.31 47.10 -14.20
CA GLN A 220 -9.29 45.80 -13.54
C GLN A 220 -8.33 45.80 -12.36
N GLN A 221 -7.20 46.49 -12.50
CA GLN A 221 -6.23 46.54 -11.41
C GLN A 221 -6.79 47.28 -10.20
N LEU A 222 -7.52 48.37 -10.45
CA LEU A 222 -8.18 49.06 -9.34
C LEU A 222 -9.19 48.15 -8.65
N VAL A 223 -9.91 47.33 -9.43
CA VAL A 223 -10.85 46.39 -8.84
C VAL A 223 -10.13 45.38 -7.97
N SER A 224 -8.93 44.97 -8.39
CA SER A 224 -8.13 44.07 -7.57
C SER A 224 -7.81 44.68 -6.22
N PHE A 225 -7.41 45.96 -6.22
CA PHE A 225 -7.14 46.65 -4.97
C PHE A 225 -8.40 46.74 -4.11
N GLY A 226 -9.54 47.04 -4.73
CA GLY A 226 -10.78 47.07 -3.98
C GLY A 226 -11.14 45.73 -3.37
N GLY A 227 -10.93 44.66 -4.13
CA GLY A 227 -11.17 43.33 -3.58
C GLY A 227 -10.26 43.02 -2.42
N LEU A 228 -9.01 43.47 -2.47
CA LEU A 228 -8.09 43.28 -1.36
C LEU A 228 -8.63 43.94 -0.10
N ILE A 229 -9.14 45.16 -0.23
CA ILE A 229 -9.75 45.84 0.90
C ILE A 229 -10.98 45.08 1.38
N ILE A 230 -11.82 44.63 0.45
CA ILE A 230 -13.08 44.01 0.82
C ILE A 230 -12.84 42.70 1.55
N TYR A 231 -11.91 41.87 1.07
CA TYR A 231 -11.63 40.61 1.75
C TYR A 231 -11.13 40.86 3.16
N THR A 232 -10.27 41.87 3.34
CA THR A 232 -9.77 42.18 4.67
C THR A 232 -10.91 42.67 5.57
N SER A 233 -11.80 43.50 5.03
CA SER A 233 -12.93 43.99 5.83
C SER A 233 -13.84 42.84 6.26
N LEU A 234 -14.13 41.91 5.34
CA LEU A 234 -14.99 40.79 5.69
C LEU A 234 -14.37 39.93 6.78
N THR A 235 -13.06 39.69 6.69
CA THR A 235 -12.38 38.93 7.74
C THR A 235 -12.48 39.65 9.08
N PHE A 236 -12.49 40.99 9.07
CA PHE A 236 -12.61 41.74 10.31
C PHE A 236 -14.00 41.62 10.91
N LEU A 237 -15.04 41.72 10.08
CA LEU A 237 -16.41 41.65 10.59
C LEU A 237 -16.69 40.31 11.25
N PHE A 238 -16.29 39.22 10.60
CA PHE A 238 -16.55 37.87 11.10
C PHE A 238 -15.42 37.35 11.98
N SER A 239 -14.65 38.24 12.59
CA SER A 239 -13.52 37.82 13.41
C SER A 239 -14.01 37.21 14.72
N LYS A 240 -13.14 36.38 15.31
CA LYS A 240 -13.46 35.76 16.59
C LYS A 240 -13.53 36.79 17.71
N HIS A 241 -12.53 37.67 17.78
CA HIS A 241 -12.46 38.73 18.78
C HIS A 241 -12.22 40.05 18.05
N PRO A 242 -13.25 40.63 17.44
CA PRO A 242 -13.04 41.86 16.66
C PRO A 242 -12.43 42.99 17.46
N THR A 243 -12.77 43.11 18.75
CA THR A 243 -12.23 44.18 19.57
C THR A 243 -10.74 43.99 19.83
N LYS A 244 -10.32 42.74 20.05
CA LYS A 244 -8.94 42.43 20.44
C LYS A 244 -8.10 42.08 19.21
N VAL A 245 -7.95 43.04 18.32
CA VAL A 245 -7.20 42.86 17.08
C VAL A 245 -5.90 43.65 17.17
N TYR A 246 -4.79 42.98 16.87
CA TYR A 246 -3.47 43.59 16.82
C TYR A 246 -3.14 43.81 15.35
N TRP A 247 -3.14 45.08 14.93
CA TRP A 247 -3.10 45.42 13.51
C TRP A 247 -1.70 45.43 12.91
N ARG A 248 -0.66 45.34 13.72
CA ARG A 248 0.70 45.32 13.17
C ARG A 248 0.92 44.16 12.22
N PRO A 249 0.64 42.91 12.59
CA PRO A 249 0.88 41.81 11.65
C PRO A 249 0.08 41.92 10.36
N VAL A 250 -1.15 42.44 10.42
CA VAL A 250 -1.99 42.51 9.22
C VAL A 250 -1.36 43.41 8.18
N PHE A 251 -0.99 44.63 8.59
CA PHE A 251 -0.42 45.58 7.64
C PHE A 251 0.94 45.12 7.15
N TRP A 252 1.78 44.57 8.05
CA TRP A 252 3.09 44.11 7.64
C TRP A 252 3.00 42.95 6.66
N GLY A 253 2.08 42.02 6.89
CA GLY A 253 1.93 40.90 5.99
C GLY A 253 1.52 41.32 4.60
N ILE A 254 0.56 42.25 4.50
CA ILE A 254 0.16 42.78 3.21
C ILE A 254 1.30 43.55 2.57
N GLY A 255 2.02 44.34 3.36
CA GLY A 255 3.13 45.10 2.81
C GLY A 255 4.24 44.20 2.27
N LEU A 256 4.54 43.12 3.00
CA LEU A 256 5.58 42.20 2.52
C LEU A 256 5.17 41.55 1.21
N GLN A 257 3.89 41.19 1.07
CA GLN A 257 3.41 40.66 -0.20
C GLN A 257 3.56 41.68 -1.32
N PHE A 258 3.22 42.94 -1.03
CA PHE A 258 3.33 43.97 -2.05
C PHE A 258 4.78 44.17 -2.48
N LEU A 259 5.70 44.18 -1.53
CA LEU A 259 7.11 44.34 -1.87
C LEU A 259 7.62 43.14 -2.67
N LEU A 260 7.26 41.93 -2.27
CA LEU A 260 7.68 40.75 -3.01
C LEU A 260 7.13 40.77 -4.44
N GLY A 261 5.87 41.16 -4.60
CA GLY A 261 5.31 41.27 -5.94
C GLY A 261 6.02 42.30 -6.79
N LEU A 262 6.35 43.45 -6.19
CA LEU A 262 7.07 44.48 -6.93
C LEU A 262 8.43 43.99 -7.39
N LEU A 263 9.16 43.32 -6.50
CA LEU A 263 10.52 42.88 -6.84
C LEU A 263 10.51 41.75 -7.86
N ILE A 264 9.50 40.87 -7.81
CA ILE A 264 9.49 39.69 -8.67
C ILE A 264 8.74 39.91 -9.98
N LEU A 265 7.80 40.85 -10.02
CA LEU A 265 6.98 41.07 -11.21
C LEU A 265 7.34 42.31 -11.97
N ARG A 266 7.74 43.39 -11.30
CA ARG A 266 7.96 44.69 -11.93
C ARG A 266 9.42 45.09 -11.95
N THR A 267 10.34 44.15 -11.83
CA THR A 267 11.77 44.44 -11.91
C THR A 267 12.45 43.36 -12.74
N GLU A 268 13.34 43.79 -13.63
CA GLU A 268 14.07 42.84 -14.46
C GLU A 268 14.89 41.85 -13.62
N PRO A 269 15.62 42.27 -12.58
CA PRO A 269 16.38 41.27 -11.81
C PRO A 269 15.51 40.18 -11.21
N GLY A 270 14.48 40.55 -10.45
CA GLY A 270 13.64 39.54 -9.83
C GLY A 270 12.90 38.69 -10.84
N PHE A 271 12.42 39.31 -11.91
CA PHE A 271 11.73 38.56 -12.97
C PHE A 271 12.67 37.52 -13.59
N MET A 272 13.91 37.93 -13.87
CA MET A 272 14.88 36.98 -14.42
C MET A 272 15.21 35.89 -13.42
N ALA A 273 15.38 36.26 -12.14
CA ALA A 273 15.78 35.29 -11.14
C ALA A 273 14.77 34.16 -11.02
N PHE A 274 13.48 34.50 -10.93
CA PHE A 274 12.46 33.48 -10.75
C PHE A 274 12.17 32.73 -12.05
N ASP A 275 12.33 33.38 -13.20
CA ASP A 275 12.24 32.65 -14.46
C ASP A 275 13.36 31.63 -14.56
N TRP A 276 14.58 32.01 -14.16
CA TRP A 276 15.68 31.05 -14.12
C TRP A 276 15.40 29.94 -13.11
N LEU A 277 14.89 30.32 -11.93
CA LEU A 277 14.60 29.32 -10.91
C LEU A 277 13.55 28.33 -11.39
N GLY A 278 12.52 28.81 -12.07
CA GLY A 278 11.50 27.92 -12.59
C GLY A 278 12.03 26.96 -13.64
N LYS A 279 12.93 27.46 -14.51
CA LYS A 279 13.47 26.62 -15.56
C LYS A 279 14.33 25.50 -14.99
N GLN A 280 15.05 25.77 -13.90
CA GLN A 280 15.86 24.73 -13.27
C GLN A 280 14.97 23.60 -12.75
N VAL A 281 13.83 23.94 -12.15
CA VAL A 281 12.91 22.91 -11.68
C VAL A 281 12.40 22.09 -12.85
N GLN A 282 12.12 22.74 -13.99
CA GLN A 282 11.65 22.02 -15.16
C GLN A 282 12.70 21.04 -15.65
N THR A 283 13.97 21.44 -15.61
CA THR A 283 15.04 20.51 -15.93
C THR A 283 15.15 19.39 -14.90
N PHE A 284 14.95 19.72 -13.63
CA PHE A 284 15.14 18.75 -12.56
C PHE A 284 14.10 17.64 -12.61
N LEU A 285 12.88 17.94 -13.03
CA LEU A 285 11.83 16.92 -13.05
C LEU A 285 11.96 15.94 -14.20
N GLY A 286 12.87 16.20 -15.15
CA GLY A 286 13.08 15.27 -16.25
C GLY A 286 13.95 14.09 -15.91
N TYR A 287 14.64 14.13 -14.76
CA TYR A 287 15.52 13.03 -14.38
C TYR A 287 14.73 11.79 -13.98
N SER A 288 13.50 11.96 -13.48
CA SER A 288 12.70 10.82 -13.06
C SER A 288 12.36 9.90 -14.22
N ASP A 289 12.47 10.37 -15.46
CA ASP A 289 12.16 9.53 -16.61
C ASP A 289 13.07 8.32 -16.69
N ALA A 290 14.29 8.43 -16.16
CA ALA A 290 15.21 7.31 -16.19
C ALA A 290 14.67 6.12 -15.39
N GLY A 291 14.16 6.40 -14.18
CA GLY A 291 13.58 5.33 -13.38
C GLY A 291 12.25 4.85 -13.92
N ALA A 292 11.42 5.78 -14.41
CA ALA A 292 10.12 5.40 -14.96
C ALA A 292 10.29 4.50 -16.19
N SER A 293 11.29 4.80 -17.01
CA SER A 293 11.50 4.00 -18.23
C SER A 293 11.85 2.57 -17.90
N PHE A 294 12.68 2.35 -16.88
CA PHE A 294 13.08 0.99 -16.53
C PHE A 294 11.92 0.22 -15.90
N VAL A 295 11.29 0.80 -14.87
CA VAL A 295 10.24 0.10 -14.14
C VAL A 295 9.04 -0.17 -15.05
N PHE A 296 8.62 0.84 -15.81
CA PHE A 296 7.43 0.74 -16.63
C PHE A 296 7.73 0.58 -18.11
N GLY A 297 9.00 0.45 -18.48
CA GLY A 297 9.37 0.22 -19.86
C GLY A 297 9.40 1.50 -20.68
N GLU A 298 9.78 1.32 -21.96
CA GLU A 298 9.80 2.43 -22.90
C GLU A 298 8.41 2.86 -23.33
N LYS A 299 7.38 2.09 -23.00
CA LYS A 299 5.99 2.45 -23.27
C LYS A 299 5.34 3.13 -22.09
N TYR A 300 6.12 3.63 -21.14
CA TYR A 300 5.55 4.29 -19.97
C TYR A 300 4.77 5.54 -20.33
N THR A 301 4.96 6.07 -21.54
CA THR A 301 4.21 7.23 -21.99
C THR A 301 2.81 6.87 -22.48
N ASP A 302 2.52 5.58 -22.66
CA ASP A 302 1.16 5.18 -22.99
C ASP A 302 0.20 5.53 -21.85
N HIS A 303 0.71 5.58 -20.63
CA HIS A 303 -0.06 5.97 -19.44
C HIS A 303 0.70 7.13 -18.81
N PHE A 304 0.37 8.34 -19.26
CA PHE A 304 1.15 9.51 -18.89
C PHE A 304 1.14 9.75 -17.39
N PHE A 305 -0.04 10.03 -16.83
CA PHE A 305 -0.14 10.47 -15.44
C PHE A 305 0.47 9.45 -14.49
N ALA A 306 0.02 8.20 -14.58
CA ALA A 306 0.42 7.19 -13.60
C ALA A 306 1.90 6.87 -13.70
N PHE A 307 2.41 6.67 -14.91
CA PHE A 307 3.75 6.15 -15.11
C PHE A 307 4.80 7.22 -15.38
N LYS A 308 4.40 8.49 -15.51
CA LYS A 308 5.38 9.55 -15.72
C LYS A 308 5.30 10.65 -14.67
N VAL A 309 4.08 11.05 -14.30
CA VAL A 309 3.92 12.16 -13.38
C VAL A 309 4.17 11.74 -11.94
N LEU A 310 3.54 10.64 -11.51
CA LEU A 310 3.73 10.20 -10.13
C LEU A 310 5.19 9.93 -9.79
N PRO A 311 6.00 9.32 -10.65
CA PRO A 311 7.44 9.21 -10.37
C PRO A 311 8.10 10.54 -10.06
N ILE A 312 7.62 11.64 -10.66
CA ILE A 312 8.15 12.95 -10.31
C ILE A 312 7.89 13.25 -8.84
N VAL A 313 6.70 12.92 -8.36
CA VAL A 313 6.39 13.10 -6.94
C VAL A 313 7.33 12.27 -6.09
N ILE A 314 7.59 11.03 -6.50
CA ILE A 314 8.49 10.16 -5.76
C ILE A 314 9.89 10.77 -5.71
N PHE A 315 10.38 11.25 -6.86
CA PHE A 315 11.74 11.78 -6.92
C PHE A 315 11.87 13.03 -6.06
N PHE A 316 10.90 13.93 -6.11
CA PHE A 316 10.97 15.15 -5.32
C PHE A 316 10.90 14.85 -3.83
N SER A 317 10.05 13.91 -3.42
CA SER A 317 9.99 13.54 -2.01
C SER A 317 11.33 13.01 -1.54
N THR A 318 11.99 12.21 -2.36
CA THR A 318 13.31 11.70 -2.02
C THR A 318 14.29 12.85 -1.82
N VAL A 319 14.31 13.80 -2.75
CA VAL A 319 15.26 14.91 -2.66
C VAL A 319 14.97 15.77 -1.43
N MET A 320 13.69 15.99 -1.12
CA MET A 320 13.35 16.80 0.04
C MET A 320 13.87 16.16 1.33
N SER A 321 13.74 14.84 1.44
CA SER A 321 14.27 14.14 2.62
C SER A 321 15.77 14.29 2.71
N MET A 322 16.47 14.18 1.58
CA MET A 322 17.92 14.33 1.57
C MET A 322 18.33 15.73 2.01
N LEU A 323 17.62 16.75 1.53
CA LEU A 323 17.91 18.11 1.94
C LEU A 323 17.65 18.31 3.43
N TYR A 324 16.57 17.72 3.94
CA TYR A 324 16.27 17.83 5.36
C TYR A 324 17.39 17.20 6.20
N TYR A 325 17.92 16.07 5.75
CA TYR A 325 19.03 15.44 6.45
C TYR A 325 20.25 16.34 6.48
N LEU A 326 20.57 16.97 5.34
CA LEU A 326 21.73 17.85 5.29
C LEU A 326 21.54 19.10 6.13
N GLY A 327 20.32 19.61 6.23
CA GLY A 327 20.03 20.77 7.05
C GLY A 327 19.84 22.06 6.29
N LEU A 328 19.85 22.03 4.96
CA LEU A 328 19.62 23.25 4.18
C LEU A 328 18.20 23.75 4.37
N MET A 329 17.22 22.85 4.42
CA MET A 329 15.83 23.26 4.54
C MET A 329 15.61 24.06 5.82
N GLN A 330 16.16 23.58 6.93
CA GLN A 330 16.04 24.32 8.19
C GLN A 330 16.76 25.66 8.09
N TRP A 331 17.91 25.69 7.42
CA TRP A 331 18.68 26.92 7.30
C TRP A 331 17.85 28.01 6.63
N ILE A 332 17.17 27.68 5.54
CA ILE A 332 16.34 28.66 4.86
C ILE A 332 15.13 29.02 5.71
N ILE A 333 14.54 28.02 6.37
CA ILE A 333 13.34 28.26 7.15
C ILE A 333 13.62 29.26 8.27
N ARG A 334 14.74 29.08 8.96
CA ARG A 334 15.09 30.01 10.03
C ARG A 334 15.31 31.43 9.49
N LYS A 335 15.97 31.55 8.34
CA LYS A 335 16.24 32.86 7.77
C LYS A 335 14.95 33.58 7.44
N VAL A 336 13.99 32.88 6.84
CA VAL A 336 12.72 33.50 6.49
C VAL A 336 11.88 33.77 7.72
N GLY A 337 11.84 32.82 8.66
CA GLY A 337 11.03 33.00 9.85
C GLY A 337 11.45 34.19 10.68
N TRP A 338 12.76 34.47 10.73
CA TRP A 338 13.24 35.63 11.47
C TRP A 338 12.70 36.92 10.90
N VAL A 339 12.67 37.03 9.56
CA VAL A 339 12.17 38.24 8.92
C VAL A 339 10.70 38.46 9.27
N MET A 340 9.89 37.41 9.15
CA MET A 340 8.48 37.55 9.47
C MET A 340 8.28 37.85 10.96
N LEU A 341 9.08 37.23 11.82
CA LEU A 341 8.95 37.47 13.25
C LEU A 341 9.31 38.91 13.61
N VAL A 342 10.40 39.42 13.04
CA VAL A 342 10.88 40.74 13.40
C VAL A 342 9.92 41.82 12.89
N THR A 343 9.47 41.70 11.65
CA THR A 343 8.63 42.73 11.06
C THR A 343 7.21 42.66 11.57
N MET A 344 6.63 41.47 11.60
CA MET A 344 5.21 41.31 11.91
C MET A 344 4.94 41.19 13.40
N GLY A 345 5.88 40.62 14.17
CA GLY A 345 5.68 40.48 15.59
C GLY A 345 4.93 39.24 16.00
N THR A 346 4.95 38.19 15.19
CA THR A 346 4.24 36.97 15.50
C THR A 346 5.06 36.09 16.45
N SER A 347 4.43 35.04 16.95
CA SER A 347 5.11 34.11 17.83
C SER A 347 6.13 33.29 17.04
N PRO A 348 7.23 32.87 17.67
CA PRO A 348 8.22 32.07 16.94
C PRO A 348 7.65 30.78 16.36
N VAL A 349 6.74 30.12 17.07
CA VAL A 349 6.24 28.83 16.62
C VAL A 349 5.50 28.97 15.30
N GLU A 350 4.55 29.91 15.23
CA GLU A 350 3.78 30.10 14.02
C GLU A 350 4.63 30.65 12.88
N SER A 351 5.60 31.50 13.19
CA SER A 351 6.50 32.01 12.16
C SER A 351 7.31 30.89 11.52
N VAL A 352 7.83 29.98 12.34
CA VAL A 352 8.63 28.88 11.81
C VAL A 352 7.75 27.96 10.95
N VAL A 353 6.55 27.65 11.43
CA VAL A 353 5.66 26.75 10.68
C VAL A 353 5.25 27.38 9.36
N ALA A 354 4.93 28.68 9.37
CA ALA A 354 4.54 29.36 8.15
C ALA A 354 5.68 29.35 7.13
N SER A 355 6.90 29.62 7.59
CA SER A 355 8.06 29.58 6.69
C SER A 355 8.31 28.17 6.18
N GLY A 356 8.05 27.15 7.00
CA GLY A 356 8.30 25.79 6.59
C GLY A 356 7.23 25.21 5.69
N ASN A 357 6.00 25.73 5.78
CA ASN A 357 4.93 25.27 4.92
C ASN A 357 5.09 25.70 3.48
N ILE A 358 6.03 26.61 3.19
CA ILE A 358 6.34 26.95 1.81
C ILE A 358 6.85 25.72 1.06
N PHE A 359 7.64 24.88 1.75
CA PHE A 359 8.27 23.73 1.13
C PHE A 359 7.63 22.41 1.53
N ILE A 360 6.88 22.36 2.62
CA ILE A 360 6.42 21.11 3.21
C ILE A 360 4.89 21.11 3.24
N GLY A 361 4.32 19.92 3.28
CA GLY A 361 2.89 19.75 3.29
C GLY A 361 2.27 20.11 4.63
N GLN A 362 0.93 20.18 4.61
CA GLN A 362 0.19 20.57 5.81
C GLN A 362 0.35 19.57 6.94
N THR A 363 0.55 18.30 6.60
CA THR A 363 0.59 17.24 7.61
C THR A 363 1.99 16.97 8.15
N GLU A 364 3.04 17.48 7.51
CA GLU A 364 4.41 17.25 7.96
C GLU A 364 5.11 18.51 8.41
N SER A 365 4.48 19.67 8.28
CA SER A 365 5.10 20.92 8.71
C SER A 365 5.05 21.06 10.23
N PRO A 366 3.95 20.69 10.87
CA PRO A 366 3.91 20.76 12.34
C PRO A 366 4.96 19.91 13.02
N LEU A 367 5.46 18.87 12.35
CA LEU A 367 6.50 18.04 12.94
C LEU A 367 7.76 18.84 13.22
N LEU A 368 7.93 19.99 12.57
CA LEU A 368 9.05 20.87 12.89
C LEU A 368 8.99 21.32 14.34
N VAL A 369 7.79 21.44 14.90
CA VAL A 369 7.64 21.70 16.33
C VAL A 369 6.67 20.67 16.90
N ARG A 370 7.20 19.53 17.32
CA ARG A 370 6.36 18.47 17.88
C ARG A 370 6.24 18.61 19.39
N PRO A 371 7.34 18.76 20.12
CA PRO A 371 7.25 18.76 21.59
C PRO A 371 6.38 19.89 22.14
N TYR A 372 6.35 21.04 21.47
CA TYR A 372 5.72 22.23 22.02
C TYR A 372 4.27 22.39 21.59
N LEU A 373 3.73 21.46 20.81
CA LEU A 373 2.34 21.57 20.39
C LEU A 373 1.37 21.61 21.56
N PRO A 374 1.50 20.79 22.61
CA PRO A 374 0.53 20.84 23.71
C PRO A 374 0.47 22.19 24.41
N TYR A 375 1.52 23.00 24.32
CA TYR A 375 1.63 24.23 25.07
C TYR A 375 1.31 25.47 24.24
N VAL A 376 0.93 25.31 22.98
CA VAL A 376 0.60 26.46 22.14
C VAL A 376 -0.80 26.96 22.50
N THR A 377 -1.07 28.21 22.14
CA THR A 377 -2.37 28.81 22.34
C THR A 377 -3.31 28.45 21.20
N LYS A 378 -4.58 28.84 21.37
CA LYS A 378 -5.56 28.61 20.31
C LYS A 378 -5.22 29.38 19.05
N SER A 379 -4.76 30.63 19.22
CA SER A 379 -4.44 31.44 18.06
C SER A 379 -3.29 30.84 17.25
N GLU A 380 -2.25 30.37 17.93
CA GLU A 380 -1.13 29.76 17.23
C GLU A 380 -1.57 28.48 16.51
N LEU A 381 -2.42 27.69 17.16
CA LEU A 381 -2.93 26.48 16.53
C LEU A 381 -3.74 26.81 15.28
N HIS A 382 -4.56 27.87 15.35
CA HIS A 382 -5.29 28.31 14.18
C HIS A 382 -4.35 28.77 13.07
N ALA A 383 -3.29 29.50 13.43
CA ALA A 383 -2.33 29.95 12.43
C ALA A 383 -1.63 28.78 11.77
N ILE A 384 -1.30 27.75 12.54
CA ILE A 384 -0.64 26.57 11.99
C ILE A 384 -1.51 25.92 10.93
N MET A 385 -2.80 25.70 11.24
CA MET A 385 -3.70 25.10 10.27
C MET A 385 -3.93 26.01 9.07
N THR A 386 -4.02 27.32 9.31
CA THR A 386 -4.21 28.26 8.21
C THR A 386 -3.02 28.22 7.24
N ALA A 387 -1.81 28.18 7.79
CA ALA A 387 -0.62 28.12 6.94
C ALA A 387 -0.60 26.84 6.12
N GLY A 388 -1.02 25.72 6.71
CA GLY A 388 -1.07 24.48 5.97
C GLY A 388 -2.06 24.52 4.82
N PHE A 389 -3.20 25.17 5.03
CA PHE A 389 -4.23 25.23 4.01
C PHE A 389 -3.93 26.25 2.92
N SER A 390 -3.03 27.20 3.17
CA SER A 390 -2.76 28.29 2.23
C SER A 390 -1.54 28.04 1.36
N THR A 391 -0.92 26.86 1.45
CA THR A 391 0.29 26.56 0.70
C THR A 391 0.20 25.17 0.12
N ILE A 392 1.18 24.84 -0.73
CA ILE A 392 1.33 23.52 -1.31
C ILE A 392 2.65 22.94 -0.84
N ALA A 393 2.95 21.72 -1.26
CA ALA A 393 4.20 21.05 -0.93
C ALA A 393 5.11 21.03 -2.14
N GLY A 394 6.40 20.85 -1.88
CA GLY A 394 7.38 20.76 -2.95
C GLY A 394 7.35 19.45 -3.70
N SER A 395 6.68 18.43 -3.17
CA SER A 395 6.60 17.14 -3.85
C SER A 395 5.61 17.19 -5.01
N VAL A 396 4.50 17.92 -4.86
CA VAL A 396 3.50 18.01 -5.91
C VAL A 396 3.76 19.16 -6.87
N LEU A 397 4.82 19.94 -6.66
CA LEU A 397 5.10 21.06 -7.54
C LEU A 397 5.40 20.58 -8.96
N GLY A 398 6.16 19.49 -9.10
CA GLY A 398 6.52 19.03 -10.43
C GLY A 398 5.32 18.58 -11.23
N ALA A 399 4.35 17.95 -10.58
CA ALA A 399 3.15 17.50 -11.28
C ALA A 399 2.40 18.67 -11.89
N TYR A 400 2.24 19.75 -11.13
CA TYR A 400 1.56 20.93 -11.64
C TYR A 400 2.31 21.54 -12.81
N ILE A 401 3.64 21.55 -12.74
CA ILE A 401 4.44 22.07 -13.85
C ILE A 401 4.31 21.15 -15.07
N SER A 402 4.26 19.85 -14.84
CA SER A 402 4.11 18.92 -15.96
C SER A 402 2.81 19.15 -16.71
N PHE A 403 1.75 19.52 -15.98
CA PHE A 403 0.48 19.84 -16.64
C PHE A 403 0.65 21.00 -17.61
N GLY A 404 1.41 22.01 -17.23
CA GLY A 404 1.61 23.17 -18.07
C GLY A 404 1.50 24.48 -17.31
N VAL A 405 1.30 24.39 -16.00
CA VAL A 405 1.16 25.59 -15.18
C VAL A 405 2.53 26.25 -15.02
N SER A 406 2.52 27.59 -14.98
CA SER A 406 3.77 28.34 -14.91
C SER A 406 4.52 28.01 -13.62
N SER A 407 5.82 27.73 -13.78
CA SER A 407 6.66 27.46 -12.61
C SER A 407 6.94 28.73 -11.82
N SER A 408 7.22 29.84 -12.52
CA SER A 408 7.55 31.08 -11.83
C SER A 408 6.39 31.55 -10.96
N HIS A 409 5.16 31.49 -11.49
CA HIS A 409 4.01 31.94 -10.71
C HIS A 409 3.76 31.03 -9.51
N LEU A 410 3.96 29.72 -9.67
CA LEU A 410 3.78 28.81 -8.55
C LEU A 410 4.77 29.11 -7.43
N LEU A 411 6.04 29.34 -7.78
CA LEU A 411 7.03 29.69 -6.77
C LEU A 411 6.69 31.02 -6.11
N THR A 412 6.30 32.01 -6.90
CA THR A 412 5.97 33.32 -6.36
C THR A 412 4.77 33.22 -5.42
N ALA A 413 3.75 32.46 -5.81
CA ALA A 413 2.57 32.32 -4.97
C ALA A 413 2.90 31.62 -3.65
N SER A 414 3.72 30.57 -3.71
CA SER A 414 4.08 29.84 -2.50
C SER A 414 4.80 30.76 -1.52
N VAL A 415 5.70 31.61 -2.01
CA VAL A 415 6.43 32.51 -1.14
C VAL A 415 5.48 33.54 -0.54
N MET A 416 4.60 34.12 -1.36
CA MET A 416 3.69 35.17 -0.89
C MET A 416 2.59 34.65 0.02
N SER A 417 2.38 33.33 0.08
CA SER A 417 1.27 32.78 0.83
C SER A 417 1.51 32.78 2.34
N ALA A 418 2.76 32.87 2.79
CA ALA A 418 3.05 32.76 4.21
C ALA A 418 2.66 34.04 4.95
N PRO A 419 3.12 35.22 4.52
CA PRO A 419 2.68 36.44 5.22
C PRO A 419 1.18 36.64 5.19
N ALA A 420 0.53 36.28 4.08
CA ALA A 420 -0.92 36.39 4.00
C ALA A 420 -1.60 35.46 5.00
N ALA A 421 -1.08 34.23 5.13
CA ALA A 421 -1.67 33.27 6.06
C ALA A 421 -1.63 33.79 7.49
N LEU A 422 -0.48 34.33 7.90
CA LEU A 422 -0.35 34.85 9.25
C LEU A 422 -1.21 36.09 9.44
N ALA A 423 -1.24 36.99 8.46
CA ALA A 423 -2.03 38.21 8.58
C ALA A 423 -3.51 37.88 8.72
N ILE A 424 -4.03 37.01 7.86
CA ILE A 424 -5.43 36.65 7.93
C ILE A 424 -5.73 35.88 9.21
N SER A 425 -4.81 35.00 9.62
CA SER A 425 -5.02 34.24 10.84
C SER A 425 -5.11 35.14 12.05
N LYS A 426 -4.21 36.12 12.15
CA LYS A 426 -4.23 37.04 13.29
C LYS A 426 -5.51 37.87 13.29
N LEU A 427 -5.94 38.33 12.12
CA LEU A 427 -7.16 39.12 12.03
C LEU A 427 -8.39 38.26 12.30
N PHE A 428 -8.44 37.07 11.69
CA PHE A 428 -9.59 36.20 11.86
C PHE A 428 -9.67 35.65 13.28
N TRP A 429 -8.53 35.25 13.84
CA TRP A 429 -8.45 34.71 15.19
C TRP A 429 -7.28 35.35 15.90
N PRO A 430 -7.47 36.51 16.52
CA PRO A 430 -6.37 37.19 17.21
C PRO A 430 -6.00 36.50 18.51
N GLU A 431 -4.89 36.96 19.08
CA GLU A 431 -4.33 36.36 20.29
C GLU A 431 -4.90 37.04 21.52
N THR A 432 -5.39 36.23 22.46
CA THR A 432 -5.91 36.74 23.74
C THR A 432 -5.26 36.05 24.93
N GLU A 433 -4.13 35.36 24.71
CA GLU A 433 -3.43 34.63 25.76
C GLU A 433 -1.96 35.00 25.73
N THR A 434 -1.19 34.38 26.62
CA THR A 434 0.25 34.62 26.71
C THR A 434 1.01 33.46 26.10
N PRO A 435 1.78 33.66 25.03
CA PRO A 435 2.54 32.54 24.46
C PRO A 435 3.62 32.06 25.42
N LYS A 436 3.86 30.75 25.39
CA LYS A 436 4.82 30.12 26.29
C LYS A 436 6.14 29.77 25.62
N ILE A 437 6.10 29.37 24.35
CA ILE A 437 7.31 28.91 23.67
C ILE A 437 8.16 30.12 23.28
N ASN A 438 9.48 29.93 23.30
CA ASN A 438 10.44 30.98 23.02
C ASN A 438 11.12 30.72 21.67
N LEU A 439 12.01 31.64 21.30
CA LEU A 439 12.62 31.59 19.98
C LEU A 439 13.57 30.41 19.84
N LYS A 440 14.45 30.21 20.83
CA LYS A 440 15.44 29.16 20.72
C LYS A 440 14.79 27.78 20.61
N ASN A 441 13.74 27.55 21.40
CA ASN A 441 13.05 26.27 21.35
C ASN A 441 12.37 26.05 20.00
N ALA A 442 11.76 27.09 19.45
CA ALA A 442 11.07 26.95 18.17
C ALA A 442 12.06 26.72 17.03
N MET A 443 13.16 27.48 17.02
CA MET A 443 14.09 27.41 15.89
C MET A 443 14.78 26.04 15.81
N LYS A 444 15.11 25.45 16.95
CA LYS A 444 15.72 24.13 16.93
C LYS A 444 14.72 23.14 16.36
N MET A 445 15.08 22.51 15.25
CA MET A 445 14.23 21.55 14.56
C MET A 445 14.95 20.22 14.51
N GLU A 446 14.30 19.17 15.01
CA GLU A 446 14.93 17.87 15.16
C GLU A 446 14.93 17.13 13.83
N SER A 447 16.12 16.87 13.30
CA SER A 447 16.24 16.09 12.09
C SER A 447 15.82 14.65 12.35
N GLY A 448 15.51 13.94 11.27
CA GLY A 448 15.00 12.59 11.37
C GLY A 448 16.08 11.59 11.77
N ASP A 449 15.64 10.35 11.98
CA ASP A 449 16.53 9.27 12.39
C ASP A 449 17.11 8.60 11.14
N SER A 450 18.02 9.32 10.50
CA SER A 450 18.72 8.85 9.32
C SER A 450 20.22 8.90 9.59
N ARG A 451 20.88 7.74 9.48
CA ARG A 451 22.31 7.68 9.77
C ARG A 451 23.14 8.29 8.65
N ASN A 452 22.71 8.13 7.41
CA ASN A 452 23.47 8.62 6.27
C ASN A 452 22.52 9.14 5.20
N LEU A 453 23.10 9.74 4.15
CA LEU A 453 22.31 10.36 3.10
C LEU A 453 21.46 9.33 2.36
N LEU A 454 22.02 8.15 2.09
CA LEU A 454 21.30 7.15 1.32
C LEU A 454 20.11 6.60 2.10
N GLU A 455 20.26 6.43 3.41
CA GLU A 455 19.13 6.01 4.23
C GLU A 455 18.02 7.04 4.19
N ALA A 456 18.38 8.33 4.19
CA ALA A 456 17.38 9.38 4.07
C ALA A 456 16.64 9.28 2.75
N ALA A 457 17.36 8.97 1.67
CA ALA A 457 16.71 8.82 0.36
C ALA A 457 15.70 7.67 0.39
N THR A 458 16.06 6.54 1.00
CA THR A 458 15.15 5.41 1.08
C THR A 458 13.91 5.77 1.89
N GLN A 459 14.10 6.47 3.02
CA GLN A 459 12.97 6.87 3.84
C GLN A 459 12.04 7.80 3.08
N GLY A 460 12.60 8.75 2.35
CA GLY A 460 11.77 9.63 1.54
C GLY A 460 11.01 8.89 0.46
N ALA A 461 11.66 7.91 -0.17
CA ALA A 461 11.00 7.10 -1.19
C ALA A 461 9.82 6.32 -0.60
N SER A 462 10.05 5.67 0.54
CA SER A 462 8.99 4.85 1.14
C SER A 462 7.76 5.69 1.48
N SER A 463 7.99 6.91 2.00
CA SER A 463 6.87 7.75 2.39
C SER A 463 6.00 8.13 1.20
N SER A 464 6.57 8.18 0.00
CA SER A 464 5.84 8.60 -1.18
C SER A 464 4.81 7.57 -1.65
N ILE A 465 4.84 6.35 -1.12
CA ILE A 465 3.94 5.30 -1.59
C ILE A 465 2.50 5.68 -1.28
N SER A 466 2.21 5.98 -0.02
CA SER A 466 0.86 6.36 0.37
C SER A 466 0.43 7.66 -0.31
N LEU A 467 1.39 8.56 -0.54
CA LEU A 467 1.07 9.84 -1.16
C LEU A 467 0.50 9.66 -2.55
N VAL A 468 1.20 8.90 -3.40
CA VAL A 468 0.73 8.72 -4.77
C VAL A 468 -0.52 7.85 -4.81
N ALA A 469 -0.58 6.83 -3.95
CA ALA A 469 -1.75 5.96 -3.94
C ALA A 469 -3.01 6.74 -3.60
N ASN A 470 -2.96 7.57 -2.56
CA ASN A 470 -4.12 8.36 -2.19
C ASN A 470 -4.48 9.35 -3.30
N ILE A 471 -3.48 9.95 -3.94
CA ILE A 471 -3.74 10.89 -5.03
C ILE A 471 -4.51 10.20 -6.15
N ALA A 472 -4.04 9.02 -6.58
CA ALA A 472 -4.65 8.33 -7.71
C ALA A 472 -6.08 7.92 -7.39
N VAL A 473 -6.29 7.32 -6.21
CA VAL A 473 -7.62 6.85 -5.85
C VAL A 473 -8.58 8.01 -5.69
N ASN A 474 -8.14 9.09 -5.05
CA ASN A 474 -9.02 10.25 -4.87
C ASN A 474 -9.42 10.84 -6.21
N LEU A 475 -8.49 10.91 -7.16
CA LEU A 475 -8.83 11.42 -8.48
C LEU A 475 -9.86 10.54 -9.18
N ILE A 476 -9.68 9.23 -9.09
CA ILE A 476 -10.63 8.32 -9.73
C ILE A 476 -12.03 8.53 -9.15
N ALA A 477 -12.13 8.58 -7.83
CA ALA A 477 -13.43 8.74 -7.19
C ALA A 477 -14.06 10.09 -7.53
N PHE A 478 -13.27 11.16 -7.45
CA PHE A 478 -13.83 12.49 -7.67
C PHE A 478 -14.33 12.67 -9.09
N LEU A 479 -13.56 12.24 -10.09
CA LEU A 479 -14.00 12.40 -11.47
C LEU A 479 -15.20 11.51 -11.77
N ALA A 480 -15.24 10.31 -11.18
CA ALA A 480 -16.42 9.47 -11.35
C ALA A 480 -17.66 10.13 -10.75
N LEU A 481 -17.52 10.74 -9.57
CA LEU A 481 -18.64 11.46 -8.97
C LEU A 481 -19.04 12.64 -9.84
N LEU A 482 -18.06 13.35 -10.39
CA LEU A 482 -18.35 14.51 -11.22
C LEU A 482 -19.18 14.11 -12.44
N SER A 483 -18.81 13.00 -13.10
CA SER A 483 -19.56 12.53 -14.25
C SER A 483 -20.99 12.14 -13.85
N PHE A 484 -21.13 11.45 -12.72
CA PHE A 484 -22.46 11.08 -12.24
C PHE A 484 -23.30 12.30 -11.94
N MET A 485 -22.72 13.30 -11.27
CA MET A 485 -23.48 14.50 -10.95
C MET A 485 -23.94 15.23 -12.21
N ASN A 486 -23.05 15.34 -13.20
CA ASN A 486 -23.41 16.04 -14.44
C ASN A 486 -24.53 15.32 -15.17
N SER A 487 -24.47 13.99 -15.23
CA SER A 487 -25.54 13.23 -15.87
C SER A 487 -26.86 13.40 -15.14
N ALA A 488 -26.82 13.37 -13.81
CA ALA A 488 -28.04 13.55 -13.03
C ALA A 488 -28.63 14.93 -13.25
N LEU A 489 -27.79 15.97 -13.26
CA LEU A 489 -28.30 17.32 -13.46
C LEU A 489 -28.87 17.50 -14.86
N SER A 490 -28.24 16.90 -15.86
CA SER A 490 -28.80 16.94 -17.21
C SER A 490 -30.15 16.23 -17.26
N TRP A 491 -30.26 15.10 -16.56
CA TRP A 491 -31.53 14.41 -16.47
C TRP A 491 -32.59 15.28 -15.81
N LEU A 492 -32.22 15.98 -14.73
CA LEU A 492 -33.15 16.87 -14.05
C LEU A 492 -33.43 18.12 -14.87
N GLY A 493 -32.42 18.63 -15.58
CA GLY A 493 -32.59 19.84 -16.35
C GLY A 493 -33.42 19.68 -17.60
N ASN A 494 -33.54 18.45 -18.11
CA ASN A 494 -34.32 18.21 -19.32
C ASN A 494 -35.81 18.41 -19.06
N MET A 495 -36.27 18.29 -17.82
CA MET A 495 -37.68 18.49 -17.53
C MET A 495 -38.11 19.89 -17.96
N PHE A 496 -37.26 20.89 -17.72
CA PHE A 496 -37.54 22.26 -18.10
C PHE A 496 -36.95 22.63 -19.46
N ASP A 497 -36.69 21.64 -20.31
CA ASP A 497 -36.13 21.86 -21.64
C ASP A 497 -34.78 22.57 -21.58
N TYR A 498 -34.02 22.32 -20.50
CA TYR A 498 -32.67 22.87 -20.33
C TYR A 498 -31.74 21.73 -19.95
N PRO A 499 -31.31 20.93 -20.93
CA PRO A 499 -30.46 19.77 -20.63
C PRO A 499 -28.98 20.09 -20.46
N GLN A 500 -28.59 21.36 -20.45
CA GLN A 500 -27.19 21.75 -20.32
C GLN A 500 -26.80 22.04 -18.87
N LEU A 501 -27.71 21.87 -17.92
CA LEU A 501 -27.38 22.11 -16.52
C LEU A 501 -26.23 21.21 -16.10
N SER A 502 -25.29 21.77 -15.37
CA SER A 502 -24.10 21.02 -14.98
C SER A 502 -23.46 21.66 -13.76
N PHE A 503 -22.56 20.90 -13.15
CA PHE A 503 -21.78 21.41 -12.02
C PHE A 503 -21.01 22.65 -12.40
N GLU A 504 -20.48 22.69 -13.64
CA GLU A 504 -19.73 23.86 -14.08
C GLU A 504 -20.61 25.10 -14.16
N VAL A 505 -21.82 24.97 -14.71
CA VAL A 505 -22.68 26.13 -14.88
C VAL A 505 -23.03 26.74 -13.53
N ILE A 506 -23.40 25.90 -12.57
CA ILE A 506 -23.79 26.40 -11.25
C ILE A 506 -22.62 27.11 -10.59
N CYS A 507 -21.43 26.51 -10.64
CA CYS A 507 -20.26 27.12 -10.03
C CYS A 507 -19.90 28.44 -10.71
N SER A 508 -20.06 28.50 -12.03
CA SER A 508 -19.73 29.73 -12.75
C SER A 508 -20.59 30.90 -12.27
N TYR A 509 -21.88 30.64 -12.04
CA TYR A 509 -22.80 31.68 -11.59
C TYR A 509 -22.75 31.93 -10.09
N VAL A 510 -22.07 31.07 -9.33
CA VAL A 510 -22.00 31.20 -7.88
C VAL A 510 -20.72 31.89 -7.44
N PHE A 511 -19.57 31.40 -7.91
CA PHE A 511 -18.27 31.93 -7.49
C PHE A 511 -17.80 33.09 -8.36
N MET A 512 -18.68 33.65 -9.18
CA MET A 512 -18.28 34.77 -10.03
C MET A 512 -17.86 35.99 -9.22
N PRO A 513 -18.59 36.43 -8.19
CA PRO A 513 -18.15 37.63 -7.46
C PRO A 513 -16.76 37.51 -6.87
N PHE A 514 -16.39 36.33 -6.38
CA PHE A 514 -15.06 36.17 -5.81
C PHE A 514 -13.97 36.38 -6.84
N ALA A 515 -14.21 35.97 -8.09
CA ALA A 515 -13.23 36.18 -9.14
C ALA A 515 -13.21 37.61 -9.64
N PHE A 516 -14.37 38.26 -9.69
CA PHE A 516 -14.42 39.66 -10.13
C PHE A 516 -13.68 40.56 -9.16
N MET A 517 -13.80 40.31 -7.86
CA MET A 517 -13.08 41.10 -6.87
C MET A 517 -11.58 40.93 -7.02
N MET A 518 -11.12 39.77 -7.49
CA MET A 518 -9.69 39.56 -7.70
C MET A 518 -9.16 40.27 -8.93
N GLY A 519 -10.03 40.88 -9.74
CA GLY A 519 -9.61 41.65 -10.89
C GLY A 519 -9.79 41.00 -12.23
N VAL A 520 -10.43 39.84 -12.29
CA VAL A 520 -10.69 39.19 -13.57
C VAL A 520 -11.80 39.92 -14.29
N ASP A 521 -11.67 40.06 -15.60
CA ASP A 521 -12.68 40.75 -16.39
C ASP A 521 -14.00 39.97 -16.35
N TRP A 522 -15.05 40.64 -16.83
CA TRP A 522 -16.39 40.09 -16.71
C TRP A 522 -16.52 38.75 -17.43
N GLN A 523 -16.00 38.68 -18.66
CA GLN A 523 -16.14 37.45 -19.44
C GLN A 523 -15.40 36.29 -18.80
N ASP A 524 -14.17 36.52 -18.36
CA ASP A 524 -13.34 35.44 -17.83
C ASP A 524 -13.65 35.09 -16.39
N SER A 525 -14.40 35.94 -15.68
CA SER A 525 -14.73 35.65 -14.29
C SER A 525 -15.55 34.38 -14.17
N PHE A 526 -16.48 34.16 -15.12
CA PHE A 526 -17.28 32.94 -15.10
C PHE A 526 -16.43 31.71 -15.34
N MET A 527 -15.36 31.83 -16.13
CA MET A 527 -14.48 30.69 -16.37
C MET A 527 -13.59 30.40 -15.17
N VAL A 528 -13.11 31.44 -14.49
CA VAL A 528 -12.31 31.23 -13.29
C VAL A 528 -13.15 30.63 -12.18
N ALA A 529 -14.43 31.00 -12.12
CA ALA A 529 -15.31 30.49 -11.06
C ALA A 529 -15.41 28.97 -11.11
N LYS A 530 -15.40 28.39 -12.31
CA LYS A 530 -15.43 26.93 -12.41
C LYS A 530 -14.21 26.31 -11.76
N LEU A 531 -13.04 26.90 -11.98
CA LEU A 531 -11.82 26.38 -11.37
C LEU A 531 -11.89 26.50 -9.85
N ILE A 532 -12.43 27.59 -9.34
CA ILE A 532 -12.61 27.75 -7.91
C ILE A 532 -13.52 26.65 -7.37
N GLY A 533 -14.60 26.35 -8.08
CA GLY A 533 -15.49 25.30 -7.64
C GLY A 533 -14.81 23.94 -7.62
N TYR A 534 -14.05 23.63 -8.67
CA TYR A 534 -13.29 22.39 -8.70
C TYR A 534 -12.37 22.28 -7.49
N LYS A 535 -11.69 23.36 -7.10
CA LYS A 535 -10.72 23.33 -5.97
C LYS A 535 -11.48 23.19 -4.64
N THR A 536 -12.60 23.88 -4.46
CA THR A 536 -13.38 23.87 -3.20
C THR A 536 -13.99 22.50 -2.89
N PHE A 537 -14.64 21.84 -3.85
CA PHE A 537 -15.37 20.57 -3.63
C PHE A 537 -14.46 19.36 -3.86
N PHE A 538 -13.59 19.39 -4.87
CA PHE A 538 -12.60 18.31 -5.15
C PHE A 538 -11.25 18.82 -4.63
N ASN A 539 -10.12 18.32 -5.14
CA ASN A 539 -8.76 18.78 -4.75
C ASN A 539 -8.26 19.75 -5.83
N GLU A 540 -7.05 20.30 -5.71
CA GLU A 540 -6.48 21.24 -6.66
C GLU A 540 -5.79 20.56 -7.83
N PHE A 541 -5.68 19.23 -7.83
CA PHE A 541 -5.20 18.52 -9.01
C PHE A 541 -6.20 18.65 -10.15
N VAL A 542 -7.49 18.58 -9.84
CA VAL A 542 -8.52 18.71 -10.87
C VAL A 542 -8.51 20.12 -11.45
N ALA A 543 -8.41 21.13 -10.60
CA ALA A 543 -8.46 22.51 -11.07
C ALA A 543 -7.28 22.82 -11.98
N TYR A 544 -6.08 22.38 -11.60
CA TYR A 544 -4.91 22.65 -12.42
C TYR A 544 -4.94 21.86 -13.72
N GLN A 545 -5.55 20.67 -13.70
CA GLN A 545 -5.74 19.93 -14.94
C GLN A 545 -6.60 20.72 -15.93
N GLN A 546 -7.71 21.28 -15.44
CA GLN A 546 -8.57 22.09 -16.29
C GLN A 546 -7.86 23.36 -16.73
N LEU A 547 -7.09 23.99 -15.84
CA LEU A 547 -6.37 25.19 -16.20
C LEU A 547 -5.34 24.90 -17.29
N SER A 548 -4.66 23.75 -17.19
CA SER A 548 -3.69 23.38 -18.22
C SER A 548 -4.38 23.21 -19.57
N LYS A 549 -5.57 22.61 -19.58
CA LYS A 549 -6.34 22.51 -20.82
C LYS A 549 -6.53 23.87 -21.46
N LEU A 550 -6.98 24.85 -20.67
CA LEU A 550 -7.24 26.18 -21.21
C LEU A 550 -5.95 26.82 -21.71
N ILE A 551 -4.85 26.65 -20.98
CA ILE A 551 -3.57 27.21 -21.42
C ILE A 551 -3.16 26.62 -22.76
N SER A 552 -3.28 25.30 -22.90
CA SER A 552 -2.93 24.66 -24.17
C SER A 552 -3.81 25.16 -25.31
N LEU A 553 -5.10 25.32 -25.04
CA LEU A 553 -6.02 25.81 -26.08
C LEU A 553 -5.58 27.19 -26.57
N ARG A 554 -5.23 28.08 -25.64
CA ARG A 554 -4.79 29.42 -26.03
C ARG A 554 -3.50 29.35 -26.83
N GLN A 555 -2.53 28.55 -26.37
CA GLN A 555 -1.25 28.47 -27.06
C GLN A 555 -1.39 27.90 -28.46
N VAL A 556 -2.40 27.04 -28.67
CA VAL A 556 -2.65 26.50 -30.00
C VAL A 556 -2.99 27.62 -30.97
N GLY A 557 -3.82 28.58 -30.53
CA GLY A 557 -4.22 29.69 -31.35
C GLY A 557 -5.56 29.55 -32.04
N GLY A 558 -6.37 28.57 -31.64
CA GLY A 558 -7.65 28.36 -32.27
C GLY A 558 -8.64 29.46 -31.92
N PRO A 559 -9.85 29.34 -32.46
CA PRO A 559 -10.86 30.37 -32.21
C PRO A 559 -11.18 30.50 -30.73
N LYS A 560 -11.37 31.75 -30.29
CA LYS A 560 -11.71 32.02 -28.91
C LYS A 560 -13.17 31.72 -28.60
N PHE A 561 -14.03 31.70 -29.61
CA PHE A 561 -15.44 31.38 -29.44
C PHE A 561 -15.87 30.41 -30.54
N VAL A 562 -16.53 29.33 -30.15
CA VAL A 562 -17.16 28.40 -31.09
C VAL A 562 -18.57 28.14 -30.60
N ASP A 563 -19.56 28.35 -31.47
CA ASP A 563 -20.96 28.18 -31.11
C ASP A 563 -21.36 29.10 -29.96
N GLY A 564 -20.68 30.24 -29.83
CA GLY A 564 -20.97 31.18 -28.77
C GLY A 564 -20.48 30.76 -27.40
N VAL A 565 -19.51 29.86 -27.33
CA VAL A 565 -18.95 29.40 -26.07
C VAL A 565 -17.47 29.76 -26.05
N GLN A 566 -17.04 30.43 -25.00
CA GLN A 566 -15.64 30.81 -24.87
C GLN A 566 -14.79 29.58 -24.61
N GLN A 567 -13.71 29.44 -25.39
CA GLN A 567 -12.85 28.27 -25.28
C GLN A 567 -11.66 28.50 -24.34
N TYR A 568 -11.06 29.69 -24.38
CA TYR A 568 -9.96 30.02 -23.51
C TYR A 568 -10.06 31.48 -23.11
N MET A 569 -9.22 31.88 -22.16
CA MET A 569 -9.25 33.23 -21.60
C MET A 569 -7.84 33.83 -21.68
N SER A 570 -7.72 35.04 -21.14
CA SER A 570 -6.50 35.82 -21.29
C SER A 570 -5.35 35.23 -20.48
N MET A 571 -4.15 35.72 -20.76
CA MET A 571 -2.96 35.29 -20.04
C MET A 571 -2.97 35.82 -18.60
N ARG A 572 -3.44 37.05 -18.41
CA ARG A 572 -3.51 37.61 -17.06
C ARG A 572 -4.46 36.82 -16.19
N SER A 573 -5.61 36.41 -16.73
CA SER A 573 -6.56 35.62 -15.97
C SER A 573 -5.95 34.28 -15.57
N GLU A 574 -5.17 33.67 -16.46
CA GLU A 574 -4.50 32.43 -16.13
C GLU A 574 -3.54 32.61 -14.96
N ALA A 575 -2.81 33.71 -14.95
CA ALA A 575 -1.91 33.99 -13.83
C ALA A 575 -2.68 34.13 -12.53
N ILE A 576 -3.77 34.90 -12.54
CA ILE A 576 -4.56 35.10 -11.34
C ILE A 576 -5.12 33.78 -10.85
N SER A 577 -5.63 32.95 -11.76
CA SER A 577 -6.12 31.63 -11.37
C SER A 577 -5.00 30.78 -10.79
N THR A 578 -3.77 30.94 -11.29
CA THR A 578 -2.65 30.19 -10.74
C THR A 578 -2.40 30.54 -9.28
N TYR A 579 -2.48 31.83 -8.95
CA TYR A 579 -2.26 32.25 -7.56
C TYR A 579 -3.41 31.80 -6.67
N ALA A 580 -4.65 31.90 -7.15
CA ALA A 580 -5.80 31.60 -6.31
C ALA A 580 -5.89 30.11 -5.98
N LEU A 581 -5.39 29.25 -6.87
CA LEU A 581 -5.53 27.80 -6.73
C LEU A 581 -4.38 27.17 -5.95
N CYS A 582 -3.38 27.93 -5.53
CA CYS A 582 -2.21 27.36 -4.88
C CYS A 582 -2.52 27.17 -3.40
N GLY A 583 -3.12 26.02 -3.07
CA GLY A 583 -3.42 25.71 -1.70
C GLY A 583 -3.97 24.30 -1.56
N PHE A 584 -3.86 23.78 -0.34
CA PHE A 584 -4.40 22.48 0.03
C PHE A 584 -5.75 22.59 0.73
N ALA A 585 -6.47 23.68 0.52
CA ALA A 585 -7.71 23.95 1.22
C ALA A 585 -8.87 23.31 0.46
N ASN A 586 -9.40 22.23 1.01
CA ASN A 586 -10.61 21.61 0.48
C ASN A 586 -11.34 20.95 1.64
N PHE A 587 -12.66 20.78 1.47
CA PHE A 587 -13.47 20.22 2.54
C PHE A 587 -13.00 18.84 2.96
N GLY A 588 -12.48 18.05 2.01
CA GLY A 588 -12.01 16.72 2.34
C GLY A 588 -10.79 16.73 3.25
N SER A 589 -9.88 17.68 3.01
CA SER A 589 -8.64 17.73 3.79
C SER A 589 -8.88 18.06 5.25
N LEU A 590 -10.09 18.51 5.60
CA LEU A 590 -10.35 18.90 6.98
C LEU A 590 -10.17 17.72 7.93
N GLY A 591 -10.67 16.55 7.55
CA GLY A 591 -10.59 15.40 8.44
C GLY A 591 -9.17 14.91 8.67
N ILE A 592 -8.39 14.80 7.59
CA ILE A 592 -7.04 14.26 7.72
C ILE A 592 -6.15 15.23 8.48
N VAL A 593 -6.37 16.53 8.29
CA VAL A 593 -5.62 17.54 9.05
C VAL A 593 -5.91 17.40 10.53
N ILE A 594 -7.20 17.27 10.89
CA ILE A 594 -7.56 17.13 12.30
C ILE A 594 -6.97 15.84 12.86
N GLY A 595 -7.08 14.74 12.12
CA GLY A 595 -6.58 13.47 12.63
C GLY A 595 -5.07 13.49 12.87
N GLY A 596 -4.32 14.05 11.92
CA GLY A 596 -2.87 14.10 12.08
C GLY A 596 -2.44 14.99 13.23
N LEU A 597 -3.09 16.14 13.38
CA LEU A 597 -2.71 17.06 14.45
C LEU A 597 -3.11 16.52 15.83
N THR A 598 -4.24 15.80 15.91
CA THR A 598 -4.59 15.14 17.17
C THR A 598 -3.59 14.04 17.49
N SER A 599 -3.15 13.29 16.46
CA SER A 599 -2.17 12.24 16.69
C SER A 599 -0.87 12.80 17.22
N MET A 600 -0.53 14.04 16.85
CA MET A 600 0.69 14.66 17.35
C MET A 600 0.48 15.30 18.73
N ALA A 601 -0.72 15.82 18.99
CA ALA A 601 -1.05 16.45 20.27
C ALA A 601 -2.40 15.90 20.74
N PRO A 602 -2.41 14.70 21.33
CA PRO A 602 -3.71 14.11 21.73
C PRO A 602 -4.49 14.97 22.70
N SER A 603 -3.81 15.68 23.61
CA SER A 603 -4.50 16.45 24.64
C SER A 603 -5.28 17.63 24.07
N ARG A 604 -4.92 18.10 22.87
CA ARG A 604 -5.52 19.29 22.30
C ARG A 604 -6.60 18.98 21.26
N LYS A 605 -7.22 17.80 21.36
CA LYS A 605 -8.22 17.42 20.36
C LYS A 605 -9.39 18.39 20.35
N ARG A 606 -9.84 18.83 21.53
CA ARG A 606 -10.98 19.74 21.61
C ARG A 606 -10.68 21.05 20.91
N ASP A 607 -9.48 21.59 21.12
CA ASP A 607 -9.13 22.87 20.51
C ASP A 607 -8.92 22.74 19.00
N ILE A 608 -8.33 21.62 18.57
CA ILE A 608 -8.03 21.45 17.14
C ILE A 608 -9.31 21.47 16.32
N THR A 609 -10.35 20.77 16.77
CA THR A 609 -11.59 20.71 16.01
C THR A 609 -12.25 22.07 15.90
N ALA A 610 -12.16 22.88 16.95
CA ALA A 610 -12.88 24.15 16.98
C ALA A 610 -12.38 25.10 15.89
N GLY A 611 -11.07 25.19 15.71
CA GLY A 611 -10.50 26.14 14.79
C GLY A 611 -10.25 25.63 13.39
N ALA A 612 -10.53 24.36 13.12
CA ALA A 612 -10.21 23.80 11.80
C ALA A 612 -11.02 24.48 10.70
N MET A 613 -12.32 24.69 10.92
CA MET A 613 -13.16 25.28 9.89
C MET A 613 -12.75 26.73 9.61
N ARG A 614 -12.48 27.51 10.66
CA ARG A 614 -12.03 28.88 10.45
C ARG A 614 -10.70 28.91 9.73
N ALA A 615 -9.81 27.98 10.05
CA ALA A 615 -8.52 27.91 9.37
C ALA A 615 -8.69 27.58 7.90
N LEU A 616 -9.62 26.67 7.59
CA LEU A 616 -9.86 26.32 6.20
C LEU A 616 -10.35 27.51 5.40
N ILE A 617 -11.23 28.33 6.00
CA ILE A 617 -11.72 29.53 5.32
C ILE A 617 -10.61 30.56 5.20
N ALA A 618 -9.79 30.70 6.24
CA ALA A 618 -8.71 31.69 6.20
C ALA A 618 -7.71 31.37 5.10
N GLY A 619 -7.40 30.09 4.91
CA GLY A 619 -6.46 29.71 3.86
C GLY A 619 -6.94 30.13 2.48
N THR A 620 -8.22 29.92 2.18
CA THR A 620 -8.76 30.34 0.90
C THR A 620 -8.68 31.85 0.74
N ILE A 621 -9.00 32.59 1.80
CA ILE A 621 -8.93 34.05 1.73
C ILE A 621 -7.50 34.50 1.49
N ALA A 622 -6.54 33.83 2.13
CA ALA A 622 -5.14 34.19 1.92
C ALA A 622 -4.72 33.96 0.47
N CYS A 623 -5.16 32.84 -0.12
CA CYS A 623 -4.86 32.59 -1.52
C CYS A 623 -5.48 33.66 -2.41
N PHE A 624 -6.71 34.08 -2.11
CA PHE A 624 -7.34 35.16 -2.86
C PHE A 624 -6.59 36.46 -2.68
N LEU A 625 -6.08 36.72 -1.47
CA LEU A 625 -5.33 37.94 -1.23
C LEU A 625 -4.08 38.00 -2.10
N THR A 626 -3.38 36.87 -2.23
CA THR A 626 -2.22 36.83 -3.13
C THR A 626 -2.65 37.10 -4.57
N ALA A 627 -3.77 36.52 -4.99
CA ALA A 627 -4.25 36.73 -6.35
C ALA A 627 -4.58 38.19 -6.60
N CYS A 628 -5.19 38.86 -5.63
CA CYS A 628 -5.52 40.28 -5.79
C CYS A 628 -4.26 41.10 -6.01
N ILE A 629 -3.21 40.82 -5.23
CA ILE A 629 -1.96 41.57 -5.37
C ILE A 629 -1.34 41.30 -6.73
N ALA A 630 -1.37 40.05 -7.18
CA ALA A 630 -0.87 39.75 -8.52
C ALA A 630 -1.67 40.47 -9.59
N GLY A 631 -2.99 40.53 -9.42
CA GLY A 631 -3.82 41.15 -10.43
C GLY A 631 -3.59 42.64 -10.57
N MET A 632 -3.35 43.33 -9.46
CA MET A 632 -3.17 44.78 -9.49
C MET A 632 -1.81 45.20 -10.00
N LEU A 633 -0.88 44.27 -10.17
CA LEU A 633 0.44 44.58 -10.71
C LEU A 633 0.63 44.10 -12.13
N THR A 634 -0.06 43.05 -12.55
CA THR A 634 0.02 42.58 -13.93
C THR A 634 -0.76 43.51 -14.85
N ASN A 635 -0.32 43.59 -16.09
CA ASN A 635 -0.92 44.47 -17.09
C ASN A 635 -1.77 43.68 -18.06
N THR A 636 -2.72 44.37 -18.68
CA THR A 636 -3.59 43.77 -19.69
C THR A 636 -2.89 43.80 -21.04
N PRO A 637 -2.59 42.66 -21.67
CA PRO A 637 -1.91 42.72 -22.97
C PRO A 637 -2.82 43.22 -24.08
N GLU B 105 -17.95 45.80 19.31
CA GLU B 105 -18.78 44.91 18.51
C GLU B 105 -20.11 44.63 19.22
N ARG B 106 -20.77 45.71 19.67
CA ARG B 106 -22.06 45.54 20.34
C ARG B 106 -23.09 44.95 19.40
N MET B 107 -23.10 45.38 18.14
CA MET B 107 -24.03 44.81 17.17
C MET B 107 -23.79 43.33 16.97
N CYS B 108 -22.52 42.92 16.92
CA CYS B 108 -22.20 41.50 16.76
C CYS B 108 -22.71 40.71 17.96
N GLY B 109 -22.54 41.25 19.18
CA GLY B 109 -23.07 40.57 20.35
C GLY B 109 -24.58 40.45 20.32
N ARG B 110 -25.26 41.50 19.85
CA ARG B 110 -26.71 41.44 19.72
C ARG B 110 -27.12 40.39 18.71
N MET B 111 -26.40 40.31 17.58
CA MET B 111 -26.69 39.28 16.60
C MET B 111 -26.48 37.89 17.17
N SER B 112 -25.39 37.70 17.92
CA SER B 112 -25.14 36.40 18.53
C SER B 112 -26.24 36.05 19.53
N ASP B 113 -26.68 37.03 20.33
CA ASP B 113 -27.76 36.78 21.27
C ASP B 113 -29.05 36.42 20.55
N PHE B 114 -29.35 37.12 19.45
CA PHE B 114 -30.55 36.80 18.68
C PHE B 114 -30.48 35.39 18.12
N CYS B 115 -29.32 35.00 17.59
CA CYS B 115 -29.17 33.65 17.04
C CYS B 115 -29.35 32.60 18.13
N ARG B 116 -28.78 32.83 19.31
CA ARG B 116 -28.93 31.86 20.41
C ARG B 116 -30.37 31.78 20.86
N GLU B 117 -31.08 32.90 20.89
CA GLU B 117 -32.43 32.93 21.43
C GLU B 117 -33.38 32.06 20.62
N HIS B 118 -33.27 32.09 19.30
CA HIS B 118 -34.19 31.41 18.39
C HIS B 118 -33.43 30.49 17.45
N LYS B 119 -32.51 29.70 17.98
CA LYS B 119 -31.73 28.80 17.14
C LYS B 119 -32.61 27.76 16.46
N THR B 120 -33.56 27.19 17.20
CA THR B 120 -34.38 26.12 16.65
C THR B 120 -35.25 26.60 15.50
N THR B 121 -35.88 27.77 15.65
CA THR B 121 -36.77 28.26 14.60
C THR B 121 -36.01 28.69 13.36
N LEU B 122 -34.80 29.22 13.54
CA LEU B 122 -34.03 29.70 12.40
C LEU B 122 -33.65 28.56 11.47
N ARG B 123 -33.09 27.49 12.01
CA ARG B 123 -32.68 26.37 11.16
C ARG B 123 -33.88 25.63 10.60
N TYR B 124 -34.95 25.50 11.38
CA TYR B 124 -36.16 24.86 10.87
C TYR B 124 -36.73 25.61 9.68
N ILE B 125 -36.74 26.95 9.75
CA ILE B 125 -37.25 27.75 8.65
C ILE B 125 -36.39 27.58 7.42
N ILE B 126 -35.07 27.54 7.59
CA ILE B 126 -34.16 27.37 6.45
C ILE B 126 -34.43 26.05 5.76
N TRP B 127 -34.58 24.97 6.54
CA TRP B 127 -34.88 23.67 5.95
C TRP B 127 -36.22 23.68 5.26
N GLY B 128 -37.22 24.33 5.85
CA GLY B 128 -38.51 24.43 5.21
C GLY B 128 -38.45 25.14 3.87
N ILE B 129 -37.65 26.20 3.80
CA ILE B 129 -37.50 26.93 2.54
C ILE B 129 -36.86 26.04 1.48
N LEU B 130 -35.84 25.28 1.86
CA LEU B 130 -35.21 24.36 0.91
C LEU B 130 -36.20 23.32 0.42
N ILE B 131 -37.01 22.77 1.32
CA ILE B 131 -38.01 21.78 0.92
C ILE B 131 -39.01 22.42 -0.04
N ALA B 132 -39.45 23.64 0.26
CA ALA B 132 -40.40 24.32 -0.62
C ALA B 132 -39.80 24.54 -2.01
N GLY B 133 -38.52 24.91 -2.06
CA GLY B 133 -37.88 25.08 -3.35
C GLY B 133 -37.84 23.80 -4.15
N TYR B 134 -37.50 22.68 -3.50
CA TYR B 134 -37.48 21.40 -4.20
C TYR B 134 -38.87 21.04 -4.72
N LEU B 135 -39.90 21.22 -3.89
CA LEU B 135 -41.25 20.93 -4.34
C LEU B 135 -41.65 21.83 -5.51
N ALA B 136 -41.24 23.10 -5.47
CA ALA B 136 -41.54 24.01 -6.57
C ALA B 136 -40.91 23.52 -7.86
N LEU B 137 -39.67 23.04 -7.80
CA LEU B 137 -39.03 22.48 -8.98
C LEU B 137 -39.79 21.27 -9.50
N VAL B 138 -40.21 20.39 -8.60
CA VAL B 138 -40.90 19.17 -9.02
C VAL B 138 -42.22 19.51 -9.68
N ILE B 139 -43.03 20.36 -9.04
CA ILE B 139 -44.34 20.67 -9.59
C ILE B 139 -44.20 21.40 -10.92
N ALA B 140 -43.24 22.33 -11.01
CA ALA B 140 -43.02 23.03 -12.27
C ALA B 140 -42.62 22.06 -13.38
N ALA B 141 -41.76 21.10 -13.06
CA ALA B 141 -41.36 20.11 -14.06
C ALA B 141 -42.55 19.30 -14.54
N CYS B 142 -43.42 18.89 -13.63
CA CYS B 142 -44.61 18.15 -14.02
C CYS B 142 -45.54 19.01 -14.87
N VAL B 143 -45.67 20.30 -14.53
CA VAL B 143 -46.56 21.18 -15.28
C VAL B 143 -46.08 21.32 -16.73
N MET B 144 -44.77 21.55 -16.91
CA MET B 144 -44.25 21.70 -18.26
C MET B 144 -44.45 20.42 -19.07
N ASN B 145 -44.20 19.27 -18.46
CA ASN B 145 -44.42 17.98 -19.11
C ASN B 145 -44.46 16.91 -18.04
N PHE B 146 -45.49 16.07 -18.08
CA PHE B 146 -45.70 15.09 -17.02
C PHE B 146 -45.01 13.76 -17.33
N HIS B 147 -45.19 13.24 -18.56
CA HIS B 147 -44.57 11.97 -18.92
C HIS B 147 -43.05 12.04 -18.79
N ARG B 148 -42.46 13.21 -19.06
CA ARG B 148 -41.02 13.36 -18.97
C ARG B 148 -40.55 13.48 -17.52
N ALA B 149 -41.38 14.01 -16.64
CA ALA B 149 -41.03 14.23 -15.24
C ALA B 149 -41.59 13.15 -14.32
N LEU B 150 -42.10 12.06 -14.86
CA LEU B 150 -42.74 11.04 -14.03
C LEU B 150 -41.80 10.46 -12.98
N PRO B 151 -40.60 9.97 -13.32
CA PRO B 151 -39.76 9.36 -12.28
C PRO B 151 -39.44 10.29 -11.14
N LEU B 152 -39.22 11.58 -11.41
CA LEU B 152 -38.96 12.52 -10.32
C LEU B 152 -40.18 12.63 -9.40
N PHE B 153 -41.37 12.66 -9.98
CA PHE B 153 -42.59 12.69 -9.17
C PHE B 153 -42.71 11.42 -8.33
N VAL B 154 -42.40 10.26 -8.90
CA VAL B 154 -42.50 9.01 -8.16
C VAL B 154 -41.54 9.01 -6.98
N ILE B 155 -40.29 9.43 -7.21
CA ILE B 155 -39.30 9.42 -6.14
C ILE B 155 -39.74 10.34 -5.01
N THR B 156 -40.25 11.52 -5.36
CA THR B 156 -40.73 12.45 -4.34
C THR B 156 -41.88 11.85 -3.55
N VAL B 157 -42.81 11.18 -4.22
CA VAL B 157 -43.98 10.63 -3.56
C VAL B 157 -43.57 9.57 -2.53
N VAL B 158 -42.71 8.64 -2.95
CA VAL B 158 -42.32 7.55 -2.05
C VAL B 158 -41.52 8.10 -0.88
N ALA B 159 -40.67 9.09 -1.13
CA ALA B 159 -39.89 9.69 -0.04
C ALA B 159 -40.82 10.35 0.98
N ILE B 160 -41.84 11.08 0.49
CA ILE B 160 -42.79 11.72 1.39
C ILE B 160 -43.54 10.66 2.20
N PHE B 161 -43.96 9.59 1.52
CA PHE B 161 -44.72 8.54 2.21
C PHE B 161 -43.90 7.92 3.33
N PHE B 162 -42.64 7.60 3.07
CA PHE B 162 -41.82 6.97 4.10
C PHE B 162 -41.52 7.92 5.25
N VAL B 163 -41.28 9.19 4.96
CA VAL B 163 -41.02 10.16 6.01
C VAL B 163 -42.24 10.29 6.93
N VAL B 164 -43.43 10.41 6.34
CA VAL B 164 -44.65 10.49 7.13
C VAL B 164 -44.85 9.20 7.91
N TRP B 165 -44.64 8.05 7.26
CA TRP B 165 -44.81 6.77 7.94
C TRP B 165 -43.89 6.67 9.15
N ASP B 166 -42.60 6.97 8.95
CA ASP B 166 -41.65 6.85 10.06
C ASP B 166 -42.03 7.77 11.22
N HIS B 167 -42.44 9.00 10.91
CA HIS B 167 -42.83 9.93 11.96
C HIS B 167 -44.04 9.41 12.74
N LEU B 168 -45.03 8.87 12.03
CA LEU B 168 -46.23 8.36 12.71
C LEU B 168 -45.91 7.17 13.60
N MET B 169 -45.10 6.24 13.11
CA MET B 169 -44.75 5.08 13.93
C MET B 169 -44.00 5.51 15.19
N ALA B 170 -43.08 6.46 15.05
CA ALA B 170 -42.33 6.93 16.21
C ALA B 170 -43.23 7.61 17.22
N LYS B 171 -44.18 8.42 16.75
CA LYS B 171 -45.00 9.21 17.65
C LYS B 171 -46.12 8.38 18.28
N TYR B 172 -46.76 7.51 17.49
CA TYR B 172 -47.94 6.77 17.92
C TYR B 172 -47.65 5.29 18.16
N GLU B 173 -46.41 4.96 18.55
CA GLU B 173 -46.06 3.56 18.76
C GLU B 173 -46.90 2.94 19.89
N SER B 174 -47.04 3.66 21.00
CA SER B 174 -47.76 3.11 22.14
C SER B 174 -49.22 2.86 21.81
N GLN B 175 -49.86 3.83 21.15
CA GLN B 175 -51.28 3.69 20.83
C GLN B 175 -51.50 2.51 19.89
N ILE B 176 -50.64 2.37 18.88
CA ILE B 176 -50.80 1.27 17.93
C ILE B 176 -50.60 -0.08 18.62
N ALA B 177 -49.59 -0.18 19.47
CA ALA B 177 -49.35 -1.42 20.19
C ALA B 177 -50.54 -1.79 21.06
N ARG B 178 -51.10 -0.81 21.78
CA ARG B 178 -52.28 -1.09 22.59
C ARG B 178 -53.46 -1.49 21.73
N PHE B 179 -53.61 -0.86 20.56
CA PHE B 179 -54.71 -1.20 19.66
C PHE B 179 -54.58 -2.63 19.15
N LEU B 180 -53.35 -3.08 18.88
CA LEU B 180 -53.14 -4.44 18.36
C LEU B 180 -53.28 -5.49 19.45
N SER B 181 -53.04 -5.12 20.72
CA SER B 181 -52.97 -6.11 21.79
C SER B 181 -54.20 -7.00 21.88
N PRO B 182 -55.44 -6.48 21.83
CA PRO B 182 -56.60 -7.39 21.96
C PRO B 182 -56.61 -8.52 20.94
N GLY B 183 -56.27 -8.22 19.69
CA GLY B 183 -56.24 -9.28 18.69
C GLY B 183 -55.18 -10.33 18.98
N GLN B 184 -54.03 -9.90 19.47
CA GLN B 184 -52.98 -10.84 19.84
C GLN B 184 -53.43 -11.75 20.97
N ARG B 185 -54.13 -11.19 21.96
CA ARG B 185 -54.65 -12.01 23.05
C ARG B 185 -55.65 -13.03 22.54
N LEU B 186 -56.54 -12.62 21.64
CA LEU B 186 -57.53 -13.54 21.10
C LEU B 186 -56.86 -14.66 20.31
N LEU B 187 -55.86 -14.32 19.50
CA LEU B 187 -55.14 -15.34 18.75
C LEU B 187 -54.42 -16.30 19.68
N ASP B 188 -53.81 -15.77 20.74
CA ASP B 188 -53.14 -16.64 21.71
C ASP B 188 -54.12 -17.60 22.36
N SER B 189 -55.33 -17.11 22.67
CA SER B 189 -56.33 -17.96 23.31
C SER B 189 -56.74 -19.12 22.40
N HIS B 190 -56.94 -18.86 21.12
CA HIS B 190 -57.40 -19.87 20.17
C HIS B 190 -56.25 -20.57 19.44
N TRP B 191 -55.01 -20.22 19.74
CA TRP B 191 -53.89 -20.78 18.99
C TRP B 191 -53.72 -22.27 19.24
N PHE B 192 -54.10 -22.76 20.42
CA PHE B 192 -53.87 -24.16 20.74
C PHE B 192 -54.52 -25.09 19.73
N TRP B 193 -55.67 -24.70 19.17
CA TRP B 193 -56.33 -25.48 18.14
C TRP B 193 -56.13 -24.90 16.74
N LEU B 194 -55.93 -23.59 16.62
CA LEU B 194 -55.79 -22.97 15.31
C LEU B 194 -54.45 -23.26 14.66
N LYS B 195 -53.45 -23.69 15.44
CA LYS B 195 -52.14 -23.96 14.86
C LYS B 195 -52.20 -25.13 13.88
N TRP B 196 -52.96 -26.17 14.21
CA TRP B 196 -53.06 -27.31 13.32
C TRP B 196 -53.70 -26.93 11.99
N VAL B 197 -54.72 -26.07 12.03
CA VAL B 197 -55.39 -25.65 10.80
C VAL B 197 -54.41 -24.89 9.91
N ILE B 198 -53.67 -23.93 10.50
CA ILE B 198 -52.75 -23.13 9.72
C ILE B 198 -51.64 -24.00 9.13
N TRP B 199 -51.08 -24.89 9.95
CA TRP B 199 -50.01 -25.76 9.45
C TRP B 199 -50.52 -26.68 8.35
N GLY B 200 -51.72 -27.24 8.52
CA GLY B 200 -52.28 -28.10 7.49
C GLY B 200 -52.49 -27.38 6.19
N CYS B 201 -52.99 -26.14 6.25
CA CYS B 201 -53.19 -25.36 5.03
C CYS B 201 -51.87 -25.09 4.32
N LEU B 202 -50.83 -24.75 5.09
CA LEU B 202 -49.53 -24.49 4.47
C LEU B 202 -48.98 -25.75 3.82
N ILE B 203 -49.10 -26.90 4.48
CA ILE B 203 -48.63 -28.14 3.90
C ILE B 203 -49.41 -28.46 2.64
N LEU B 204 -50.73 -28.28 2.67
CA LEU B 204 -51.54 -28.52 1.48
C LEU B 204 -51.12 -27.60 0.34
N GLY B 205 -50.86 -26.33 0.65
CA GLY B 205 -50.42 -25.41 -0.39
C GLY B 205 -49.12 -25.83 -1.03
N VAL B 206 -48.16 -26.31 -0.22
CA VAL B 206 -46.88 -26.77 -0.75
C VAL B 206 -47.11 -27.95 -1.68
N ILE B 207 -47.95 -28.90 -1.25
CA ILE B 207 -48.23 -30.07 -2.08
C ILE B 207 -48.84 -29.66 -3.40
N LEU B 208 -49.83 -28.76 -3.36
CA LEU B 208 -50.49 -28.33 -4.58
C LEU B 208 -49.53 -27.64 -5.53
N TRP B 209 -48.64 -26.80 -5.01
CA TRP B 209 -47.67 -26.11 -5.85
C TRP B 209 -46.76 -27.11 -6.55
N LEU B 210 -46.27 -28.11 -5.82
CA LEU B 210 -45.41 -29.13 -6.42
C LEU B 210 -46.14 -29.86 -7.54
N VAL B 211 -47.37 -30.29 -7.27
CA VAL B 211 -48.10 -31.11 -8.24
C VAL B 211 -48.38 -30.33 -9.51
N PHE B 212 -48.85 -29.09 -9.38
CA PHE B 212 -49.39 -28.36 -10.52
C PHE B 212 -48.38 -27.42 -11.19
N ASP B 213 -47.25 -27.13 -10.55
CA ASP B 213 -46.22 -26.30 -11.15
C ASP B 213 -44.90 -27.04 -11.31
N THR B 214 -44.37 -27.61 -10.23
CA THR B 214 -43.06 -28.25 -10.30
C THR B 214 -43.06 -29.46 -11.23
N ALA B 215 -44.08 -30.33 -11.09
CA ALA B 215 -44.16 -31.50 -11.95
C ALA B 215 -44.30 -31.10 -13.41
N LYS B 216 -45.10 -30.07 -13.70
CA LYS B 216 -45.25 -29.59 -15.07
C LYS B 216 -43.91 -29.09 -15.61
N LEU B 217 -43.15 -28.38 -14.79
CA LEU B 217 -41.88 -27.83 -15.25
C LEU B 217 -40.90 -28.94 -15.64
N GLY B 218 -40.81 -29.99 -14.83
CA GLY B 218 -40.02 -31.14 -15.19
C GLY B 218 -39.41 -31.81 -13.97
N GLN B 219 -38.62 -32.84 -14.26
CA GLN B 219 -37.99 -33.63 -13.21
C GLN B 219 -36.95 -32.82 -12.44
N GLN B 220 -36.17 -31.99 -13.14
CA GLN B 220 -35.06 -31.31 -12.49
C GLN B 220 -35.53 -30.43 -11.35
N GLN B 221 -36.70 -29.80 -11.50
CA GLN B 221 -37.22 -28.94 -10.44
C GLN B 221 -37.59 -29.75 -9.21
N LEU B 222 -38.16 -30.94 -9.40
CA LEU B 222 -38.44 -31.81 -8.28
C LEU B 222 -37.15 -32.22 -7.57
N VAL B 223 -36.09 -32.46 -8.34
CA VAL B 223 -34.80 -32.80 -7.74
C VAL B 223 -34.28 -31.63 -6.91
N SER B 224 -34.52 -30.40 -7.37
CA SER B 224 -34.13 -29.24 -6.58
C SER B 224 -34.83 -29.22 -5.24
N PHE B 225 -36.14 -29.51 -5.23
CA PHE B 225 -36.86 -29.57 -3.97
C PHE B 225 -36.32 -30.68 -3.08
N GLY B 226 -36.02 -31.84 -3.66
CA GLY B 226 -35.44 -32.91 -2.87
C GLY B 226 -34.10 -32.53 -2.27
N GLY B 227 -33.26 -31.84 -3.06
CA GLY B 227 -31.99 -31.39 -2.52
C GLY B 227 -32.16 -30.39 -1.39
N LEU B 228 -33.18 -29.54 -1.49
CA LEU B 228 -33.47 -28.61 -0.40
C LEU B 228 -33.78 -29.35 0.89
N ILE B 229 -34.59 -30.41 0.79
CA ILE B 229 -34.87 -31.25 1.96
C ILE B 229 -33.60 -31.92 2.46
N ILE B 230 -32.80 -32.45 1.54
CA ILE B 230 -31.63 -33.23 1.94
C ILE B 230 -30.61 -32.34 2.65
N TYR B 231 -30.36 -31.15 2.12
CA TYR B 231 -29.40 -30.25 2.77
C TYR B 231 -29.87 -29.89 4.17
N THR B 232 -31.16 -29.63 4.35
CA THR B 232 -31.69 -29.33 5.67
C THR B 232 -31.56 -30.51 6.61
N SER B 233 -31.82 -31.72 6.11
CA SER B 233 -31.68 -32.91 6.95
C SER B 233 -30.25 -33.12 7.39
N LEU B 234 -29.29 -32.94 6.46
CA LEU B 234 -27.89 -33.12 6.82
C LEU B 234 -27.46 -32.12 7.87
N THR B 235 -27.89 -30.86 7.74
CA THR B 235 -27.58 -29.87 8.76
C THR B 235 -28.15 -30.27 10.12
N PHE B 236 -29.31 -30.94 10.12
CA PHE B 236 -29.90 -31.36 11.38
C PHE B 236 -29.11 -32.49 12.02
N LEU B 237 -28.67 -33.47 11.22
CA LEU B 237 -27.94 -34.62 11.77
C LEU B 237 -26.64 -34.18 12.41
N PHE B 238 -25.89 -33.31 11.73
CA PHE B 238 -24.59 -32.85 12.22
C PHE B 238 -24.70 -31.57 13.05
N SER B 239 -25.85 -31.33 13.66
CA SER B 239 -26.04 -30.12 14.44
C SER B 239 -25.28 -30.19 15.76
N LYS B 240 -24.99 -29.01 16.31
CA LYS B 240 -24.28 -28.94 17.58
C LYS B 240 -25.15 -29.46 18.72
N HIS B 241 -26.41 -29.03 18.76
CA HIS B 241 -27.37 -29.47 19.78
C HIS B 241 -28.64 -29.94 19.07
N PRO B 242 -28.63 -31.14 18.50
CA PRO B 242 -29.80 -31.60 17.74
C PRO B 242 -31.09 -31.59 18.55
N THR B 243 -31.01 -31.91 19.84
CA THR B 243 -32.22 -31.94 20.66
C THR B 243 -32.78 -30.53 20.88
N LYS B 244 -31.91 -29.55 21.06
CA LYS B 244 -32.33 -28.19 21.40
C LYS B 244 -32.43 -27.32 20.16
N VAL B 245 -33.35 -27.70 19.26
CA VAL B 245 -33.56 -27.00 18.00
C VAL B 245 -34.89 -26.27 18.06
N TYR B 246 -34.85 -24.98 17.72
CA TYR B 246 -36.05 -24.14 17.64
C TYR B 246 -36.40 -24.01 16.17
N TRP B 247 -37.51 -24.65 15.77
CA TRP B 247 -37.81 -24.84 14.35
C TRP B 247 -38.52 -23.64 13.71
N ARG B 248 -38.95 -22.67 14.49
CA ARG B 248 -39.62 -21.50 13.90
C ARG B 248 -38.72 -20.76 12.93
N PRO B 249 -37.49 -20.37 13.28
CA PRO B 249 -36.65 -19.65 12.32
C PRO B 249 -36.35 -20.44 11.06
N VAL B 250 -36.19 -21.77 11.16
CA VAL B 250 -35.83 -22.56 10.00
C VAL B 250 -36.93 -22.51 8.95
N PHE B 251 -38.17 -22.78 9.36
CA PHE B 251 -39.28 -22.78 8.41
C PHE B 251 -39.55 -21.38 7.87
N TRP B 252 -39.49 -20.36 8.73
CA TRP B 252 -39.75 -19.01 8.28
C TRP B 252 -38.69 -18.55 7.29
N GLY B 253 -37.42 -18.88 7.54
CA GLY B 253 -36.37 -18.48 6.62
C GLY B 253 -36.54 -19.09 5.24
N ILE B 254 -36.87 -20.39 5.20
CA ILE B 254 -37.13 -21.05 3.92
C ILE B 254 -38.36 -20.45 3.25
N GLY B 255 -39.41 -20.19 4.04
CA GLY B 255 -40.62 -19.61 3.47
C GLY B 255 -40.39 -18.24 2.90
N LEU B 256 -39.60 -17.41 3.58
CA LEU B 256 -39.31 -16.07 3.07
C LEU B 256 -38.54 -16.16 1.75
N GLN B 257 -37.60 -17.08 1.65
CA GLN B 257 -36.90 -17.29 0.38
C GLN B 257 -37.86 -17.69 -0.72
N PHE B 258 -38.79 -18.61 -0.41
CA PHE B 258 -39.73 -19.07 -1.41
C PHE B 258 -40.63 -17.92 -1.88
N LEU B 259 -41.09 -17.08 -0.95
CA LEU B 259 -41.93 -15.95 -1.34
C LEU B 259 -41.14 -14.94 -2.17
N LEU B 260 -39.91 -14.65 -1.77
CA LEU B 260 -39.09 -13.72 -2.55
C LEU B 260 -38.85 -14.25 -3.96
N GLY B 261 -38.56 -15.55 -4.07
CA GLY B 261 -38.36 -16.13 -5.39
C GLY B 261 -39.61 -16.06 -6.25
N LEU B 262 -40.78 -16.32 -5.65
CA LEU B 262 -42.02 -16.23 -6.40
C LEU B 262 -42.28 -14.82 -6.89
N LEU B 263 -42.05 -13.83 -6.04
CA LEU B 263 -42.34 -12.45 -6.43
C LEU B 263 -41.35 -11.93 -7.47
N ILE B 264 -40.10 -12.36 -7.40
CA ILE B 264 -39.07 -11.82 -8.28
C ILE B 264 -38.89 -12.61 -9.56
N LEU B 265 -39.23 -13.89 -9.56
CA LEU B 265 -39.01 -14.77 -10.71
C LEU B 265 -40.28 -15.09 -11.48
N ARG B 266 -41.41 -15.25 -10.79
CA ARG B 266 -42.64 -15.73 -11.40
C ARG B 266 -43.73 -14.66 -11.47
N THR B 267 -43.36 -13.39 -11.39
CA THR B 267 -44.31 -12.30 -11.51
C THR B 267 -43.72 -11.20 -12.37
N GLU B 268 -44.54 -10.67 -13.28
CA GLU B 268 -44.07 -9.59 -14.15
C GLU B 268 -43.62 -8.36 -13.35
N PRO B 269 -44.34 -7.91 -12.34
CA PRO B 269 -43.86 -6.72 -11.58
C PRO B 269 -42.47 -6.91 -10.99
N GLY B 270 -42.28 -7.97 -10.20
CA GLY B 270 -40.99 -8.17 -9.56
C GLY B 270 -39.88 -8.43 -10.56
N PHE B 271 -40.18 -9.20 -11.61
CA PHE B 271 -39.19 -9.44 -12.66
C PHE B 271 -38.75 -8.14 -13.32
N MET B 272 -39.72 -7.28 -13.64
CA MET B 272 -39.39 -5.99 -14.23
C MET B 272 -38.60 -5.12 -13.25
N ALA B 273 -39.00 -5.12 -11.98
CA ALA B 273 -38.35 -4.26 -11.00
C ALA B 273 -36.88 -4.58 -10.87
N PHE B 274 -36.53 -5.86 -10.74
CA PHE B 274 -35.14 -6.23 -10.55
C PHE B 274 -34.35 -6.16 -11.85
N ASP B 275 -35.00 -6.38 -12.99
CA ASP B 275 -34.32 -6.13 -14.26
C ASP B 275 -33.98 -4.66 -14.41
N TRP B 276 -34.91 -3.78 -14.05
CA TRP B 276 -34.63 -2.35 -14.05
C TRP B 276 -33.53 -2.01 -13.04
N LEU B 277 -33.60 -2.59 -11.85
CA LEU B 277 -32.59 -2.32 -10.84
C LEU B 277 -31.21 -2.75 -11.30
N GLY B 278 -31.12 -3.92 -11.95
CA GLY B 278 -29.83 -4.37 -12.45
C GLY B 278 -29.28 -3.47 -13.53
N LYS B 279 -30.15 -2.97 -14.41
CA LYS B 279 -29.68 -2.12 -15.49
C LYS B 279 -29.14 -0.79 -14.97
N GLN B 280 -29.73 -0.27 -13.90
CA GLN B 280 -29.23 0.97 -13.30
C GLN B 280 -27.81 0.79 -12.78
N VAL B 281 -27.54 -0.36 -12.14
CA VAL B 281 -26.19 -0.63 -11.66
C VAL B 281 -25.22 -0.70 -12.83
N GLN B 282 -25.65 -1.32 -13.94
CA GLN B 282 -24.80 -1.41 -15.12
C GLN B 282 -24.46 -0.03 -15.66
N THR B 283 -25.44 0.89 -15.63
CA THR B 283 -25.15 2.27 -16.02
C THR B 283 -24.24 2.94 -15.00
N PHE B 284 -24.43 2.65 -13.72
CA PHE B 284 -23.68 3.34 -12.67
C PHE B 284 -22.19 2.99 -12.71
N LEU B 285 -21.85 1.77 -13.09
CA LEU B 285 -20.45 1.35 -13.09
C LEU B 285 -19.66 1.92 -14.27
N GLY B 286 -20.34 2.54 -15.24
CA GLY B 286 -19.63 3.14 -16.36
C GLY B 286 -19.03 4.50 -16.06
N TYR B 287 -19.41 5.11 -14.94
CA TYR B 287 -18.90 6.43 -14.60
C TYR B 287 -17.43 6.39 -14.19
N SER B 288 -16.97 5.25 -13.67
CA SER B 288 -15.58 5.13 -13.23
C SER B 288 -14.62 5.26 -14.39
N ASP B 289 -15.08 5.07 -15.63
CA ASP B 289 -14.20 5.17 -16.78
C ASP B 289 -13.59 6.57 -16.91
N ALA B 290 -14.29 7.59 -16.41
CA ALA B 290 -13.78 8.95 -16.48
C ALA B 290 -12.48 9.08 -15.69
N GLY B 291 -12.47 8.55 -14.47
CA GLY B 291 -11.25 8.60 -13.67
C GLY B 291 -10.18 7.67 -14.17
N ALA B 292 -10.57 6.47 -14.63
CA ALA B 292 -9.59 5.53 -15.14
C ALA B 292 -8.90 6.06 -16.38
N SER B 293 -9.66 6.75 -17.24
CA SER B 293 -9.07 7.29 -18.47
C SER B 293 -7.99 8.32 -18.17
N PHE B 294 -8.22 9.18 -17.18
CA PHE B 294 -7.23 10.21 -16.87
C PHE B 294 -5.99 9.60 -16.22
N VAL B 295 -6.19 8.80 -15.16
CA VAL B 295 -5.05 8.27 -14.41
C VAL B 295 -4.23 7.33 -15.29
N PHE B 296 -4.89 6.44 -16.03
CA PHE B 296 -4.21 5.42 -16.82
C PHE B 296 -4.23 5.71 -18.30
N GLY B 297 -4.74 6.87 -18.71
CA GLY B 297 -4.72 7.26 -20.10
C GLY B 297 -5.85 6.63 -20.90
N GLU B 298 -5.88 7.00 -22.19
CA GLU B 298 -6.86 6.44 -23.11
C GLU B 298 -6.54 5.00 -23.50
N LYS B 299 -5.36 4.50 -23.15
CA LYS B 299 -4.99 3.11 -23.38
C LYS B 299 -5.24 2.24 -22.16
N TYR B 300 -6.08 2.70 -21.23
CA TYR B 300 -6.37 1.93 -20.03
C TYR B 300 -7.07 0.62 -20.35
N THR B 301 -7.62 0.48 -21.55
CA THR B 301 -8.25 -0.77 -21.97
C THR B 301 -7.25 -1.81 -22.42
N ASP B 302 -5.98 -1.43 -22.61
CA ASP B 302 -4.96 -2.43 -22.91
C ASP B 302 -4.79 -3.39 -21.74
N HIS B 303 -5.09 -2.94 -20.53
CA HIS B 303 -5.04 -3.75 -19.31
C HIS B 303 -6.42 -3.66 -18.69
N PHE B 304 -7.31 -4.56 -19.10
CA PHE B 304 -8.73 -4.45 -18.75
C PHE B 304 -8.93 -4.53 -17.24
N PHE B 305 -8.57 -5.67 -16.63
CA PHE B 305 -8.92 -5.92 -15.24
C PHE B 305 -8.33 -4.86 -14.32
N ALA B 306 -7.02 -4.63 -14.43
CA ALA B 306 -6.35 -3.76 -13.47
C ALA B 306 -6.79 -2.31 -13.62
N PHE B 307 -6.88 -1.81 -14.84
CA PHE B 307 -7.09 -0.38 -15.09
C PHE B 307 -8.54 -0.02 -15.37
N LYS B 308 -9.45 -1.00 -15.47
CA LYS B 308 -10.85 -0.68 -15.69
C LYS B 308 -11.77 -1.26 -14.62
N VAL B 309 -11.50 -2.51 -14.21
CA VAL B 309 -12.40 -3.17 -13.28
C VAL B 309 -12.16 -2.69 -11.84
N LEU B 310 -10.90 -2.68 -11.41
CA LEU B 310 -10.60 -2.25 -10.04
C LEU B 310 -11.10 -0.84 -9.75
N PRO B 311 -10.95 0.14 -10.66
CA PRO B 311 -11.58 1.45 -10.41
C PRO B 311 -13.06 1.37 -10.11
N ILE B 312 -13.78 0.39 -10.67
CA ILE B 312 -15.19 0.21 -10.32
C ILE B 312 -15.31 -0.10 -8.84
N VAL B 313 -14.43 -0.96 -8.32
CA VAL B 313 -14.44 -1.27 -6.90
C VAL B 313 -14.18 -0.02 -6.08
N ILE B 314 -13.23 0.82 -6.52
CA ILE B 314 -12.93 2.06 -5.82
C ILE B 314 -14.16 2.96 -5.80
N PHE B 315 -14.81 3.12 -6.96
CA PHE B 315 -15.95 4.02 -7.04
C PHE B 315 -17.10 3.56 -6.17
N PHE B 316 -17.40 2.25 -6.18
CA PHE B 316 -18.50 1.75 -5.37
C PHE B 316 -18.21 1.88 -3.89
N SER B 317 -16.96 1.62 -3.47
CA SER B 317 -16.61 1.80 -2.07
C SER B 317 -16.82 3.24 -1.64
N THR B 318 -16.44 4.19 -2.50
CA THR B 318 -16.66 5.59 -2.20
C THR B 318 -18.14 5.89 -2.01
N VAL B 319 -18.98 5.40 -2.93
CA VAL B 319 -20.41 5.67 -2.85
C VAL B 319 -21.00 5.04 -1.59
N MET B 320 -20.57 3.84 -1.25
CA MET B 320 -21.11 3.18 -0.06
C MET B 320 -20.81 3.98 1.20
N SER B 321 -19.60 4.53 1.30
CA SER B 321 -19.25 5.36 2.44
C SER B 321 -20.13 6.61 2.49
N MET B 322 -20.38 7.23 1.34
CA MET B 322 -21.22 8.42 1.29
C MET B 322 -22.64 8.08 1.75
N LEU B 323 -23.18 6.95 1.30
CA LEU B 323 -24.51 6.55 1.73
C LEU B 323 -24.55 6.27 3.22
N TYR B 324 -23.50 5.64 3.76
CA TYR B 324 -23.45 5.37 5.19
C TYR B 324 -23.46 6.68 5.99
N TYR B 325 -22.73 7.69 5.50
CA TYR B 325 -22.74 8.99 6.16
C TYR B 325 -24.14 9.60 6.16
N LEU B 326 -24.84 9.53 5.03
CA LEU B 326 -26.18 10.10 4.95
C LEU B 326 -27.17 9.35 5.82
N GLY B 327 -27.01 8.04 5.97
CA GLY B 327 -27.87 7.24 6.81
C GLY B 327 -28.90 6.41 6.08
N LEU B 328 -28.87 6.39 4.75
CA LEU B 328 -29.82 5.55 4.00
C LEU B 328 -29.55 4.08 4.23
N MET B 329 -28.28 3.68 4.29
CA MET B 329 -27.95 2.28 4.47
C MET B 329 -28.54 1.73 5.76
N GLN B 330 -28.39 2.48 6.86
CA GLN B 330 -28.97 2.06 8.12
C GLN B 330 -30.49 2.01 8.03
N TRP B 331 -31.09 2.98 7.33
CA TRP B 331 -32.54 3.03 7.20
C TRP B 331 -33.08 1.75 6.58
N ILE B 332 -32.45 1.28 5.50
CA ILE B 332 -32.89 0.05 4.85
C ILE B 332 -32.60 -1.15 5.74
N ILE B 333 -31.44 -1.14 6.42
CA ILE B 333 -31.05 -2.27 7.24
C ILE B 333 -32.06 -2.49 8.36
N ARG B 334 -32.48 -1.40 9.02
CA ARG B 334 -33.45 -1.52 10.09
C ARG B 334 -34.79 -2.06 9.57
N LYS B 335 -35.22 -1.58 8.40
CA LYS B 335 -36.49 -2.02 7.85
C LYS B 335 -36.48 -3.52 7.56
N VAL B 336 -35.39 -4.02 6.98
CA VAL B 336 -35.30 -5.43 6.67
C VAL B 336 -35.13 -6.25 7.94
N GLY B 337 -34.27 -5.79 8.86
CA GLY B 337 -34.03 -6.54 10.08
C GLY B 337 -35.28 -6.73 10.92
N TRP B 338 -36.17 -5.73 10.93
CA TRP B 338 -37.41 -5.87 11.68
C TRP B 338 -38.27 -7.00 11.13
N VAL B 339 -38.34 -7.12 9.80
CA VAL B 339 -39.15 -8.18 9.19
C VAL B 339 -38.61 -9.55 9.59
N MET B 340 -37.30 -9.75 9.48
CA MET B 340 -36.71 -11.03 9.86
C MET B 340 -36.89 -11.29 11.34
N LEU B 341 -36.74 -10.26 12.17
CA LEU B 341 -36.88 -10.44 13.61
C LEU B 341 -38.31 -10.84 13.98
N VAL B 342 -39.29 -10.15 13.39
CA VAL B 342 -40.68 -10.39 13.76
C VAL B 342 -41.15 -11.77 13.30
N THR B 343 -40.81 -12.14 12.07
CA THR B 343 -41.30 -13.40 11.51
C THR B 343 -40.53 -14.59 12.07
N MET B 344 -39.20 -14.50 12.09
CA MET B 344 -38.37 -15.63 12.44
C MET B 344 -38.12 -15.76 13.94
N GLY B 345 -38.10 -14.65 14.67
CA GLY B 345 -37.88 -14.69 16.09
C GLY B 345 -36.43 -14.71 16.51
N THR B 346 -35.52 -14.21 15.68
CA THR B 346 -34.11 -14.21 16.00
C THR B 346 -33.76 -13.03 16.90
N SER B 347 -32.53 -13.04 17.40
CA SER B 347 -32.07 -11.96 18.24
C SER B 347 -31.84 -10.69 17.41
N PRO B 348 -32.03 -9.51 18.00
CA PRO B 348 -31.83 -8.27 17.23
C PRO B 348 -30.43 -8.15 16.65
N VAL B 349 -29.41 -8.60 17.37
CA VAL B 349 -28.03 -8.40 16.91
C VAL B 349 -27.80 -9.16 15.61
N GLU B 350 -28.13 -10.45 15.60
CA GLU B 350 -27.92 -11.26 14.41
C GLU B 350 -28.82 -10.82 13.25
N SER B 351 -30.03 -10.39 13.55
CA SER B 351 -30.93 -9.91 12.51
C SER B 351 -30.35 -8.67 11.82
N VAL B 352 -29.83 -7.73 12.61
CA VAL B 352 -29.25 -6.52 12.04
C VAL B 352 -28.04 -6.85 11.20
N VAL B 353 -27.16 -7.73 11.70
CA VAL B 353 -25.96 -8.07 10.96
C VAL B 353 -26.29 -8.79 9.67
N ALA B 354 -27.26 -9.70 9.72
CA ALA B 354 -27.65 -10.42 8.51
C ALA B 354 -28.21 -9.46 7.45
N SER B 355 -29.05 -8.53 7.88
CA SER B 355 -29.58 -7.53 6.95
C SER B 355 -28.49 -6.62 6.41
N GLY B 356 -27.48 -6.33 7.23
CA GLY B 356 -26.41 -5.45 6.78
C GLY B 356 -25.38 -6.12 5.90
N ASN B 357 -25.23 -7.43 6.04
CA ASN B 357 -24.28 -8.17 5.20
C ASN B 357 -24.75 -8.29 3.76
N ILE B 358 -26.00 -7.94 3.47
CA ILE B 358 -26.44 -7.88 2.07
C ILE B 358 -25.64 -6.85 1.30
N PHE B 359 -25.30 -5.73 1.95
CA PHE B 359 -24.61 -4.63 1.29
C PHE B 359 -23.14 -4.52 1.69
N ILE B 360 -22.74 -5.12 2.80
CA ILE B 360 -21.42 -4.88 3.38
C ILE B 360 -20.66 -6.20 3.47
N GLY B 361 -19.34 -6.09 3.50
CA GLY B 361 -18.49 -7.26 3.55
C GLY B 361 -18.49 -7.94 4.90
N GLN B 362 -17.89 -9.12 4.93
CA GLN B 362 -17.86 -9.93 6.15
C GLN B 362 -17.08 -9.25 7.26
N THR B 363 -16.07 -8.46 6.91
CA THR B 363 -15.17 -7.87 7.88
C THR B 363 -15.62 -6.49 8.39
N GLU B 364 -16.59 -5.87 7.72
CA GLU B 364 -17.06 -4.54 8.12
C GLU B 364 -18.51 -4.54 8.58
N SER B 365 -19.21 -5.66 8.48
CA SER B 365 -20.60 -5.74 8.91
C SER B 365 -20.69 -5.80 10.43
N PRO B 366 -19.83 -6.55 11.12
CA PRO B 366 -19.88 -6.58 12.59
C PRO B 366 -19.64 -5.22 13.21
N LEU B 367 -18.99 -4.29 12.51
CA LEU B 367 -18.80 -2.95 13.05
C LEU B 367 -20.11 -2.25 13.31
N LEU B 368 -21.20 -2.69 12.66
CA LEU B 368 -22.52 -2.14 12.97
C LEU B 368 -22.87 -2.36 14.43
N VAL B 369 -22.39 -3.46 15.04
CA VAL B 369 -22.54 -3.66 16.47
C VAL B 369 -21.17 -3.97 17.05
N ARG B 370 -20.43 -2.94 17.44
CA ARG B 370 -19.10 -3.11 18.00
C ARG B 370 -19.16 -3.24 19.53
N PRO B 371 -19.84 -2.33 20.22
CA PRO B 371 -19.80 -2.37 21.70
C PRO B 371 -20.34 -3.66 22.28
N TYR B 372 -21.33 -4.28 21.64
CA TYR B 372 -22.06 -5.40 22.22
C TYR B 372 -21.48 -6.75 21.83
N LEU B 373 -20.39 -6.78 21.07
CA LEU B 373 -19.80 -8.06 20.68
C LEU B 373 -19.36 -8.89 21.89
N PRO B 374 -18.71 -8.32 22.91
CA PRO B 374 -18.27 -9.16 24.04
C PRO B 374 -19.41 -9.85 24.77
N TYR B 375 -20.64 -9.34 24.66
CA TYR B 375 -21.76 -9.83 25.43
C TYR B 375 -22.68 -10.76 24.62
N VAL B 376 -22.35 -11.05 23.36
CA VAL B 376 -23.19 -11.94 22.57
C VAL B 376 -22.93 -13.39 22.97
N THR B 377 -23.88 -14.24 22.63
CA THR B 377 -23.76 -15.67 22.89
C THR B 377 -22.99 -16.35 21.77
N LYS B 378 -22.68 -17.63 21.98
CA LYS B 378 -21.99 -18.40 20.95
C LYS B 378 -22.84 -18.54 19.70
N SER B 379 -24.14 -18.76 19.87
CA SER B 379 -25.02 -18.91 18.70
C SER B 379 -25.06 -17.65 17.86
N GLU B 380 -25.17 -16.48 18.50
CA GLU B 380 -25.18 -15.23 17.76
C GLU B 380 -23.87 -15.00 17.03
N LEU B 381 -22.75 -15.33 17.69
CA LEU B 381 -21.45 -15.20 17.05
C LEU B 381 -21.33 -16.11 15.84
N HIS B 382 -21.85 -17.33 15.95
CA HIS B 382 -21.86 -18.24 14.81
C HIS B 382 -22.73 -17.69 13.68
N ALA B 383 -23.89 -17.11 14.02
CA ALA B 383 -24.75 -16.54 13.00
C ALA B 383 -24.09 -15.38 12.30
N ILE B 384 -23.35 -14.55 13.05
CA ILE B 384 -22.66 -13.41 12.45
C ILE B 384 -21.66 -13.88 11.41
N MET B 385 -20.84 -14.87 11.75
CA MET B 385 -19.87 -15.40 10.81
C MET B 385 -20.55 -16.07 9.63
N THR B 386 -21.64 -16.80 9.89
CA THR B 386 -22.35 -17.47 8.81
C THR B 386 -22.91 -16.46 7.82
N ALA B 387 -23.48 -15.36 8.32
CA ALA B 387 -24.01 -14.33 7.44
C ALA B 387 -22.91 -13.71 6.59
N GLY B 388 -21.74 -13.50 7.18
CA GLY B 388 -20.63 -12.94 6.42
C GLY B 388 -20.18 -13.86 5.30
N PHE B 389 -20.17 -15.17 5.55
CA PHE B 389 -19.72 -16.14 4.56
C PHE B 389 -20.74 -16.41 3.48
N SER B 390 -22.01 -16.08 3.72
CA SER B 390 -23.10 -16.43 2.80
C SER B 390 -23.48 -15.27 1.88
N THR B 391 -22.77 -14.16 1.94
CA THR B 391 -23.11 -12.98 1.15
C THR B 391 -21.85 -12.38 0.54
N ILE B 392 -22.06 -11.40 -0.33
CA ILE B 392 -20.99 -10.64 -0.95
C ILE B 392 -21.13 -9.18 -0.52
N ALA B 393 -20.22 -8.33 -0.97
CA ALA B 393 -20.25 -6.91 -0.69
C ALA B 393 -20.70 -6.15 -1.93
N GLY B 394 -21.17 -4.93 -1.71
CA GLY B 394 -21.58 -4.07 -2.81
C GLY B 394 -20.43 -3.46 -3.59
N SER B 395 -19.22 -3.53 -3.04
CA SER B 395 -18.06 -3.00 -3.74
C SER B 395 -17.60 -3.91 -4.88
N VAL B 396 -17.69 -5.23 -4.68
CA VAL B 396 -17.27 -6.18 -5.70
C VAL B 396 -18.39 -6.55 -6.64
N LEU B 397 -19.59 -6.01 -6.46
CA LEU B 397 -20.71 -6.35 -7.33
C LEU B 397 -20.44 -5.90 -8.76
N GLY B 398 -19.88 -4.72 -8.93
CA GLY B 398 -19.64 -4.20 -10.28
C GLY B 398 -18.66 -5.06 -11.06
N ALA B 399 -17.63 -5.57 -10.38
CA ALA B 399 -16.65 -6.40 -11.07
C ALA B 399 -17.29 -7.67 -11.62
N TYR B 400 -18.16 -8.31 -10.84
CA TYR B 400 -18.84 -9.51 -11.32
C TYR B 400 -19.74 -9.19 -12.50
N ILE B 401 -20.41 -8.04 -12.47
CA ILE B 401 -21.26 -7.64 -13.59
C ILE B 401 -20.40 -7.34 -14.81
N SER B 402 -19.24 -6.73 -14.61
CA SER B 402 -18.35 -6.44 -15.74
C SER B 402 -17.92 -7.71 -16.44
N PHE B 403 -17.71 -8.78 -15.69
CA PHE B 403 -17.36 -10.07 -16.30
C PHE B 403 -18.44 -10.53 -17.26
N GLY B 404 -19.71 -10.36 -16.88
CA GLY B 404 -20.81 -10.78 -17.71
C GLY B 404 -21.89 -11.50 -16.92
N VAL B 405 -21.71 -11.59 -15.61
CA VAL B 405 -22.69 -12.27 -14.77
C VAL B 405 -23.94 -11.42 -14.65
N SER B 406 -25.10 -12.08 -14.58
CA SER B 406 -26.37 -11.36 -14.53
C SER B 406 -26.45 -10.50 -13.28
N SER B 407 -26.86 -9.25 -13.46
CA SER B 407 -27.04 -8.34 -12.33
C SER B 407 -28.29 -8.70 -11.53
N SER B 408 -29.38 -9.04 -12.22
CA SER B 408 -30.62 -9.34 -11.52
C SER B 408 -30.46 -10.55 -10.60
N HIS B 409 -29.80 -11.60 -11.10
CA HIS B 409 -29.62 -12.80 -10.29
C HIS B 409 -28.71 -12.52 -9.09
N LEU B 410 -27.68 -11.71 -9.28
CA LEU B 410 -26.79 -11.38 -8.16
C LEU B 410 -27.54 -10.63 -7.07
N LEU B 411 -28.37 -9.66 -7.46
CA LEU B 411 -29.16 -8.93 -6.47
C LEU B 411 -30.15 -9.86 -5.78
N THR B 412 -30.82 -10.72 -6.55
CA THR B 412 -31.79 -11.63 -5.97
C THR B 412 -31.12 -12.60 -4.99
N ALA B 413 -29.95 -13.12 -5.36
CA ALA B 413 -29.24 -14.05 -4.49
C ALA B 413 -28.79 -13.37 -3.21
N SER B 414 -28.29 -12.14 -3.30
CA SER B 414 -27.84 -11.43 -2.11
C SER B 414 -28.98 -11.22 -1.13
N VAL B 415 -30.17 -10.87 -1.64
CA VAL B 415 -31.32 -10.67 -0.78
C VAL B 415 -31.75 -11.98 -0.13
N MET B 416 -31.80 -13.06 -0.92
CA MET B 416 -32.27 -14.34 -0.41
C MET B 416 -31.27 -15.01 0.53
N SER B 417 -30.03 -14.54 0.57
CA SER B 417 -29.00 -15.21 1.35
C SER B 417 -29.11 -14.94 2.85
N ALA B 418 -29.82 -13.90 3.26
CA ALA B 418 -29.86 -13.54 4.67
C ALA B 418 -30.78 -14.49 5.45
N PRO B 419 -32.03 -14.69 5.03
CA PRO B 419 -32.88 -15.65 5.74
C PRO B 419 -32.30 -17.05 5.76
N ALA B 420 -31.67 -17.47 4.67
CA ALA B 420 -31.04 -18.79 4.64
C ALA B 420 -29.90 -18.88 5.65
N ALA B 421 -29.10 -17.82 5.74
CA ALA B 421 -27.96 -17.83 6.66
C ALA B 421 -28.44 -18.00 8.10
N LEU B 422 -29.48 -17.25 8.49
CA LEU B 422 -29.99 -17.36 9.84
C LEU B 422 -30.65 -18.71 10.09
N ALA B 423 -31.41 -19.20 9.11
CA ALA B 423 -32.07 -20.49 9.28
C ALA B 423 -31.07 -21.61 9.46
N ILE B 424 -30.05 -21.66 8.60
CA ILE B 424 -29.04 -22.71 8.71
C ILE B 424 -28.23 -22.53 9.98
N SER B 425 -27.91 -21.28 10.34
CA SER B 425 -27.14 -21.04 11.57
C SER B 425 -27.89 -21.54 12.80
N LYS B 426 -29.19 -21.23 12.88
CA LYS B 426 -29.97 -21.67 14.03
C LYS B 426 -30.06 -23.19 14.09
N LEU B 427 -30.24 -23.83 12.93
CA LEU B 427 -30.32 -25.29 12.90
C LEU B 427 -28.96 -25.92 13.17
N PHE B 428 -27.91 -25.39 12.56
CA PHE B 428 -26.58 -25.95 12.75
C PHE B 428 -26.07 -25.70 14.16
N TRP B 429 -26.28 -24.49 14.68
CA TRP B 429 -25.85 -24.11 16.02
C TRP B 429 -27.01 -23.38 16.71
N PRO B 430 -27.91 -24.11 17.34
CA PRO B 430 -29.05 -23.47 18.00
C PRO B 430 -28.63 -22.76 19.29
N GLU B 431 -29.58 -22.00 19.84
CA GLU B 431 -29.33 -21.18 21.02
C GLU B 431 -29.65 -21.97 22.28
N THR B 432 -28.70 -21.96 23.22
CA THR B 432 -28.88 -22.62 24.52
C THR B 432 -28.61 -21.67 25.68
N GLU B 433 -28.57 -20.37 25.42
CA GLU B 433 -28.28 -19.36 26.44
C GLU B 433 -29.33 -18.26 26.36
N THR B 434 -29.17 -17.25 27.21
CA THR B 434 -30.10 -16.13 27.27
C THR B 434 -29.47 -14.91 26.61
N PRO B 435 -30.03 -14.38 25.52
CA PRO B 435 -29.43 -13.18 24.92
C PRO B 435 -29.54 -11.98 25.84
N LYS B 436 -28.53 -11.12 25.78
CA LYS B 436 -28.45 -9.95 26.64
C LYS B 436 -28.81 -8.65 25.93
N ILE B 437 -28.44 -8.52 24.66
CA ILE B 437 -28.64 -7.28 23.92
C ILE B 437 -30.11 -7.15 23.55
N ASN B 438 -30.60 -5.91 23.52
CA ASN B 438 -32.00 -5.61 23.22
C ASN B 438 -32.10 -4.93 21.86
N LEU B 439 -33.34 -4.63 21.47
CA LEU B 439 -33.60 -4.12 20.13
C LEU B 439 -33.05 -2.71 19.94
N LYS B 440 -33.31 -1.82 20.90
CA LYS B 440 -32.88 -0.43 20.75
C LYS B 440 -31.37 -0.33 20.64
N ASN B 441 -30.64 -1.09 21.46
CA ASN B 441 -29.18 -1.06 21.40
C ASN B 441 -28.67 -1.58 20.06
N ALA B 442 -29.26 -2.66 19.55
CA ALA B 442 -28.80 -3.22 18.29
C ALA B 442 -29.09 -2.29 17.12
N MET B 443 -30.29 -1.71 17.08
CA MET B 443 -30.69 -0.91 15.93
C MET B 443 -29.85 0.36 15.81
N LYS B 444 -29.50 0.98 16.93
CA LYS B 444 -28.66 2.17 16.88
C LYS B 444 -27.29 1.78 16.32
N MET B 445 -26.93 2.37 15.18
CA MET B 445 -25.68 2.07 14.51
C MET B 445 -24.87 3.36 14.41
N GLU B 446 -23.65 3.33 14.92
CA GLU B 446 -22.83 4.53 15.02
C GLU B 446 -22.18 4.84 13.68
N SER B 447 -22.55 5.99 13.11
CA SER B 447 -21.93 6.44 11.88
C SER B 447 -20.47 6.79 12.13
N GLY B 448 -19.70 6.84 11.05
CA GLY B 448 -18.28 7.07 11.15
C GLY B 448 -17.94 8.51 11.50
N ASP B 449 -16.65 8.75 11.70
CA ASP B 449 -16.14 10.07 12.06
C ASP B 449 -15.85 10.88 10.80
N SER B 450 -16.93 11.28 10.14
CA SER B 450 -16.86 12.09 8.93
C SER B 450 -17.65 13.37 9.16
N ARG B 451 -16.98 14.52 9.00
CA ARG B 451 -17.62 15.80 9.25
C ARG B 451 -18.57 16.18 8.12
N ASN B 452 -18.22 15.84 6.88
CA ASN B 452 -19.02 16.22 5.72
C ASN B 452 -19.01 15.10 4.70
N LEU B 453 -19.81 15.28 3.65
CA LEU B 453 -19.96 14.25 2.63
C LEU B 453 -18.64 13.99 1.91
N LEU B 454 -17.90 15.06 1.60
CA LEU B 454 -16.66 14.90 0.83
C LEU B 454 -15.60 14.16 1.63
N GLU B 455 -15.53 14.42 2.94
CA GLU B 455 -14.60 13.68 3.78
C GLU B 455 -14.94 12.20 3.79
N ALA B 456 -16.25 11.89 3.81
CA ALA B 456 -16.67 10.48 3.73
C ALA B 456 -16.20 9.84 2.42
N ALA B 457 -16.30 10.58 1.32
CA ALA B 457 -15.83 10.05 0.04
C ALA B 457 -14.34 9.75 0.07
N THR B 458 -13.54 10.65 0.65
CA THR B 458 -12.11 10.41 0.73
C THR B 458 -11.81 9.19 1.60
N GLN B 459 -12.50 9.05 2.72
CA GLN B 459 -12.29 7.89 3.59
C GLN B 459 -12.63 6.60 2.87
N GLY B 460 -13.74 6.59 2.13
CA GLY B 460 -14.10 5.40 1.36
C GLY B 460 -13.07 5.07 0.30
N ALA B 461 -12.55 6.11 -0.37
CA ALA B 461 -11.52 5.89 -1.37
C ALA B 461 -10.26 5.29 -0.76
N SER B 462 -9.81 5.84 0.36
CA SER B 462 -8.57 5.34 0.97
C SER B 462 -8.70 3.88 1.37
N SER B 463 -9.85 3.49 1.90
CA SER B 463 -10.04 2.10 2.34
C SER B 463 -9.93 1.12 1.18
N SER B 464 -10.26 1.56 -0.04
CA SER B 464 -10.26 0.66 -1.20
C SER B 464 -8.86 0.28 -1.65
N ILE B 465 -7.81 0.93 -1.14
CA ILE B 465 -6.46 0.65 -1.60
C ILE B 465 -6.06 -0.78 -1.24
N SER B 466 -6.20 -1.14 0.04
CA SER B 466 -5.84 -2.49 0.47
C SER B 466 -6.77 -3.52 -0.17
N LEU B 467 -8.02 -3.14 -0.42
CA LEU B 467 -8.97 -4.07 -1.00
C LEU B 467 -8.53 -4.54 -2.38
N VAL B 468 -8.23 -3.59 -3.27
CA VAL B 468 -7.83 -3.94 -4.64
C VAL B 468 -6.46 -4.60 -4.64
N ALA B 469 -5.54 -4.12 -3.80
CA ALA B 469 -4.20 -4.70 -3.77
C ALA B 469 -4.26 -6.17 -3.38
N ASN B 470 -5.00 -6.49 -2.32
CA ASN B 470 -5.12 -7.89 -1.91
C ASN B 470 -5.79 -8.73 -2.99
N ILE B 471 -6.82 -8.17 -3.65
CA ILE B 471 -7.49 -8.89 -4.73
C ILE B 471 -6.51 -9.26 -5.83
N ALA B 472 -5.73 -8.28 -6.29
CA ALA B 472 -4.82 -8.52 -7.41
C ALA B 472 -3.75 -9.54 -7.05
N VAL B 473 -3.14 -9.39 -5.88
CA VAL B 473 -2.06 -10.29 -5.49
C VAL B 473 -2.60 -11.71 -5.29
N ASN B 474 -3.75 -11.84 -4.64
CA ASN B 474 -4.33 -13.16 -4.41
C ASN B 474 -4.63 -13.85 -5.73
N LEU B 475 -5.16 -13.11 -6.71
CA LEU B 475 -5.44 -13.71 -8.01
C LEU B 475 -4.16 -14.18 -8.69
N ILE B 476 -3.11 -13.38 -8.63
CA ILE B 476 -1.84 -13.77 -9.25
C ILE B 476 -1.34 -15.06 -8.63
N ALA B 477 -1.33 -15.13 -7.30
CA ALA B 477 -0.82 -16.33 -6.62
C ALA B 477 -1.68 -17.54 -6.92
N PHE B 478 -3.00 -17.39 -6.85
CA PHE B 478 -3.88 -18.54 -7.03
C PHE B 478 -3.79 -19.12 -8.44
N LEU B 479 -3.80 -18.27 -9.46
CA LEU B 479 -3.72 -18.77 -10.83
C LEU B 479 -2.36 -19.39 -11.10
N ALA B 480 -1.30 -18.81 -10.53
CA ALA B 480 0.03 -19.42 -10.67
C ALA B 480 0.06 -20.80 -10.03
N LEU B 481 -0.52 -20.94 -8.85
CA LEU B 481 -0.60 -22.26 -8.21
C LEU B 481 -1.44 -23.22 -9.04
N LEU B 482 -2.54 -22.73 -9.62
CA LEU B 482 -3.39 -23.60 -10.42
C LEU B 482 -2.64 -24.15 -11.62
N SER B 483 -1.86 -23.30 -12.30
CA SER B 483 -1.07 -23.76 -13.43
C SER B 483 -0.04 -24.79 -13.00
N PHE B 484 0.64 -24.53 -11.87
CA PHE B 484 1.62 -25.49 -11.38
C PHE B 484 0.98 -26.81 -11.02
N MET B 485 -0.18 -26.78 -10.36
CA MET B 485 -0.85 -28.02 -9.99
C MET B 485 -1.24 -28.82 -11.23
N ASN B 486 -1.79 -28.15 -12.24
CA ASN B 486 -2.21 -28.84 -13.46
C ASN B 486 -1.03 -29.48 -14.16
N SER B 487 0.10 -28.77 -14.25
CA SER B 487 1.28 -29.35 -14.87
C SER B 487 1.78 -30.55 -14.10
N ALA B 488 1.79 -30.46 -12.77
CA ALA B 488 2.25 -31.58 -11.95
C ALA B 488 1.33 -32.79 -12.13
N LEU B 489 0.02 -32.57 -12.15
CA LEU B 489 -0.90 -33.69 -12.31
C LEU B 489 -0.77 -34.33 -13.69
N SER B 490 -0.57 -33.51 -14.73
CA SER B 490 -0.32 -34.07 -16.06
C SER B 490 0.96 -34.88 -16.07
N TRP B 491 2.00 -34.40 -15.39
CA TRP B 491 3.24 -35.16 -15.27
C TRP B 491 2.99 -36.49 -14.56
N LEU B 492 2.21 -36.47 -13.49
CA LEU B 492 1.90 -37.70 -12.77
C LEU B 492 0.95 -38.59 -13.57
N GLY B 493 0.00 -37.99 -14.29
CA GLY B 493 -0.97 -38.76 -15.03
C GLY B 493 -0.41 -39.44 -16.25
N ASN B 494 0.72 -38.95 -16.78
CA ASN B 494 1.31 -39.56 -17.97
C ASN B 494 1.88 -40.94 -17.68
N MET B 495 2.21 -41.23 -16.42
CA MET B 495 2.72 -42.55 -16.08
C MET B 495 1.73 -43.63 -16.48
N PHE B 496 0.44 -43.39 -16.25
CA PHE B 496 -0.62 -44.31 -16.59
C PHE B 496 -1.23 -44.03 -17.96
N ASP B 497 -0.49 -43.34 -18.84
CA ASP B 497 -0.96 -43.01 -20.18
C ASP B 497 -2.24 -42.18 -20.15
N TYR B 498 -2.41 -41.37 -19.10
CA TYR B 498 -3.55 -40.47 -18.96
C TYR B 498 -3.02 -39.08 -18.63
N PRO B 499 -2.54 -38.34 -19.64
CA PRO B 499 -1.96 -37.02 -19.38
C PRO B 499 -2.97 -35.89 -19.24
N GLN B 500 -4.26 -36.18 -19.23
CA GLN B 500 -5.29 -35.15 -19.12
C GLN B 500 -5.74 -34.92 -17.69
N LEU B 501 -5.14 -35.59 -16.72
CA LEU B 501 -5.52 -35.37 -15.33
C LEU B 501 -5.30 -33.91 -14.95
N SER B 502 -6.26 -33.34 -14.24
CA SER B 502 -6.19 -31.93 -13.90
C SER B 502 -7.07 -31.66 -12.69
N PHE B 503 -6.86 -30.47 -12.10
CA PHE B 503 -7.69 -30.02 -10.99
C PHE B 503 -9.15 -29.97 -11.39
N GLU B 504 -9.45 -29.57 -12.63
CA GLU B 504 -10.83 -29.51 -13.08
C GLU B 504 -11.48 -30.89 -13.11
N VAL B 505 -10.76 -31.89 -13.63
CA VAL B 505 -11.33 -33.22 -13.76
C VAL B 505 -11.70 -33.79 -12.38
N ILE B 506 -10.78 -33.66 -11.43
CA ILE B 506 -11.03 -34.20 -10.09
C ILE B 506 -12.23 -33.51 -9.45
N CYS B 507 -12.29 -32.18 -9.56
CA CYS B 507 -13.40 -31.45 -8.96
C CYS B 507 -14.72 -31.83 -9.63
N SER B 508 -14.69 -32.04 -10.94
CA SER B 508 -15.92 -32.39 -11.65
C SER B 508 -16.51 -33.69 -11.13
N TYR B 509 -15.66 -34.67 -10.86
CA TYR B 509 -16.10 -35.97 -10.37
C TYR B 509 -16.34 -36.00 -8.87
N VAL B 510 -15.93 -34.96 -8.14
CA VAL B 510 -16.08 -34.91 -6.70
C VAL B 510 -17.32 -34.13 -6.28
N PHE B 511 -17.46 -32.90 -6.79
CA PHE B 511 -18.56 -32.02 -6.41
C PHE B 511 -19.81 -32.22 -7.27
N MET B 512 -19.86 -33.30 -8.05
CA MET B 512 -21.03 -33.53 -8.90
C MET B 512 -22.30 -33.73 -8.08
N PRO B 513 -22.31 -34.55 -7.02
CA PRO B 513 -23.57 -34.75 -6.29
C PRO B 513 -24.16 -33.46 -5.74
N PHE B 514 -23.32 -32.54 -5.28
CA PHE B 514 -23.83 -31.28 -4.75
C PHE B 514 -24.57 -30.48 -5.81
N ALA B 515 -24.09 -30.53 -7.05
CA ALA B 515 -24.76 -29.80 -8.13
C ALA B 515 -26.01 -30.53 -8.61
N PHE B 516 -26.00 -31.86 -8.61
CA PHE B 516 -27.19 -32.60 -9.03
C PHE B 516 -28.35 -32.38 -8.07
N MET B 517 -28.06 -32.31 -6.77
CA MET B 517 -29.10 -32.04 -5.79
C MET B 517 -29.70 -30.66 -5.97
N MET B 518 -28.91 -29.70 -6.49
CA MET B 518 -29.44 -28.37 -6.74
C MET B 518 -30.32 -28.30 -7.98
N GLY B 519 -30.42 -29.38 -8.75
CA GLY B 519 -31.31 -29.44 -9.89
C GLY B 519 -30.64 -29.31 -11.25
N VAL B 520 -29.31 -29.30 -11.31
CA VAL B 520 -28.63 -29.24 -12.59
C VAL B 520 -28.71 -30.61 -13.26
N ASP B 521 -28.90 -30.60 -14.58
CA ASP B 521 -28.99 -31.84 -15.32
C ASP B 521 -27.66 -32.61 -15.26
N TRP B 522 -27.72 -33.87 -15.69
CA TRP B 522 -26.58 -34.76 -15.53
C TRP B 522 -25.36 -34.22 -16.28
N GLN B 523 -25.54 -33.78 -17.52
CA GLN B 523 -24.40 -33.32 -18.32
C GLN B 523 -23.77 -32.08 -17.72
N ASP B 524 -24.58 -31.10 -17.31
CA ASP B 524 -24.05 -29.83 -16.83
C ASP B 524 -23.60 -29.89 -15.38
N SER B 525 -23.96 -30.94 -14.63
CA SER B 525 -23.54 -31.03 -13.24
C SER B 525 -22.03 -31.10 -13.13
N PHE B 526 -21.39 -31.84 -14.04
CA PHE B 526 -19.93 -31.93 -14.03
C PHE B 526 -19.28 -30.58 -14.31
N MET B 527 -19.92 -29.74 -15.12
CA MET B 527 -19.36 -28.42 -15.41
C MET B 527 -19.55 -27.47 -14.24
N VAL B 528 -20.69 -27.54 -13.56
CA VAL B 528 -20.91 -26.70 -12.39
C VAL B 528 -19.97 -27.10 -11.26
N ALA B 529 -19.66 -28.39 -11.16
CA ALA B 529 -18.78 -28.86 -10.09
C ALA B 529 -17.41 -28.20 -10.15
N LYS B 530 -16.91 -27.93 -11.36
CA LYS B 530 -15.64 -27.26 -11.49
C LYS B 530 -15.69 -25.86 -10.88
N LEU B 531 -16.79 -25.13 -11.12
CA LEU B 531 -16.95 -23.80 -10.56
C LEU B 531 -17.00 -23.87 -9.04
N ILE B 532 -17.70 -24.88 -8.50
CA ILE B 532 -17.74 -25.06 -7.05
C ILE B 532 -16.34 -25.28 -6.51
N GLY B 533 -15.54 -26.10 -7.19
CA GLY B 533 -14.18 -26.33 -6.75
C GLY B 533 -13.34 -25.08 -6.77
N TYR B 534 -13.46 -24.29 -7.84
CA TYR B 534 -12.75 -23.02 -7.91
C TYR B 534 -13.10 -22.12 -6.73
N LYS B 535 -14.39 -22.06 -6.34
CA LYS B 535 -14.84 -21.16 -5.25
C LYS B 535 -14.35 -21.69 -3.91
N THR B 536 -14.39 -23.01 -3.68
CA THR B 536 -14.00 -23.64 -2.38
C THR B 536 -12.51 -23.48 -2.08
N PHE B 537 -11.62 -23.75 -3.04
CA PHE B 537 -10.14 -23.74 -2.81
C PHE B 537 -9.54 -22.37 -3.09
N PHE B 538 -10.00 -21.66 -4.13
CA PHE B 538 -9.55 -20.28 -4.46
C PHE B 538 -10.65 -19.34 -3.96
N ASN B 539 -10.78 -18.13 -4.52
CA ASN B 539 -11.86 -17.16 -4.16
C ASN B 539 -12.95 -17.25 -5.24
N GLU B 540 -14.03 -16.46 -5.15
CA GLU B 540 -15.12 -16.47 -6.10
C GLU B 540 -14.87 -15.56 -7.30
N PHE B 541 -13.78 -14.81 -7.31
CA PHE B 541 -13.40 -14.09 -8.53
C PHE B 541 -13.01 -15.06 -9.63
N VAL B 542 -12.31 -16.13 -9.29
CA VAL B 542 -11.92 -17.12 -10.29
C VAL B 542 -13.15 -17.83 -10.85
N ALA B 543 -14.07 -18.23 -9.98
CA ALA B 543 -15.24 -18.96 -10.43
C ALA B 543 -16.10 -18.12 -11.36
N TYR B 544 -16.32 -16.85 -11.02
CA TYR B 544 -17.13 -15.99 -11.88
C TYR B 544 -16.43 -15.68 -13.19
N GLN B 545 -15.09 -15.61 -13.17
CA GLN B 545 -14.35 -15.46 -14.42
C GLN B 545 -14.61 -16.63 -15.36
N GLN B 546 -14.55 -17.85 -14.83
CA GLN B 546 -14.83 -19.02 -15.64
C GLN B 546 -16.28 -19.06 -16.09
N LEU B 547 -17.20 -18.67 -15.20
CA LEU B 547 -18.62 -18.64 -15.58
C LEU B 547 -18.86 -17.64 -16.69
N SER B 548 -18.20 -16.49 -16.64
CA SER B 548 -18.36 -15.50 -17.70
C SER B 548 -17.87 -16.05 -19.04
N LYS B 549 -16.77 -16.80 -19.01
CA LYS B 549 -16.29 -17.44 -20.24
C LYS B 549 -17.38 -18.31 -20.84
N LEU B 550 -18.01 -19.16 -20.02
CA LEU B 550 -19.04 -20.06 -20.53
C LEU B 550 -20.24 -19.28 -21.06
N ILE B 551 -20.62 -18.21 -20.38
CA ILE B 551 -21.74 -17.41 -20.84
C ILE B 551 -21.43 -16.79 -22.20
N SER B 552 -20.23 -16.25 -22.37
CA SER B 552 -19.86 -15.67 -23.64
C SER B 552 -19.85 -16.72 -24.74
N LEU B 553 -19.35 -17.92 -24.45
CA LEU B 553 -19.31 -18.99 -25.44
C LEU B 553 -20.72 -19.31 -25.93
N ARG B 554 -21.68 -19.41 -25.00
CA ARG B 554 -23.05 -19.71 -25.38
C ARG B 554 -23.64 -18.58 -26.21
N GLN B 555 -23.42 -17.33 -25.80
CA GLN B 555 -23.99 -16.19 -26.52
C GLN B 555 -23.42 -16.09 -27.92
N VAL B 556 -22.17 -16.54 -28.12
CA VAL B 556 -21.60 -16.54 -29.46
C VAL B 556 -22.39 -17.43 -30.39
N GLY B 557 -22.80 -18.60 -29.91
CA GLY B 557 -23.57 -19.53 -30.70
C GLY B 557 -22.78 -20.64 -31.36
N GLY B 558 -21.54 -20.85 -30.95
CA GLY B 558 -20.71 -21.87 -31.54
C GLY B 558 -21.18 -23.26 -31.15
N PRO B 559 -20.48 -24.28 -31.66
CA PRO B 559 -20.87 -25.66 -31.36
C PRO B 559 -20.83 -25.94 -29.86
N LYS B 560 -21.82 -26.71 -29.40
CA LYS B 560 -21.88 -27.09 -27.99
C LYS B 560 -20.90 -28.21 -27.65
N PHE B 561 -20.45 -28.98 -28.64
CA PHE B 561 -19.47 -30.04 -28.44
C PHE B 561 -18.43 -29.97 -29.54
N VAL B 562 -17.16 -30.00 -29.15
CA VAL B 562 -16.05 -30.11 -30.07
C VAL B 562 -15.11 -31.19 -29.55
N ASP B 563 -14.80 -32.18 -30.39
CA ASP B 563 -13.96 -33.31 -30.00
C ASP B 563 -14.57 -34.06 -28.81
N GLY B 564 -15.89 -34.03 -28.69
CA GLY B 564 -16.56 -34.72 -27.61
C GLY B 564 -16.44 -34.04 -26.26
N VAL B 565 -16.14 -32.75 -26.23
CA VAL B 565 -16.02 -31.98 -25.00
C VAL B 565 -17.06 -30.87 -25.02
N GLN B 566 -17.86 -30.80 -23.96
CA GLN B 566 -18.89 -29.77 -23.87
C GLN B 566 -18.24 -28.41 -23.65
N GLN B 567 -18.65 -27.43 -24.47
CA GLN B 567 -18.06 -26.10 -24.40
C GLN B 567 -18.86 -25.16 -23.50
N TYR B 568 -20.18 -25.23 -23.54
CA TYR B 568 -21.03 -24.40 -22.69
C TYR B 568 -22.23 -25.21 -22.26
N MET B 569 -23.01 -24.64 -21.34
CA MET B 569 -24.16 -25.30 -20.76
C MET B 569 -25.37 -24.40 -20.86
N SER B 570 -26.49 -24.86 -20.31
CA SER B 570 -27.78 -24.21 -20.48
C SER B 570 -27.82 -22.88 -19.71
N MET B 571 -28.86 -22.09 -20.03
CA MET B 571 -29.06 -20.83 -19.34
C MET B 571 -29.51 -21.04 -17.90
N ARG B 572 -30.35 -22.05 -17.67
CA ARG B 572 -30.81 -22.35 -16.32
C ARG B 572 -29.65 -22.75 -15.42
N SER B 573 -28.72 -23.57 -15.94
CA SER B 573 -27.57 -23.97 -15.16
C SER B 573 -26.70 -22.77 -14.80
N GLU B 574 -26.58 -21.82 -15.73
CA GLU B 574 -25.81 -20.60 -15.43
C GLU B 574 -26.45 -19.82 -14.29
N ALA B 575 -27.78 -19.74 -14.28
CA ALA B 575 -28.47 -19.05 -13.19
C ALA B 575 -28.20 -19.75 -11.86
N ILE B 576 -28.34 -21.07 -11.84
CA ILE B 576 -28.12 -21.82 -10.60
C ILE B 576 -26.68 -21.63 -10.11
N SER B 577 -25.72 -21.70 -11.03
CA SER B 577 -24.33 -21.46 -10.64
C SER B 577 -24.14 -20.05 -10.12
N THR B 578 -24.89 -19.08 -10.64
CA THR B 578 -24.80 -17.71 -10.15
C THR B 578 -25.23 -17.62 -8.69
N TYR B 579 -26.30 -18.32 -8.33
CA TYR B 579 -26.78 -18.29 -6.94
C TYR B 579 -25.82 -19.03 -6.02
N ALA B 580 -25.30 -20.17 -6.46
CA ALA B 580 -24.45 -20.99 -5.60
C ALA B 580 -23.12 -20.33 -5.30
N LEU B 581 -22.63 -19.50 -6.21
CA LEU B 581 -21.31 -18.90 -6.09
C LEU B 581 -21.31 -17.56 -5.36
N CYS B 582 -22.48 -17.05 -4.95
CA CYS B 582 -22.56 -15.73 -4.33
C CYS B 582 -22.24 -15.86 -2.86
N GLY B 583 -20.94 -15.79 -2.54
CA GLY B 583 -20.52 -15.86 -1.15
C GLY B 583 -19.04 -15.63 -1.02
N PHE B 584 -18.64 -15.24 0.19
CA PHE B 584 -17.24 -15.05 0.55
C PHE B 584 -16.67 -16.25 1.28
N ALA B 585 -17.26 -17.42 1.11
CA ALA B 585 -16.88 -18.61 1.86
C ALA B 585 -15.75 -19.32 1.12
N ASN B 586 -14.54 -19.24 1.67
CA ASN B 586 -13.41 -19.99 1.17
C ASN B 586 -12.47 -20.26 2.34
N PHE B 587 -11.67 -21.32 2.20
CA PHE B 587 -10.78 -21.72 3.29
C PHE B 587 -9.81 -20.61 3.67
N GLY B 588 -9.38 -19.80 2.69
CA GLY B 588 -8.46 -18.73 3.00
C GLY B 588 -9.07 -17.64 3.85
N SER B 589 -10.35 -17.32 3.62
CA SER B 589 -11.01 -16.24 4.35
C SER B 589 -11.17 -16.57 5.82
N LEU B 590 -10.97 -17.83 6.22
CA LEU B 590 -11.18 -18.21 7.61
C LEU B 590 -10.25 -17.43 8.54
N GLY B 591 -8.98 -17.30 8.15
CA GLY B 591 -8.03 -16.63 9.03
C GLY B 591 -8.31 -15.15 9.20
N ILE B 592 -8.59 -14.45 8.09
CA ILE B 592 -8.80 -13.00 8.18
C ILE B 592 -10.09 -12.70 8.93
N VAL B 593 -11.11 -13.54 8.77
CA VAL B 593 -12.35 -13.36 9.52
C VAL B 593 -12.08 -13.49 11.01
N ILE B 594 -11.34 -14.53 11.40
CA ILE B 594 -11.02 -14.72 12.82
C ILE B 594 -10.20 -13.55 13.34
N GLY B 595 -9.20 -13.13 12.59
CA GLY B 595 -8.35 -12.05 13.05
C GLY B 595 -9.11 -10.75 13.25
N GLY B 596 -9.96 -10.40 12.29
CA GLY B 596 -10.72 -9.18 12.41
C GLY B 596 -11.72 -9.19 13.56
N LEU B 597 -12.40 -10.33 13.76
CA LEU B 597 -13.38 -10.41 14.83
C LEU B 597 -12.71 -10.45 16.19
N THR B 598 -11.54 -11.07 16.31
CA THR B 598 -10.78 -11.00 17.55
C THR B 598 -10.32 -9.58 17.83
N SER B 599 -9.89 -8.86 16.78
CA SER B 599 -9.45 -7.48 16.97
C SER B 599 -10.60 -6.60 17.46
N MET B 600 -11.83 -6.94 17.10
CA MET B 600 -12.98 -6.18 17.58
C MET B 600 -13.43 -6.63 18.97
N ALA B 601 -13.29 -7.92 19.29
CA ALA B 601 -13.68 -8.47 20.58
C ALA B 601 -12.53 -9.35 21.08
N PRO B 602 -11.48 -8.75 21.65
CA PRO B 602 -10.33 -9.57 22.07
C PRO B 602 -10.68 -10.64 23.09
N SER B 603 -11.64 -10.36 23.99
CA SER B 603 -11.96 -11.32 25.04
C SER B 603 -12.60 -12.59 24.51
N ARG B 604 -13.19 -12.57 23.32
CA ARG B 604 -13.93 -13.69 22.78
C ARG B 604 -13.12 -14.50 21.78
N LYS B 605 -11.79 -14.46 21.86
CA LYS B 605 -10.95 -15.17 20.90
C LYS B 605 -11.22 -16.67 20.94
N ARG B 606 -11.38 -17.24 22.15
CA ARG B 606 -11.60 -18.67 22.26
C ARG B 606 -12.90 -19.09 21.57
N ASP B 607 -13.96 -18.31 21.75
CA ASP B 607 -15.25 -18.65 21.16
C ASP B 607 -15.23 -18.45 19.65
N ILE B 608 -14.56 -17.42 19.18
CA ILE B 608 -14.55 -17.11 17.74
C ILE B 608 -13.94 -18.26 16.96
N THR B 609 -12.82 -18.80 17.43
CA THR B 609 -12.15 -19.86 16.70
C THR B 609 -13.00 -21.12 16.63
N ALA B 610 -13.75 -21.41 17.70
CA ALA B 610 -14.49 -22.66 17.76
C ALA B 610 -15.55 -22.74 16.67
N GLY B 611 -16.30 -21.65 16.46
CA GLY B 611 -17.40 -21.66 15.53
C GLY B 611 -17.08 -21.23 14.12
N ALA B 612 -15.84 -20.85 13.84
CA ALA B 612 -15.51 -20.35 12.51
C ALA B 612 -15.70 -21.43 11.45
N MET B 613 -15.23 -22.65 11.70
CA MET B 613 -15.34 -23.71 10.70
C MET B 613 -16.79 -24.07 10.44
N ARG B 614 -17.60 -24.19 11.50
CA ARG B 614 -19.02 -24.50 11.30
C ARG B 614 -19.71 -23.38 10.53
N ALA B 615 -19.33 -22.13 10.81
CA ALA B 615 -19.91 -21.00 10.10
C ALA B 615 -19.54 -21.04 8.62
N LEU B 616 -18.30 -21.40 8.32
CA LEU B 616 -17.87 -21.48 6.93
C LEU B 616 -18.66 -22.54 6.18
N ILE B 617 -18.93 -23.67 6.81
CA ILE B 617 -19.73 -24.71 6.17
C ILE B 617 -21.18 -24.27 6.03
N ALA B 618 -21.71 -23.59 7.04
CA ALA B 618 -23.11 -23.15 6.99
C ALA B 618 -23.32 -22.15 5.85
N GLY B 619 -22.36 -21.26 5.64
CA GLY B 619 -22.50 -20.30 4.56
C GLY B 619 -22.63 -20.96 3.20
N THR B 620 -21.81 -21.97 2.93
CA THR B 620 -21.90 -22.69 1.68
C THR B 620 -23.26 -23.38 1.53
N ILE B 621 -23.74 -23.99 2.62
CA ILE B 621 -25.04 -24.66 2.57
C ILE B 621 -26.13 -23.64 2.29
N ALA B 622 -26.04 -22.45 2.89
CA ALA B 622 -27.04 -21.43 2.64
C ALA B 622 -27.05 -21.01 1.18
N CYS B 623 -25.86 -20.85 0.59
CA CYS B 623 -25.78 -20.52 -0.83
C CYS B 623 -26.41 -21.62 -1.68
N PHE B 624 -26.16 -22.88 -1.32
CA PHE B 624 -26.79 -23.98 -2.05
C PHE B 624 -28.30 -23.97 -1.87
N LEU B 625 -28.77 -23.61 -0.67
CA LEU B 625 -30.21 -23.56 -0.43
C LEU B 625 -30.87 -22.53 -1.34
N THR B 626 -30.25 -21.37 -1.51
CA THR B 626 -30.77 -20.37 -2.44
C THR B 626 -30.80 -20.93 -3.86
N ALA B 627 -29.74 -21.62 -4.26
CA ALA B 627 -29.68 -22.19 -5.60
C ALA B 627 -30.79 -23.21 -5.82
N CYS B 628 -31.07 -24.04 -4.81
CA CYS B 628 -32.13 -25.03 -4.95
C CYS B 628 -33.48 -24.36 -5.18
N ILE B 629 -33.76 -23.29 -4.44
CA ILE B 629 -35.03 -22.58 -4.61
C ILE B 629 -35.10 -21.94 -5.99
N ALA B 630 -34.00 -21.37 -6.47
CA ALA B 630 -33.98 -20.82 -7.82
C ALA B 630 -34.21 -21.92 -8.85
N GLY B 631 -33.61 -23.09 -8.65
CA GLY B 631 -33.74 -24.15 -9.63
C GLY B 631 -35.15 -24.70 -9.74
N MET B 632 -35.87 -24.79 -8.63
CA MET B 632 -37.20 -25.36 -8.64
C MET B 632 -38.25 -24.40 -9.19
N LEU B 633 -37.90 -23.13 -9.40
CA LEU B 633 -38.83 -22.16 -9.96
C LEU B 633 -38.51 -21.80 -11.41
N THR B 634 -37.25 -21.90 -11.82
CA THR B 634 -36.89 -21.64 -13.20
C THR B 634 -37.30 -22.82 -14.09
N ASN B 635 -37.59 -22.51 -15.35
CA ASN B 635 -38.05 -23.50 -16.30
C ASN B 635 -36.93 -23.88 -17.27
N THR B 636 -37.08 -25.07 -17.85
CA THR B 636 -36.12 -25.55 -18.84
C THR B 636 -36.50 -25.02 -20.21
N PRO B 637 -35.65 -24.21 -20.87
CA PRO B 637 -36.04 -23.70 -22.18
C PRO B 637 -36.03 -24.77 -23.26
N GLU C 105 -30.65 -37.91 20.66
CA GLU C 105 -29.46 -38.21 19.88
C GLU C 105 -28.56 -39.19 20.62
N ARG C 106 -29.14 -40.29 21.11
CA ARG C 106 -28.36 -41.28 21.82
C ARG C 106 -27.32 -41.91 20.90
N MET C 107 -27.70 -42.18 19.65
CA MET C 107 -26.74 -42.74 18.70
C MET C 107 -25.57 -41.79 18.47
N CYS C 108 -25.86 -40.49 18.36
CA CYS C 108 -24.80 -39.52 18.18
C CYS C 108 -23.85 -39.51 19.37
N GLY C 109 -24.40 -39.59 20.59
CA GLY C 109 -23.55 -39.66 21.77
C GLY C 109 -22.69 -40.92 21.79
N ARG C 110 -23.25 -42.05 21.37
CA ARG C 110 -22.47 -43.28 21.28
C ARG C 110 -21.35 -43.13 20.25
N MET C 111 -21.65 -42.51 19.12
CA MET C 111 -20.62 -42.29 18.11
C MET C 111 -19.52 -41.38 18.65
N SER C 112 -19.91 -40.32 19.37
CA SER C 112 -18.90 -39.43 19.95
C SER C 112 -18.05 -40.17 20.97
N ASP C 113 -18.67 -41.01 21.80
CA ASP C 113 -17.92 -41.79 22.77
C ASP C 113 -16.97 -42.75 22.09
N PHE C 114 -17.42 -43.40 21.01
CA PHE C 114 -16.53 -44.30 20.28
C PHE C 114 -15.35 -43.55 19.69
N CYS C 115 -15.59 -42.37 19.10
CA CYS C 115 -14.51 -41.58 18.54
C CYS C 115 -13.50 -41.18 19.61
N ARG C 116 -14.00 -40.76 20.78
CA ARG C 116 -13.08 -40.36 21.85
C ARG C 116 -12.28 -41.55 22.35
N GLU C 117 -12.90 -42.72 22.43
CA GLU C 117 -12.24 -43.88 23.01
C GLU C 117 -11.01 -44.30 22.22
N HIS C 118 -11.09 -44.26 20.89
CA HIS C 118 -10.04 -44.75 20.01
C HIS C 118 -9.64 -43.67 19.02
N LYS C 119 -9.41 -42.45 19.51
CA LYS C 119 -9.02 -41.36 18.63
C LYS C 119 -7.68 -41.63 17.96
N THR C 120 -6.71 -42.13 18.72
CA THR C 120 -5.37 -42.33 18.17
C THR C 120 -5.36 -43.37 17.05
N THR C 121 -6.05 -44.49 17.25
CA THR C 121 -6.03 -45.55 16.24
C THR C 121 -6.79 -45.14 14.99
N LEU C 122 -7.85 -44.36 15.13
CA LEU C 122 -8.66 -43.97 13.98
C LEU C 122 -7.86 -43.11 13.01
N ARG C 123 -7.20 -42.07 13.52
CA ARG C 123 -6.45 -41.18 12.64
C ARG C 123 -5.21 -41.86 12.10
N TYR C 124 -4.55 -42.71 12.91
CA TYR C 124 -3.39 -43.44 12.42
C TYR C 124 -3.77 -44.36 11.26
N ILE C 125 -4.90 -45.04 11.37
CA ILE C 125 -5.35 -45.93 10.31
C ILE C 125 -5.62 -45.13 9.03
N ILE C 126 -6.26 -43.97 9.16
CA ILE C 126 -6.56 -43.15 7.99
C ILE C 126 -5.28 -42.73 7.29
N TRP C 127 -4.28 -42.29 8.05
CA TRP C 127 -3.01 -41.91 7.45
C TRP C 127 -2.34 -43.11 6.80
N GLY C 128 -2.40 -44.28 7.44
CA GLY C 128 -1.83 -45.48 6.84
C GLY C 128 -2.48 -45.82 5.51
N ILE C 129 -3.81 -45.67 5.44
CA ILE C 129 -4.51 -45.95 4.18
C ILE C 129 -4.05 -44.99 3.09
N LEU C 130 -3.91 -43.71 3.42
CA LEU C 130 -3.43 -42.74 2.44
C LEU C 130 -2.04 -43.09 1.96
N ILE C 131 -1.15 -43.48 2.88
CA ILE C 131 0.20 -43.87 2.49
C ILE C 131 0.16 -45.09 1.57
N ALA C 132 -0.68 -46.07 1.91
CA ALA C 132 -0.79 -47.26 1.07
C ALA C 132 -1.28 -46.90 -0.32
N GLY C 133 -2.25 -45.98 -0.42
CA GLY C 133 -2.72 -45.56 -1.72
C GLY C 133 -1.64 -44.91 -2.55
N TYR C 134 -0.83 -44.04 -1.94
CA TYR C 134 0.27 -43.41 -2.66
C TYR C 134 1.28 -44.44 -3.13
N LEU C 135 1.63 -45.40 -2.28
CA LEU C 135 2.57 -46.43 -2.68
C LEU C 135 1.99 -47.27 -3.81
N ALA C 136 0.68 -47.55 -3.76
CA ALA C 136 0.05 -48.31 -4.83
C ALA C 136 0.15 -47.57 -6.17
N LEU C 137 -0.05 -46.25 -6.15
CA LEU C 137 0.10 -45.47 -7.36
C LEU C 137 1.54 -45.53 -7.88
N VAL C 138 2.52 -45.42 -6.98
CA VAL C 138 3.92 -45.42 -7.40
C VAL C 138 4.28 -46.76 -8.02
N ILE C 139 3.96 -47.85 -7.33
CA ILE C 139 4.33 -49.17 -7.83
C ILE C 139 3.65 -49.45 -9.16
N ALA C 140 2.36 -49.10 -9.27
CA ALA C 140 1.65 -49.31 -10.51
C ALA C 140 2.28 -48.53 -11.65
N ALA C 141 2.67 -47.27 -11.38
CA ALA C 141 3.33 -46.47 -12.40
C ALA C 141 4.63 -47.12 -12.87
N CYS C 142 5.42 -47.64 -11.92
CA CYS C 142 6.67 -48.30 -12.30
C CYS C 142 6.38 -49.56 -13.10
N VAL C 143 5.33 -50.30 -12.74
CA VAL C 143 5.01 -51.54 -13.44
C VAL C 143 4.65 -51.26 -14.89
N MET C 144 3.81 -50.25 -15.12
CA MET C 144 3.42 -49.92 -16.48
C MET C 144 4.62 -49.48 -17.31
N ASN C 145 5.49 -48.67 -16.73
CA ASN C 145 6.71 -48.24 -17.40
C ASN C 145 7.65 -47.69 -16.34
N PHE C 146 8.90 -48.17 -16.36
CA PHE C 146 9.86 -47.81 -15.32
C PHE C 146 10.66 -46.56 -15.68
N HIS C 147 11.20 -46.51 -16.90
CA HIS C 147 11.99 -45.34 -17.30
C HIS C 147 11.16 -44.06 -17.22
N ARG C 148 9.86 -44.15 -17.49
CA ARG C 148 8.99 -42.97 -17.44
C ARG C 148 8.66 -42.57 -16.01
N ALA C 149 8.62 -43.53 -15.09
CA ALA C 149 8.26 -43.28 -13.70
C ALA C 149 9.46 -43.20 -12.78
N LEU C 150 10.67 -43.10 -13.33
CA LEU C 150 11.87 -43.12 -12.50
C LEU C 150 11.90 -41.98 -11.50
N PRO C 151 11.71 -40.71 -11.88
CA PRO C 151 11.83 -39.63 -10.88
C PRO C 151 10.85 -39.77 -9.72
N LEU C 152 9.64 -40.24 -9.97
CA LEU C 152 8.69 -40.46 -8.89
C LEU C 152 9.20 -41.52 -7.92
N PHE C 153 9.78 -42.60 -8.47
CA PHE C 153 10.37 -43.63 -7.62
C PHE C 153 11.52 -43.07 -6.79
N VAL C 154 12.36 -42.23 -7.40
CA VAL C 154 13.50 -41.67 -6.68
C VAL C 154 13.02 -40.80 -5.53
N ILE C 155 12.04 -39.94 -5.79
CA ILE C 155 11.54 -39.04 -4.75
C ILE C 155 10.97 -39.84 -3.59
N THR C 156 10.21 -40.89 -3.90
CA THR C 156 9.63 -41.73 -2.85
C THR C 156 10.74 -42.39 -2.03
N VAL C 157 11.79 -42.88 -2.69
CA VAL C 157 12.85 -43.60 -1.99
C VAL C 157 13.56 -42.67 -1.02
N VAL C 158 13.92 -41.47 -1.46
CA VAL C 158 14.67 -40.56 -0.60
C VAL C 158 13.80 -40.10 0.56
N ALA C 159 12.51 -39.87 0.30
CA ALA C 159 11.60 -39.47 1.38
C ALA C 159 11.50 -40.56 2.43
N ILE C 160 11.37 -41.82 1.99
CA ILE C 160 11.31 -42.93 2.93
C ILE C 160 12.59 -43.01 3.73
N PHE C 161 13.73 -42.87 3.06
CA PHE C 161 15.02 -42.97 3.74
C PHE C 161 15.15 -41.91 4.84
N PHE C 162 14.79 -40.67 4.53
CA PHE C 162 14.92 -39.60 5.51
C PHE C 162 13.95 -39.79 6.68
N VAL C 163 12.74 -40.23 6.39
CA VAL C 163 11.77 -40.45 7.47
C VAL C 163 12.26 -41.53 8.41
N VAL C 164 12.76 -42.64 7.87
CA VAL C 164 13.31 -43.70 8.70
C VAL C 164 14.52 -43.20 9.46
N TRP C 165 15.40 -42.48 8.78
CA TRP C 165 16.59 -41.95 9.44
C TRP C 165 16.22 -41.06 10.62
N ASP C 166 15.31 -40.11 10.40
CA ASP C 166 14.94 -39.18 11.46
C ASP C 166 14.34 -39.93 12.64
N HIS C 167 13.48 -40.91 12.38
CA HIS C 167 12.87 -41.68 13.46
C HIS C 167 13.93 -42.43 14.27
N LEU C 168 14.90 -43.05 13.58
CA LEU C 168 15.92 -43.80 14.29
C LEU C 168 16.80 -42.90 15.14
N MET C 169 17.20 -41.74 14.61
CA MET C 169 18.03 -40.83 15.40
C MET C 169 17.29 -40.36 16.63
N ALA C 170 16.00 -40.04 16.49
CA ALA C 170 15.21 -39.58 17.63
C ALA C 170 15.08 -40.66 18.69
N LYS C 171 14.85 -41.91 18.26
CA LYS C 171 14.58 -42.99 19.21
C LYS C 171 15.86 -43.51 19.84
N TYR C 172 16.94 -43.66 19.07
CA TYR C 172 18.17 -44.29 19.52
C TYR C 172 19.30 -43.29 19.72
N GLU C 173 18.97 -42.04 20.07
CA GLU C 173 20.01 -41.03 20.24
C GLU C 173 20.95 -41.40 21.38
N SER C 174 20.40 -41.83 22.51
CA SER C 174 21.24 -42.14 23.67
C SER C 174 22.19 -43.29 23.38
N GLN C 175 21.68 -44.35 22.76
CA GLN C 175 22.51 -45.52 22.47
C GLN C 175 23.64 -45.16 21.52
N ILE C 176 23.33 -44.39 20.48
CA ILE C 176 24.36 -44.00 19.52
C ILE C 176 25.42 -43.14 20.17
N ALA C 177 25.00 -42.18 21.00
CA ALA C 177 25.96 -41.31 21.68
C ALA C 177 26.88 -42.13 22.59
N ARG C 178 26.31 -43.07 23.34
CA ARG C 178 27.14 -43.93 24.18
C ARG C 178 28.08 -44.77 23.35
N PHE C 179 27.61 -45.26 22.20
CA PHE C 179 28.46 -46.08 21.33
C PHE C 179 29.63 -45.27 20.78
N LEU C 180 29.41 -44.00 20.47
CA LEU C 180 30.46 -43.15 19.92
C LEU C 180 31.45 -42.70 20.99
N SER C 181 31.02 -42.63 22.26
CA SER C 181 31.83 -42.04 23.31
C SER C 181 33.23 -42.65 23.42
N PRO C 182 33.40 -43.97 23.42
CA PRO C 182 34.76 -44.52 23.58
C PRO C 182 35.74 -44.00 22.54
N GLY C 183 35.32 -43.90 21.27
CA GLY C 183 36.21 -43.39 20.25
C GLY C 183 36.59 -41.94 20.50
N GLN C 184 35.63 -41.13 20.96
CA GLN C 184 35.93 -39.74 21.28
C GLN C 184 36.95 -39.63 22.40
N ARG C 185 36.80 -40.48 23.43
CA ARG C 185 37.77 -40.48 24.52
C ARG C 185 39.16 -40.85 24.02
N LEU C 186 39.26 -41.86 23.16
CA LEU C 186 40.55 -42.27 22.64
C LEU C 186 41.18 -41.16 21.81
N LEU C 187 40.38 -40.49 20.96
CA LEU C 187 40.91 -39.40 20.17
C LEU C 187 41.37 -38.25 21.06
N ASP C 188 40.61 -37.94 22.12
CA ASP C 188 41.02 -36.90 23.05
C ASP C 188 42.34 -37.24 23.72
N SER C 189 42.54 -38.52 24.06
CA SER C 189 43.77 -38.93 24.72
C SER C 189 44.98 -38.73 23.81
N HIS C 190 44.85 -39.09 22.53
CA HIS C 190 45.95 -39.01 21.58
C HIS C 190 45.99 -37.70 20.80
N TRP C 191 45.05 -36.79 21.06
CA TRP C 191 44.97 -35.57 20.27
C TRP C 191 46.19 -34.66 20.49
N PHE C 192 46.80 -34.71 21.68
CA PHE C 192 47.89 -33.79 21.96
C PHE C 192 49.03 -33.93 20.95
N TRP C 193 49.26 -35.13 20.45
CA TRP C 193 50.27 -35.35 19.41
C TRP C 193 49.68 -35.52 18.03
N LEU C 194 48.43 -36.01 17.92
CA LEU C 194 47.83 -36.25 16.62
C LEU C 194 47.41 -34.97 15.92
N LYS C 195 47.28 -33.86 16.66
CA LYS C 195 46.85 -32.61 16.04
C LYS C 195 47.89 -32.11 15.04
N TRP C 196 49.17 -32.24 15.36
CA TRP C 196 50.22 -31.78 14.46
C TRP C 196 50.20 -32.58 13.16
N VAL C 197 49.97 -33.89 13.25
CA VAL C 197 49.94 -34.72 12.04
C VAL C 197 48.79 -34.29 11.15
N ILE C 198 47.60 -34.11 11.72
CA ILE C 198 46.44 -33.74 10.92
C ILE C 198 46.64 -32.37 10.29
N TRP C 199 47.12 -31.41 11.07
CA TRP C 199 47.35 -30.07 10.53
C TRP C 199 48.39 -30.09 9.43
N GLY C 200 49.48 -30.84 9.63
CA GLY C 200 50.50 -30.92 8.60
C GLY C 200 49.99 -31.52 7.31
N CYS C 201 49.17 -32.57 7.42
CA CYS C 201 48.60 -33.18 6.22
C CYS C 201 47.70 -32.20 5.48
N LEU C 202 46.88 -31.44 6.21
CA LEU C 202 46.01 -30.47 5.57
C LEU C 202 46.81 -29.39 4.87
N ILE C 203 47.87 -28.89 5.51
CA ILE C 203 48.71 -27.88 4.89
C ILE C 203 49.37 -28.45 3.65
N LEU C 204 49.89 -29.67 3.72
CA LEU C 204 50.50 -30.30 2.56
C LEU C 204 49.50 -30.45 1.43
N GLY C 205 48.26 -30.84 1.75
CA GLY C 205 47.25 -30.96 0.71
C GLY C 205 46.96 -29.64 0.02
N VAL C 206 46.88 -28.56 0.79
CA VAL C 206 46.64 -27.24 0.21
C VAL C 206 47.78 -26.87 -0.73
N ILE C 207 49.03 -27.11 -0.30
CA ILE C 207 50.18 -26.79 -1.12
C ILE C 207 50.12 -27.58 -2.43
N LEU C 208 49.84 -28.88 -2.33
CA LEU C 208 49.82 -29.72 -3.53
C LEU C 208 48.73 -29.25 -4.50
N TRP C 209 47.56 -28.90 -3.98
CA TRP C 209 46.47 -28.43 -4.85
C TRP C 209 46.88 -27.16 -5.60
N LEU C 210 47.50 -26.22 -4.89
CA LEU C 210 47.95 -24.99 -5.54
C LEU C 210 48.95 -25.29 -6.64
N VAL C 211 49.94 -26.13 -6.36
CA VAL C 211 51.01 -26.37 -7.31
C VAL C 211 50.49 -27.06 -8.56
N PHE C 212 49.65 -28.09 -8.40
CA PHE C 212 49.27 -28.96 -9.50
C PHE C 212 47.96 -28.59 -10.18
N ASP C 213 47.15 -27.73 -9.57
CA ASP C 213 45.91 -27.27 -10.19
C ASP C 213 45.88 -25.76 -10.41
N THR C 214 46.12 -24.99 -9.36
CA THR C 214 46.00 -23.53 -9.47
C THR C 214 47.06 -22.97 -10.42
N ALA C 215 48.31 -23.41 -10.27
CA ALA C 215 49.37 -22.92 -11.15
C ALA C 215 49.09 -23.30 -12.61
N LYS C 216 48.61 -24.52 -12.84
CA LYS C 216 48.26 -24.93 -14.20
C LYS C 216 47.16 -24.05 -14.77
N LEU C 217 46.16 -23.71 -13.96
CA LEU C 217 45.05 -22.90 -14.46
C LEU C 217 45.53 -21.53 -14.89
N GLY C 218 46.38 -20.90 -14.11
CA GLY C 218 46.98 -19.64 -14.51
C GLY C 218 47.25 -18.74 -13.33
N GLN C 219 47.74 -17.54 -13.66
CA GLN C 219 48.11 -16.56 -12.65
C GLN C 219 46.89 -16.05 -11.90
N GLN C 220 45.79 -15.82 -12.60
CA GLN C 220 44.64 -15.17 -11.98
C GLN C 220 44.12 -15.97 -10.79
N GLN C 221 44.15 -17.31 -10.91
CA GLN C 221 43.67 -18.15 -9.82
C GLN C 221 44.56 -18.01 -8.58
N LEU C 222 45.88 -17.93 -8.79
CA LEU C 222 46.78 -17.68 -7.67
C LEU C 222 46.47 -16.35 -7.01
N VAL C 223 46.15 -15.33 -7.82
CA VAL C 223 45.80 -14.02 -7.26
C VAL C 223 44.53 -14.13 -6.43
N SER C 224 43.59 -14.97 -6.87
CA SER C 224 42.38 -15.19 -6.07
C SER C 224 42.71 -15.76 -4.70
N PHE C 225 43.62 -16.73 -4.66
CA PHE C 225 44.04 -17.29 -3.38
C PHE C 225 44.72 -16.23 -2.52
N GLY C 226 45.58 -15.41 -3.13
CA GLY C 226 46.21 -14.34 -2.38
C GLY C 226 45.21 -13.34 -1.82
N GLY C 227 44.19 -13.01 -2.61
CA GLY C 227 43.16 -12.12 -2.12
C GLY C 227 42.39 -12.72 -0.96
N LEU C 228 42.16 -14.03 -1.01
CA LEU C 228 41.50 -14.71 0.11
C LEU C 228 42.31 -14.56 1.39
N ILE C 229 43.62 -14.72 1.30
CA ILE C 229 44.48 -14.51 2.46
C ILE C 229 44.43 -13.06 2.90
N ILE C 230 44.48 -12.12 1.95
CA ILE C 230 44.57 -10.71 2.30
C ILE C 230 43.29 -10.25 2.99
N TYR C 231 42.14 -10.65 2.48
CA TYR C 231 40.88 -10.25 3.12
C TYR C 231 40.80 -10.78 4.53
N THR C 232 41.23 -12.03 4.75
CA THR C 232 41.23 -12.59 6.10
C THR C 232 42.19 -11.84 7.01
N SER C 233 43.36 -11.49 6.49
CA SER C 233 44.32 -10.74 7.31
C SER C 233 43.78 -9.37 7.69
N LEU C 234 43.15 -8.67 6.75
CA LEU C 234 42.60 -7.35 7.05
C LEU C 234 41.51 -7.44 8.11
N THR C 235 40.65 -8.45 8.02
CA THR C 235 39.64 -8.65 9.05
C THR C 235 40.26 -8.89 10.41
N PHE C 236 41.41 -9.56 10.44
CA PHE C 236 42.10 -9.81 11.70
C PHE C 236 42.67 -8.53 12.30
N LEU C 237 43.30 -7.69 11.47
CA LEU C 237 43.92 -6.47 11.97
C LEU C 237 42.88 -5.54 12.59
N PHE C 238 41.75 -5.35 11.90
CA PHE C 238 40.70 -4.44 12.35
C PHE C 238 39.66 -5.14 13.22
N SER C 239 40.02 -6.24 13.87
CA SER C 239 39.07 -6.99 14.66
C SER C 239 38.75 -6.24 15.96
N LYS C 240 37.59 -6.57 16.52
CA LYS C 240 37.17 -5.94 17.78
C LYS C 240 38.06 -6.39 18.93
N HIS C 241 38.32 -7.69 19.03
CA HIS C 241 39.18 -8.26 20.07
C HIS C 241 40.21 -9.15 19.38
N PRO C 242 41.26 -8.55 18.79
CA PRO C 242 42.24 -9.37 18.06
C PRO C 242 42.88 -10.45 18.91
N THR C 243 43.11 -10.18 20.19
CA THR C 243 43.75 -11.19 21.05
C THR C 243 42.82 -12.37 21.31
N LYS C 244 41.53 -12.10 21.49
CA LYS C 244 40.56 -13.13 21.87
C LYS C 244 39.86 -13.70 20.63
N VAL C 245 40.65 -14.34 19.77
CA VAL C 245 40.16 -14.91 18.52
C VAL C 245 40.18 -16.43 18.64
N TYR C 246 39.05 -17.06 18.32
CA TYR C 246 38.92 -18.51 18.29
C TYR C 246 38.99 -18.94 16.83
N TRP C 247 40.10 -19.59 16.45
CA TRP C 247 40.42 -19.81 15.05
C TRP C 247 39.74 -21.04 14.46
N ARG C 248 39.11 -21.89 15.27
CA ARG C 248 38.44 -23.05 14.72
C ARG C 248 37.34 -22.68 13.73
N PRO C 249 36.39 -21.81 14.06
CA PRO C 249 35.35 -21.48 13.07
C PRO C 249 35.88 -20.87 11.79
N VAL C 250 36.95 -20.06 11.87
CA VAL C 250 37.45 -19.39 10.67
C VAL C 250 37.96 -20.42 9.67
N PHE C 251 38.82 -21.34 10.11
CA PHE C 251 39.37 -22.33 9.19
C PHE C 251 38.30 -23.28 8.69
N TRP C 252 37.40 -23.72 9.57
CA TRP C 252 36.35 -24.63 9.15
C TRP C 252 35.41 -23.99 8.13
N GLY C 253 35.08 -22.71 8.34
CA GLY C 253 34.20 -22.04 7.40
C GLY C 253 34.81 -21.93 6.01
N ILE C 254 36.10 -21.56 5.96
CA ILE C 254 36.80 -21.50 4.67
C ILE C 254 36.91 -22.89 4.06
N GLY C 255 37.20 -23.90 4.88
CA GLY C 255 37.32 -25.26 4.36
C GLY C 255 36.00 -25.77 3.80
N LEU C 256 34.90 -25.48 4.48
CA LEU C 256 33.60 -25.91 3.98
C LEU C 256 33.28 -25.26 2.64
N GLN C 257 33.61 -23.98 2.49
CA GLN C 257 33.43 -23.31 1.20
C GLN C 257 34.27 -23.99 0.12
N PHE C 258 35.52 -24.31 0.44
CA PHE C 258 36.39 -24.95 -0.53
C PHE C 258 35.85 -26.31 -0.95
N LEU C 259 35.36 -27.10 0.01
CA LEU C 259 34.80 -28.40 -0.34
C LEU C 259 33.53 -28.27 -1.17
N LEU C 260 32.66 -27.33 -0.82
CA LEU C 260 31.45 -27.11 -1.59
C LEU C 260 31.79 -26.68 -3.02
N GLY C 261 32.76 -25.79 -3.17
CA GLY C 261 33.17 -25.38 -4.51
C GLY C 261 33.73 -26.53 -5.32
N LEU C 262 34.55 -27.38 -4.69
CA LEU C 262 35.10 -28.53 -5.39
C LEU C 262 33.99 -29.47 -5.86
N LEU C 263 33.02 -29.75 -4.99
CA LEU C 263 31.98 -30.71 -5.35
C LEU C 263 31.03 -30.16 -6.41
N ILE C 264 30.78 -28.84 -6.38
CA ILE C 264 29.79 -28.26 -7.28
C ILE C 264 30.38 -27.75 -8.58
N LEU C 265 31.67 -27.40 -8.60
CA LEU C 265 32.31 -26.82 -9.77
C LEU C 265 33.23 -27.79 -10.51
N ARG C 266 33.94 -28.66 -9.78
CA ARG C 266 34.97 -29.50 -10.37
C ARG C 266 34.60 -30.98 -10.38
N THR C 267 33.31 -31.30 -10.28
CA THR C 267 32.85 -32.67 -10.35
C THR C 267 31.60 -32.74 -11.22
N GLU C 268 31.54 -33.75 -12.09
CA GLU C 268 30.38 -33.91 -12.95
C GLU C 268 29.09 -34.11 -12.15
N PRO C 269 29.05 -34.93 -11.09
CA PRO C 269 27.80 -35.08 -10.34
C PRO C 269 27.26 -33.76 -9.79
N GLY C 270 28.08 -33.04 -9.02
CA GLY C 270 27.60 -31.79 -8.44
C GLY C 270 27.28 -30.74 -9.48
N PHE C 271 28.09 -30.66 -10.54
CA PHE C 271 27.81 -29.72 -11.62
C PHE C 271 26.46 -30.02 -12.26
N MET C 272 26.20 -31.30 -12.54
CA MET C 272 24.91 -31.68 -13.11
C MET C 272 23.77 -31.39 -12.15
N ALA C 273 23.97 -31.69 -10.87
CA ALA C 273 22.90 -31.54 -9.89
C ALA C 273 22.42 -30.09 -9.81
N PHE C 274 23.37 -29.15 -9.71
CA PHE C 274 23.00 -27.75 -9.58
C PHE C 274 22.54 -27.15 -10.90
N ASP C 275 23.05 -27.64 -12.03
CA ASP C 275 22.49 -27.23 -13.31
C ASP C 275 21.05 -27.68 -13.45
N TRP C 276 20.75 -28.91 -13.04
CA TRP C 276 19.38 -29.40 -13.01
C TRP C 276 18.53 -28.58 -12.05
N LEU C 277 19.07 -28.30 -10.87
CA LEU C 277 18.32 -27.52 -9.88
C LEU C 277 18.00 -26.13 -10.38
N GLY C 278 18.97 -25.49 -11.06
CA GLY C 278 18.71 -24.17 -11.61
C GLY C 278 17.65 -24.18 -12.69
N LYS C 279 17.66 -25.21 -13.53
CA LYS C 279 16.69 -25.29 -14.62
C LYS C 279 15.28 -25.46 -14.08
N GLN C 280 15.12 -26.20 -12.98
CA GLN C 280 13.80 -26.36 -12.39
C GLN C 280 13.24 -25.01 -11.91
N VAL C 281 14.10 -24.19 -11.31
CA VAL C 281 13.66 -22.87 -10.87
C VAL C 281 13.23 -22.03 -12.07
N GLN C 282 13.97 -22.14 -13.17
CA GLN C 282 13.62 -21.40 -14.38
C GLN C 282 12.26 -21.83 -14.91
N THR C 283 11.96 -23.12 -14.84
CA THR C 283 10.63 -23.59 -15.20
C THR C 283 9.58 -23.10 -14.21
N PHE C 284 9.93 -23.07 -12.92
CA PHE C 284 8.97 -22.72 -11.88
C PHE C 284 8.52 -21.28 -11.97
N LEU C 285 9.40 -20.37 -12.40
CA LEU C 285 9.06 -18.96 -12.45
C LEU C 285 8.18 -18.60 -13.64
N GLY C 286 7.97 -19.53 -14.58
CA GLY C 286 7.09 -19.27 -15.70
C GLY C 286 5.62 -19.42 -15.39
N TYR C 287 5.28 -20.01 -14.26
CA TYR C 287 3.88 -20.22 -13.91
C TYR C 287 3.19 -18.92 -13.55
N SER C 288 3.94 -17.93 -13.06
CA SER C 288 3.35 -16.65 -12.67
C SER C 288 2.75 -15.91 -13.86
N ASP C 289 3.15 -16.27 -15.08
CA ASP C 289 2.61 -15.61 -16.27
C ASP C 289 1.10 -15.79 -16.38
N ALA C 290 0.58 -16.89 -15.85
CA ALA C 290 -0.87 -17.12 -15.92
C ALA C 290 -1.63 -16.05 -15.15
N GLY C 291 -1.18 -15.72 -13.95
CA GLY C 291 -1.83 -14.67 -13.18
C GLY C 291 -1.57 -13.28 -13.74
N ALA C 292 -0.34 -13.05 -14.20
CA ALA C 292 0.00 -11.74 -14.76
C ALA C 292 -0.81 -11.46 -16.03
N SER C 293 -1.04 -12.49 -16.84
CA SER C 293 -1.79 -12.30 -18.07
C SER C 293 -3.22 -11.87 -17.79
N PHE C 294 -3.86 -12.46 -16.78
CA PHE C 294 -5.24 -12.11 -16.48
C PHE C 294 -5.34 -10.72 -15.87
N VAL C 295 -4.55 -10.44 -14.83
CA VAL C 295 -4.66 -9.16 -14.13
C VAL C 295 -4.26 -8.01 -15.05
N PHE C 296 -3.17 -8.17 -15.79
CA PHE C 296 -2.61 -7.10 -16.61
C PHE C 296 -2.86 -7.32 -18.09
N GLY C 297 -3.60 -8.36 -18.46
CA GLY C 297 -3.95 -8.58 -19.85
C GLY C 297 -2.85 -9.27 -20.63
N GLU C 298 -3.14 -9.53 -21.89
CA GLU C 298 -2.16 -10.13 -22.80
C GLU C 298 -1.08 -9.15 -23.22
N LYS C 299 -1.25 -7.86 -22.93
CA LYS C 299 -0.23 -6.85 -23.19
C LYS C 299 0.65 -6.59 -21.98
N TYR C 300 0.67 -7.51 -21.01
CA TYR C 300 1.48 -7.33 -19.82
C TYR C 300 2.97 -7.28 -20.14
N THR C 301 3.37 -7.74 -21.33
CA THR C 301 4.76 -7.67 -21.74
C THR C 301 5.17 -6.30 -22.25
N ASP C 302 4.21 -5.40 -22.48
CA ASP C 302 4.55 -4.03 -22.83
C ASP C 302 5.29 -3.36 -21.68
N HIS C 303 5.05 -3.80 -20.44
CA HIS C 303 5.73 -3.30 -19.25
C HIS C 303 6.34 -4.52 -18.58
N PHE C 304 7.57 -4.86 -18.98
CA PHE C 304 8.18 -6.11 -18.57
C PHE C 304 8.35 -6.20 -17.06
N PHE C 305 9.17 -5.30 -16.50
CA PHE C 305 9.56 -5.42 -15.10
C PHE C 305 8.34 -5.41 -14.17
N ALA C 306 7.48 -4.39 -14.32
CA ALA C 306 6.39 -4.21 -13.37
C ALA C 306 5.36 -5.33 -13.47
N PHE C 307 4.97 -5.71 -14.69
CA PHE C 307 3.86 -6.62 -14.91
C PHE C 307 4.27 -8.05 -15.13
N LYS C 308 5.57 -8.35 -15.23
CA LYS C 308 5.99 -9.73 -15.39
C LYS C 308 6.96 -10.19 -14.31
N VAL C 309 7.90 -9.33 -13.92
CA VAL C 309 8.93 -9.73 -12.96
C VAL C 309 8.39 -9.71 -11.54
N LEU C 310 7.74 -8.62 -11.14
CA LEU C 310 7.23 -8.53 -9.79
C LEU C 310 6.26 -9.65 -9.45
N PRO C 311 5.34 -10.06 -10.34
CA PRO C 311 4.52 -11.23 -10.05
C PRO C 311 5.33 -12.47 -9.70
N ILE C 312 6.53 -12.61 -10.25
CA ILE C 312 7.39 -13.72 -9.87
C ILE C 312 7.74 -13.63 -8.38
N VAL C 313 8.03 -12.42 -7.91
CA VAL C 313 8.31 -12.21 -6.49
C VAL C 313 7.09 -12.59 -5.67
N ILE C 314 5.90 -12.21 -6.13
CA ILE C 314 4.67 -12.54 -5.41
C ILE C 314 4.51 -14.05 -5.34
N PHE C 315 4.69 -14.73 -6.46
CA PHE C 315 4.48 -16.18 -6.50
C PHE C 315 5.47 -16.91 -5.60
N PHE C 316 6.74 -16.51 -5.62
CA PHE C 316 7.73 -17.18 -4.79
C PHE C 316 7.46 -16.94 -3.31
N SER C 317 7.06 -15.72 -2.94
CA SER C 317 6.75 -15.45 -1.54
C SER C 317 5.59 -16.33 -1.09
N THR C 318 4.59 -16.52 -1.94
CA THR C 318 3.48 -17.41 -1.61
C THR C 318 3.97 -18.83 -1.37
N VAL C 319 4.81 -19.33 -2.26
CA VAL C 319 5.29 -20.71 -2.13
C VAL C 319 6.14 -20.87 -0.87
N MET C 320 6.97 -19.87 -0.56
CA MET C 320 7.80 -19.96 0.63
C MET C 320 6.96 -20.05 1.89
N SER C 321 5.88 -19.29 1.96
CA SER C 321 4.98 -19.36 3.11
C SER C 321 4.34 -20.75 3.22
N MET C 322 3.94 -21.31 2.08
CA MET C 322 3.34 -22.64 2.08
C MET C 322 4.32 -23.68 2.58
N LEU C 323 5.59 -23.59 2.12
CA LEU C 323 6.60 -24.53 2.59
C LEU C 323 6.86 -24.37 4.08
N TYR C 324 6.88 -23.12 4.57
CA TYR C 324 7.07 -22.90 5.99
C TYR C 324 5.96 -23.53 6.80
N TYR C 325 4.72 -23.42 6.32
CA TYR C 325 3.59 -24.06 7.00
C TYR C 325 3.77 -25.57 7.06
N LEU C 326 4.18 -26.18 5.95
CA LEU C 326 4.36 -27.63 5.93
C LEU C 326 5.50 -28.08 6.82
N GLY C 327 6.56 -27.27 6.94
CA GLY C 327 7.69 -27.59 7.78
C GLY C 327 8.92 -28.08 7.07
N LEU C 328 8.93 -28.11 5.74
CA LEU C 328 10.11 -28.53 5.01
C LEU C 328 11.26 -27.55 5.21
N MET C 329 10.97 -26.25 5.22
CA MET C 329 12.02 -25.26 5.35
C MET C 329 12.79 -25.44 6.67
N GLN C 330 12.06 -25.65 7.76
CA GLN C 330 12.72 -25.90 9.03
C GLN C 330 13.52 -27.19 8.99
N TRP C 331 12.99 -28.22 8.33
CA TRP C 331 13.68 -29.50 8.25
C TRP C 331 15.05 -29.34 7.62
N ILE C 332 15.13 -28.61 6.51
CA ILE C 332 16.42 -28.39 5.86
C ILE C 332 17.31 -27.51 6.73
N ILE C 333 16.73 -26.49 7.34
CA ILE C 333 17.51 -25.55 8.14
C ILE C 333 18.20 -26.28 9.29
N ARG C 334 17.47 -27.15 9.98
CA ARG C 334 18.07 -27.91 11.08
C ARG C 334 19.19 -28.80 10.59
N LYS C 335 19.00 -29.46 9.45
CA LYS C 335 20.03 -30.36 8.92
C LYS C 335 21.31 -29.61 8.61
N VAL C 336 21.19 -28.44 7.99
CA VAL C 336 22.37 -27.65 7.65
C VAL C 336 23.00 -27.05 8.89
N GLY C 337 22.17 -26.51 9.80
CA GLY C 337 22.69 -25.89 10.99
C GLY C 337 23.48 -26.83 11.87
N TRP C 338 23.07 -28.10 11.92
CA TRP C 338 23.81 -29.08 12.72
C TRP C 338 25.21 -29.27 12.18
N VAL C 339 25.37 -29.32 10.85
CA VAL C 339 26.68 -29.51 10.24
C VAL C 339 27.59 -28.35 10.60
N MET C 340 27.10 -27.12 10.45
CA MET C 340 27.92 -25.95 10.77
C MET C 340 28.24 -25.91 12.27
N LEU C 341 27.27 -26.27 13.10
CA LEU C 341 27.50 -26.25 14.55
C LEU C 341 28.56 -27.27 14.94
N VAL C 342 28.46 -28.49 14.40
CA VAL C 342 29.36 -29.56 14.82
C VAL C 342 30.79 -29.29 14.34
N THR C 343 30.94 -28.86 13.10
CA THR C 343 32.28 -28.66 12.53
C THR C 343 32.92 -27.38 13.05
N MET C 344 32.17 -26.28 13.03
CA MET C 344 32.74 -24.97 13.34
C MET C 344 32.72 -24.64 14.82
N GLY C 345 31.75 -25.16 15.56
CA GLY C 345 31.67 -24.89 16.98
C GLY C 345 30.97 -23.61 17.34
N THR C 346 30.08 -23.11 16.50
CA THR C 346 29.37 -21.88 16.77
C THR C 346 28.17 -22.14 17.68
N SER C 347 27.57 -21.05 18.15
CA SER C 347 26.39 -21.17 19.00
C SER C 347 25.19 -21.64 18.17
N PRO C 348 24.26 -22.37 18.80
CA PRO C 348 23.09 -22.84 18.03
C PRO C 348 22.28 -21.71 17.42
N VAL C 349 22.16 -20.58 18.10
CA VAL C 349 21.29 -19.52 17.60
C VAL C 349 21.83 -18.97 16.28
N GLU C 350 23.12 -18.62 16.25
CA GLU C 350 23.70 -18.07 15.04
C GLU C 350 23.78 -19.10 13.92
N SER C 351 24.02 -20.37 14.27
CA SER C 351 24.05 -21.43 13.26
C SER C 351 22.70 -21.56 12.58
N VAL C 352 21.61 -21.55 13.37
CA VAL C 352 20.27 -21.69 12.81
C VAL C 352 19.95 -20.50 11.91
N VAL C 353 20.27 -19.29 12.37
CA VAL C 353 19.96 -18.10 11.60
C VAL C 353 20.76 -18.08 10.30
N ALA C 354 22.04 -18.45 10.36
CA ALA C 354 22.85 -18.47 9.14
C ALA C 354 22.30 -19.47 8.14
N SER C 355 21.92 -20.66 8.60
CA SER C 355 21.32 -21.65 7.71
C SER C 355 19.99 -21.18 7.15
N GLY C 356 19.22 -20.42 7.94
CA GLY C 356 17.92 -19.96 7.48
C GLY C 356 17.99 -18.77 6.55
N ASN C 357 19.05 -17.98 6.66
CA ASN C 357 19.21 -16.82 5.78
C ASN C 357 19.55 -17.21 4.35
N ILE C 358 19.87 -18.48 4.10
CA ILE C 358 20.05 -18.94 2.73
C ILE C 358 18.76 -18.79 1.95
N PHE C 359 17.61 -19.03 2.60
CA PHE C 359 16.32 -19.01 1.96
C PHE C 359 15.48 -17.80 2.30
N ILE C 360 15.79 -17.10 3.39
CA ILE C 360 14.93 -16.06 3.93
C ILE C 360 15.69 -14.74 3.97
N GLY C 361 14.93 -13.65 3.96
CA GLY C 361 15.52 -12.32 3.96
C GLY C 361 16.10 -11.94 5.30
N GLN C 362 16.83 -10.82 5.29
CA GLN C 362 17.51 -10.35 6.49
C GLN C 362 16.52 -9.97 7.59
N THR C 363 15.33 -9.51 7.21
CA THR C 363 14.37 -8.99 8.17
C THR C 363 13.41 -10.05 8.71
N GLU C 364 13.35 -11.23 8.09
CA GLU C 364 12.45 -12.29 8.53
C GLU C 364 13.17 -13.52 9.04
N SER C 365 14.50 -13.57 8.95
CA SER C 365 15.26 -14.72 9.41
C SER C 365 15.36 -14.71 10.94
N PRO C 366 15.57 -13.55 11.58
CA PRO C 366 15.61 -13.54 13.05
C PRO C 366 14.33 -14.00 13.69
N LEU C 367 13.19 -13.92 12.99
CA LEU C 367 11.94 -14.41 13.55
C LEU C 367 12.00 -15.89 13.86
N LEU C 368 12.92 -16.63 13.24
CA LEU C 368 13.11 -18.03 13.60
C LEU C 368 13.48 -18.17 15.07
N VAL C 369 14.18 -17.19 15.64
CA VAL C 369 14.43 -17.16 17.07
C VAL C 369 14.02 -15.79 17.60
N ARG C 370 12.74 -15.67 17.99
CA ARG C 370 12.24 -14.40 18.50
C ARG C 370 12.37 -14.33 20.02
N PRO C 371 11.92 -15.35 20.76
CA PRO C 371 11.95 -15.24 22.22
C PRO C 371 13.33 -15.04 22.81
N TYR C 372 14.36 -15.61 22.18
CA TYR C 372 15.69 -15.66 22.77
C TYR C 372 16.58 -14.49 22.33
N LEU C 373 16.06 -13.57 21.53
CA LEU C 373 16.87 -12.43 21.11
C LEU C 373 17.36 -11.59 22.29
N PRO C 374 16.54 -11.27 23.30
CA PRO C 374 17.04 -10.43 24.40
C PRO C 374 18.21 -11.05 25.15
N TYR C 375 18.38 -12.36 25.09
CA TYR C 375 19.38 -13.07 25.88
C TYR C 375 20.64 -13.42 25.09
N VAL C 376 20.72 -13.04 23.82
CA VAL C 376 21.91 -13.34 23.04
C VAL C 376 23.03 -12.38 23.40
N THR C 377 24.27 -12.77 23.07
CA THR C 377 25.43 -11.95 23.31
C THR C 377 25.63 -10.98 22.14
N LYS C 378 26.58 -10.07 22.33
CA LYS C 378 26.91 -9.12 21.26
C LYS C 378 27.45 -9.83 20.03
N SER C 379 28.29 -10.85 20.24
CA SER C 379 28.87 -11.56 19.10
C SER C 379 27.79 -12.26 18.29
N GLU C 380 26.84 -12.92 18.95
CA GLU C 380 25.77 -13.59 18.22
C GLU C 380 24.91 -12.59 17.46
N LEU C 381 24.64 -11.44 18.08
CA LEU C 381 23.86 -10.41 17.40
C LEU C 381 24.60 -9.90 16.17
N HIS C 382 25.91 -9.72 16.27
CA HIS C 382 26.71 -9.32 15.12
C HIS C 382 26.67 -10.39 14.03
N ALA C 383 26.74 -11.66 14.41
CA ALA C 383 26.69 -12.74 13.43
C ALA C 383 25.34 -12.77 12.73
N ILE C 384 24.26 -12.52 13.47
CA ILE C 384 22.93 -12.52 12.88
C ILE C 384 22.83 -11.45 11.79
N MET C 385 23.29 -10.23 12.09
CA MET C 385 23.24 -9.17 11.12
C MET C 385 24.18 -9.46 9.94
N THR C 386 25.35 -10.03 10.22
CA THR C 386 26.29 -10.35 9.16
C THR C 386 25.68 -11.38 8.20
N ALA C 387 25.03 -12.40 8.74
CA ALA C 387 24.41 -13.41 7.89
C ALA C 387 23.31 -12.80 7.02
N GLY C 388 22.54 -11.88 7.58
CA GLY C 388 21.51 -11.22 6.79
C GLY C 388 22.07 -10.42 5.64
N PHE C 389 23.20 -9.73 5.87
CA PHE C 389 23.81 -8.90 4.85
C PHE C 389 24.56 -9.69 3.80
N SER C 390 24.92 -10.94 4.08
CA SER C 390 25.76 -11.74 3.19
C SER C 390 24.95 -12.68 2.31
N THR C 391 23.62 -12.63 2.36
CA THR C 391 22.79 -13.54 1.61
C THR C 391 21.63 -12.78 0.97
N ILE C 392 20.89 -13.48 0.12
CA ILE C 392 19.69 -12.96 -0.52
C ILE C 392 18.51 -13.80 -0.05
N ALA C 393 17.31 -13.45 -0.52
CA ALA C 393 16.10 -14.19 -0.22
C ALA C 393 15.66 -14.99 -1.42
N GLY C 394 14.84 -16.01 -1.16
CA GLY C 394 14.31 -16.83 -2.23
C GLY C 394 13.21 -16.17 -3.03
N SER C 395 12.65 -15.07 -2.54
CA SER C 395 11.61 -14.36 -3.26
C SER C 395 12.18 -13.56 -4.43
N VAL C 396 13.36 -12.95 -4.25
CA VAL C 396 13.98 -12.15 -5.30
C VAL C 396 14.86 -12.97 -6.21
N LEU C 397 14.99 -14.28 -5.97
CA LEU C 397 15.84 -15.11 -6.82
C LEU C 397 15.32 -15.15 -8.25
N GLY C 398 14.02 -15.27 -8.42
CA GLY C 398 13.46 -15.37 -9.77
C GLY C 398 13.70 -14.12 -10.60
N ALA C 399 13.62 -12.95 -9.96
CA ALA C 399 13.85 -11.70 -10.69
C ALA C 399 15.26 -11.65 -11.25
N TYR C 400 16.26 -12.05 -10.45
CA TYR C 400 17.63 -12.05 -10.92
C TYR C 400 17.82 -13.03 -12.08
N ILE C 401 17.16 -14.18 -12.00
CA ILE C 401 17.24 -15.15 -13.08
C ILE C 401 16.55 -14.61 -14.33
N SER C 402 15.43 -13.91 -14.15
CA SER C 402 14.73 -13.33 -15.30
C SER C 402 15.62 -12.34 -16.04
N PHE C 403 16.45 -11.60 -15.31
CA PHE C 403 17.37 -10.68 -15.96
C PHE C 403 18.32 -11.41 -16.90
N GLY C 404 18.81 -12.57 -16.47
CA GLY C 404 19.73 -13.35 -17.27
C GLY C 404 20.90 -13.89 -16.47
N VAL C 405 20.89 -13.65 -15.15
CA VAL C 405 21.96 -14.12 -14.31
C VAL C 405 21.85 -15.63 -14.12
N SER C 406 23.00 -16.29 -14.03
CA SER C 406 23.03 -17.74 -13.92
C SER C 406 22.33 -18.21 -12.65
N SER C 407 21.44 -19.19 -12.81
CA SER C 407 20.75 -19.75 -11.65
C SER C 407 21.68 -20.62 -10.82
N SER C 408 22.52 -21.43 -11.48
CA SER C 408 23.42 -22.32 -10.75
C SER C 408 24.37 -21.54 -9.86
N HIS C 409 24.95 -20.46 -10.39
CA HIS C 409 25.90 -19.67 -9.61
C HIS C 409 25.20 -18.98 -8.44
N LEU C 410 23.98 -18.50 -8.65
CA LEU C 410 23.24 -17.87 -7.56
C LEU C 410 22.97 -18.85 -6.42
N LEU C 411 22.55 -20.07 -6.76
CA LEU C 411 22.32 -21.08 -5.74
C LEU C 411 23.62 -21.44 -5.03
N THR C 412 24.70 -21.62 -5.80
CA THR C 412 25.98 -21.98 -5.20
C THR C 412 26.47 -20.87 -4.27
N ALA C 413 26.34 -19.62 -4.68
CA ALA C 413 26.79 -18.51 -3.85
C ALA C 413 25.97 -18.42 -2.57
N SER C 414 24.66 -18.60 -2.66
CA SER C 414 23.82 -18.53 -1.47
C SER C 414 24.21 -19.59 -0.46
N VAL C 415 24.51 -20.80 -0.92
CA VAL C 415 24.91 -21.87 -0.02
C VAL C 415 26.25 -21.56 0.62
N MET C 416 27.21 -21.08 -0.18
CA MET C 416 28.55 -20.82 0.31
C MET C 416 28.63 -19.60 1.21
N SER C 417 27.61 -18.75 1.22
CA SER C 417 27.67 -17.50 1.96
C SER C 417 27.49 -17.68 3.46
N ALA C 418 26.94 -18.79 3.91
CA ALA C 418 26.66 -18.96 5.33
C ALA C 418 27.93 -19.25 6.12
N PRO C 419 28.73 -20.26 5.73
CA PRO C 419 29.99 -20.48 6.47
C PRO C 419 30.92 -19.27 6.44
N ALA C 420 30.97 -18.55 5.31
CA ALA C 420 31.79 -17.35 5.24
C ALA C 420 31.30 -16.28 6.21
N ALA C 421 29.98 -16.11 6.29
CA ALA C 421 29.41 -15.10 7.18
C ALA C 421 29.79 -15.37 8.63
N LEU C 422 29.67 -16.62 9.07
CA LEU C 422 30.02 -16.98 10.44
C LEU C 422 31.52 -16.85 10.67
N ALA C 423 32.33 -17.30 9.72
CA ALA C 423 33.78 -17.22 9.87
C ALA C 423 34.24 -15.77 10.01
N ILE C 424 33.77 -14.90 9.11
CA ILE C 424 34.16 -13.50 9.17
C ILE C 424 33.61 -12.84 10.42
N SER C 425 32.38 -13.19 10.80
CA SER C 425 31.78 -12.59 11.99
C SER C 425 32.58 -12.95 13.24
N LYS C 426 32.97 -14.23 13.37
CA LYS C 426 33.74 -14.64 14.53
C LYS C 426 35.10 -13.95 14.57
N LEU C 427 35.75 -13.83 13.41
CA LEU C 427 37.04 -13.17 13.35
C LEU C 427 36.91 -11.67 13.57
N PHE C 428 35.92 -11.05 12.92
CA PHE C 428 35.74 -9.61 13.07
C PHE C 428 35.27 -9.24 14.47
N TRP C 429 34.33 -10.00 15.02
CA TRP C 429 33.78 -9.78 16.35
C TRP C 429 33.74 -11.11 17.08
N PRO C 430 34.82 -11.50 17.74
CA PRO C 430 34.83 -12.80 18.44
C PRO C 430 34.01 -12.74 19.74
N GLU C 431 33.83 -13.91 20.32
CA GLU C 431 33.00 -14.07 21.51
C GLU C 431 33.84 -13.91 22.77
N THR C 432 33.35 -13.05 23.69
CA THR C 432 34.01 -12.82 24.97
C THR C 432 33.06 -13.03 26.13
N GLU C 433 31.91 -13.66 25.90
CA GLU C 433 30.90 -13.87 26.93
C GLU C 433 30.48 -15.34 26.91
N THR C 434 29.52 -15.68 27.77
CA THR C 434 29.01 -17.04 27.87
C THR C 434 27.65 -17.13 27.22
N PRO C 435 27.46 -17.92 26.16
CA PRO C 435 26.13 -18.03 25.55
C PRO C 435 25.15 -18.69 26.50
N LYS C 436 23.89 -18.25 26.43
CA LYS C 436 22.84 -18.74 27.31
C LYS C 436 21.89 -19.72 26.63
N ILE C 437 21.60 -19.52 25.34
CA ILE C 437 20.62 -20.35 24.65
C ILE C 437 21.25 -21.69 24.32
N ASN C 438 20.42 -22.74 24.33
CA ASN C 438 20.86 -24.10 24.08
C ASN C 438 20.33 -24.59 22.74
N LEU C 439 20.69 -25.83 22.39
CA LEU C 439 20.38 -26.35 21.07
C LEU C 439 18.90 -26.59 20.89
N LYS C 440 18.25 -27.23 21.87
CA LYS C 440 16.84 -27.56 21.74
C LYS C 440 15.99 -26.31 21.58
N ASN C 441 16.29 -25.27 22.36
CA ASN C 441 15.53 -24.02 22.25
C ASN C 441 15.71 -23.37 20.89
N ALA C 442 16.94 -23.36 20.38
CA ALA C 442 17.19 -22.73 19.09
C ALA C 442 16.55 -23.49 17.95
N MET C 443 16.64 -24.82 17.96
CA MET C 443 16.14 -25.60 16.84
C MET C 443 14.63 -25.52 16.72
N LYS C 444 13.91 -25.48 17.84
CA LYS C 444 12.46 -25.35 17.77
C LYS C 444 12.12 -24.00 17.17
N MET C 445 11.43 -24.02 16.03
CA MET C 445 11.06 -22.81 15.31
C MET C 445 9.54 -22.77 15.21
N GLU C 446 8.95 -21.68 15.67
CA GLU C 446 7.50 -21.57 15.79
C GLU C 446 6.90 -21.23 14.43
N SER C 447 6.09 -22.13 13.89
CA SER C 447 5.39 -21.87 12.64
C SER C 447 4.35 -20.77 12.86
N GLY C 448 3.92 -20.17 11.76
CA GLY C 448 3.01 -19.05 11.82
C GLY C 448 1.61 -19.47 12.18
N ASP C 449 0.74 -18.47 12.34
CA ASP C 449 -0.65 -18.69 12.72
C ASP C 449 -1.50 -18.88 11.45
N SER C 450 -1.30 -20.05 10.83
CA SER C 450 -2.03 -20.44 9.63
C SER C 450 -2.75 -21.75 9.91
N ARG C 451 -4.08 -21.75 9.76
CA ARG C 451 -4.86 -22.94 10.06
C ARG C 451 -4.71 -23.99 8.96
N ASN C 452 -4.60 -23.57 7.70
CA ASN C 452 -4.52 -24.48 6.58
C ASN C 452 -3.56 -23.94 5.54
N LEU C 453 -3.31 -24.77 4.51
CA LEU C 453 -2.35 -24.42 3.48
C LEU C 453 -2.79 -23.18 2.71
N LEU C 454 -4.08 -23.08 2.40
CA LEU C 454 -4.56 -21.97 1.59
C LEU C 454 -4.47 -20.65 2.35
N GLU C 455 -4.72 -20.68 3.66
CA GLU C 455 -4.55 -19.46 4.45
C GLU C 455 -3.09 -19.02 4.45
N ALA C 456 -2.17 -19.98 4.49
CA ALA C 456 -0.75 -19.65 4.41
C ALA C 456 -0.43 -18.97 3.08
N ALA C 457 -1.01 -19.47 1.99
CA ALA C 457 -0.79 -18.85 0.69
C ALA C 457 -1.28 -17.40 0.67
N THR C 458 -2.46 -17.14 1.23
CA THR C 458 -2.96 -15.77 1.27
C THR C 458 -2.06 -14.88 2.09
N GLN C 459 -1.59 -15.37 3.25
CA GLN C 459 -0.70 -14.57 4.07
C GLN C 459 0.60 -14.24 3.35
N GLY C 460 1.17 -15.23 2.65
CA GLY C 460 2.36 -14.97 1.87
C GLY C 460 2.12 -13.96 0.77
N ALA C 461 0.97 -14.04 0.11
CA ALA C 461 0.64 -13.08 -0.94
C ALA C 461 0.54 -11.67 -0.38
N SER C 462 -0.17 -11.50 0.73
CA SER C 462 -0.36 -10.17 1.30
C SER C 462 0.96 -9.53 1.67
N SER C 463 1.89 -10.32 2.23
CA SER C 463 3.17 -9.77 2.65
C SER C 463 3.97 -9.23 1.46
N SER C 464 3.76 -9.77 0.27
CA SER C 464 4.53 -9.37 -0.90
C SER C 464 4.16 -7.97 -1.41
N ILE C 465 3.08 -7.38 -0.91
CA ILE C 465 2.64 -6.09 -1.42
C ILE C 465 3.67 -5.02 -1.10
N SER C 466 4.04 -4.90 0.17
CA SER C 466 5.05 -3.91 0.56
C SER C 466 6.39 -4.21 -0.07
N LEU C 467 6.70 -5.48 -0.26
CA LEU C 467 7.98 -5.87 -0.83
C LEU C 467 8.16 -5.30 -2.23
N VAL C 468 7.19 -5.55 -3.12
CA VAL C 468 7.29 -5.09 -4.50
C VAL C 468 7.18 -3.57 -4.56
N ALA C 469 6.30 -2.98 -3.73
CA ALA C 469 6.13 -1.54 -3.75
C ALA C 469 7.43 -0.84 -3.40
N ASN C 470 8.09 -1.27 -2.32
CA ASN C 470 9.35 -0.66 -1.93
C ASN C 470 10.41 -0.87 -3.01
N ILE C 471 10.44 -2.04 -3.63
CA ILE C 471 11.41 -2.31 -4.68
C ILE C 471 11.23 -1.31 -5.82
N ALA C 472 10.00 -1.15 -6.30
CA ALA C 472 9.74 -0.29 -7.45
C ALA C 472 10.08 1.16 -7.14
N VAL C 473 9.65 1.66 -5.99
CA VAL C 473 9.89 3.06 -5.64
C VAL C 473 11.39 3.31 -5.45
N ASN C 474 12.08 2.40 -4.77
CA ASN C 474 13.51 2.58 -4.56
C ASN C 474 14.27 2.61 -5.87
N LEU C 475 13.89 1.75 -6.82
CA LEU C 475 14.54 1.76 -8.13
C LEU C 475 14.31 3.08 -8.85
N ILE C 476 13.08 3.59 -8.81
CA ILE C 476 12.79 4.85 -9.48
C ILE C 476 13.66 5.97 -8.90
N ALA C 477 13.71 6.06 -7.57
CA ALA C 477 14.49 7.11 -6.93
C ALA C 477 15.97 6.98 -7.22
N PHE C 478 16.51 5.75 -7.12
CA PHE C 478 17.94 5.57 -7.28
C PHE C 478 18.39 5.89 -8.70
N LEU C 479 17.66 5.42 -9.71
CA LEU C 479 18.05 5.68 -11.08
C LEU C 479 17.90 7.16 -11.42
N ALA C 480 16.87 7.81 -10.88
CA ALA C 480 16.74 9.25 -11.06
C ALA C 480 17.92 10.00 -10.46
N LEU C 481 18.33 9.61 -9.24
CA LEU C 481 19.50 10.22 -8.63
C LEU C 481 20.75 9.96 -9.46
N LEU C 482 20.89 8.75 -9.98
CA LEU C 482 22.06 8.40 -10.78
C LEU C 482 22.17 9.30 -12.01
N SER C 483 21.04 9.51 -12.70
CA SER C 483 21.05 10.38 -13.87
C SER C 483 21.41 11.80 -13.48
N PHE C 484 20.85 12.30 -12.38
CA PHE C 484 21.18 13.65 -11.93
C PHE C 484 22.66 13.77 -11.59
N MET C 485 23.21 12.78 -10.88
CA MET C 485 24.62 12.84 -10.51
C MET C 485 25.50 12.85 -11.75
N ASN C 486 25.19 12.01 -12.73
CA ASN C 486 26.01 11.94 -13.94
C ASN C 486 25.97 13.27 -14.70
N SER C 487 24.79 13.87 -14.81
CA SER C 487 24.69 15.16 -15.48
C SER C 487 25.49 16.23 -14.74
N ALA C 488 25.40 16.25 -13.41
CA ALA C 488 26.14 17.22 -12.63
C ALA C 488 27.64 17.05 -12.81
N LEU C 489 28.11 15.79 -12.78
CA LEU C 489 29.55 15.55 -12.94
C LEU C 489 30.03 15.93 -14.32
N SER C 490 29.23 15.66 -15.35
CA SER C 490 29.58 16.10 -16.70
C SER C 490 29.64 17.62 -16.78
N TRP C 491 28.70 18.30 -16.11
CA TRP C 491 28.74 19.75 -16.05
C TRP C 491 30.01 20.24 -15.36
N LEU C 492 30.39 19.59 -14.26
CA LEU C 492 31.61 19.96 -13.55
C LEU C 492 32.85 19.57 -14.33
N GLY C 493 32.80 18.42 -15.02
CA GLY C 493 33.97 17.94 -15.74
C GLY C 493 34.27 18.72 -17.00
N ASN C 494 33.28 19.42 -17.55
CA ASN C 494 33.52 20.20 -18.76
C ASN C 494 34.42 21.40 -18.51
N MET C 495 34.51 21.87 -17.27
CA MET C 495 35.39 22.99 -16.98
C MET C 495 36.83 22.66 -17.36
N PHE C 496 37.26 21.43 -17.09
CA PHE C 496 38.60 20.97 -17.42
C PHE C 496 38.65 20.25 -18.76
N ASP C 497 37.68 20.51 -19.65
CA ASP C 497 37.64 19.89 -20.97
C ASP C 497 37.57 18.37 -20.87
N TYR C 498 36.95 17.85 -19.81
CA TYR C 498 36.74 16.42 -19.61
C TYR C 498 35.27 16.19 -19.28
N PRO C 499 34.39 16.20 -20.28
CA PRO C 499 32.95 16.05 -20.03
C PRO C 499 32.48 14.62 -19.84
N GLN C 500 33.38 13.64 -19.78
CA GLN C 500 33.02 12.25 -19.63
C GLN C 500 33.04 11.78 -18.17
N LEU C 501 33.32 12.68 -17.23
CA LEU C 501 33.31 12.30 -15.83
C LEU C 501 31.95 11.77 -15.43
N SER C 502 31.93 10.67 -14.68
CA SER C 502 30.68 10.03 -14.32
C SER C 502 30.88 9.19 -13.07
N PHE C 503 29.75 8.79 -12.48
CA PHE C 503 29.77 7.90 -11.33
C PHE C 503 30.47 6.59 -11.67
N GLU C 504 30.28 6.10 -12.90
CA GLU C 504 30.91 4.84 -13.31
C GLU C 504 32.43 4.97 -13.35
N VAL C 505 32.94 6.08 -13.90
CA VAL C 505 34.38 6.25 -14.04
C VAL C 505 35.05 6.27 -12.66
N ILE C 506 34.48 7.02 -11.73
CA ILE C 506 35.07 7.13 -10.41
C ILE C 506 35.08 5.78 -9.71
N CYS C 507 33.96 5.05 -9.78
CA CYS C 507 33.88 3.75 -9.14
C CYS C 507 34.87 2.77 -9.77
N SER C 508 35.04 2.85 -11.10
CA SER C 508 35.96 1.93 -11.77
C SER C 508 37.38 2.11 -11.26
N TYR C 509 37.80 3.35 -11.03
CA TYR C 509 39.15 3.64 -10.56
C TYR C 509 39.28 3.49 -9.04
N VAL C 510 38.19 3.34 -8.31
CA VAL C 510 38.22 3.25 -6.86
C VAL C 510 38.17 1.81 -6.39
N PHE C 511 37.18 1.04 -6.87
CA PHE C 511 36.97 -0.33 -6.44
C PHE C 511 37.77 -1.34 -7.26
N MET C 512 38.72 -0.88 -8.06
CA MET C 512 39.51 -1.80 -8.88
C MET C 512 40.33 -2.76 -8.02
N PRO C 513 41.04 -2.33 -6.98
CA PRO C 513 41.84 -3.29 -6.21
C PRO C 513 41.03 -4.43 -5.62
N PHE C 514 39.80 -4.15 -5.17
CA PHE C 514 38.97 -5.19 -4.59
C PHE C 514 38.65 -6.27 -5.62
N ALA C 515 38.46 -5.89 -6.89
CA ALA C 515 38.16 -6.86 -7.92
C ALA C 515 39.41 -7.61 -8.38
N PHE C 516 40.56 -6.93 -8.41
CA PHE C 516 41.80 -7.59 -8.79
C PHE C 516 42.19 -8.67 -7.79
N MET C 517 41.99 -8.40 -6.50
CA MET C 517 42.28 -9.41 -5.49
C MET C 517 41.38 -10.63 -5.62
N MET C 518 40.17 -10.45 -6.15
CA MET C 518 39.27 -11.58 -6.37
C MET C 518 39.66 -12.43 -7.57
N GLY C 519 40.64 -12.00 -8.36
CA GLY C 519 41.14 -12.77 -9.47
C GLY C 519 40.70 -12.31 -10.84
N VAL C 520 40.02 -11.17 -10.94
CA VAL C 520 39.62 -10.65 -12.24
C VAL C 520 40.83 -10.05 -12.94
N ASP C 521 40.92 -10.28 -14.25
CA ASP C 521 42.05 -9.76 -15.00
C ASP C 521 42.05 -8.23 -15.01
N TRP C 522 43.16 -7.67 -15.45
CA TRP C 522 43.35 -6.22 -15.36
C TRP C 522 42.28 -5.46 -16.13
N GLN C 523 42.00 -5.89 -17.36
CA GLN C 523 41.03 -5.17 -18.19
C GLN C 523 39.63 -5.22 -17.58
N ASP C 524 39.19 -6.39 -17.12
CA ASP C 524 37.83 -6.55 -16.64
C ASP C 524 37.65 -6.08 -15.20
N SER C 525 38.74 -5.85 -14.47
CA SER C 525 38.61 -5.39 -13.08
C SER C 525 37.92 -4.03 -13.02
N PHE C 526 38.23 -3.15 -13.98
CA PHE C 526 37.58 -1.84 -14.01
C PHE C 526 36.09 -1.97 -14.29
N MET C 527 35.67 -2.98 -15.07
CA MET C 527 34.26 -3.16 -15.35
C MET C 527 33.53 -3.76 -14.15
N VAL C 528 34.17 -4.69 -13.44
CA VAL C 528 33.55 -5.25 -12.25
C VAL C 528 33.42 -4.20 -11.16
N ALA C 529 34.38 -3.27 -11.08
CA ALA C 529 34.35 -2.25 -10.05
C ALA C 529 33.08 -1.40 -10.15
N LYS C 530 32.61 -1.14 -11.37
CA LYS C 530 31.37 -0.38 -11.52
C LYS C 530 30.20 -1.11 -10.89
N LEU C 531 30.13 -2.43 -11.08
CA LEU C 531 29.05 -3.21 -10.49
C LEU C 531 29.13 -3.18 -8.97
N ILE C 532 30.35 -3.25 -8.42
CA ILE C 532 30.54 -3.14 -6.98
C ILE C 532 30.03 -1.79 -6.48
N GLY C 533 30.33 -0.72 -7.22
CA GLY C 533 29.85 0.59 -6.81
C GLY C 533 28.34 0.68 -6.84
N TYR C 534 27.72 0.15 -7.90
CA TYR C 534 26.26 0.12 -7.96
C TYR C 534 25.67 -0.60 -6.75
N LYS C 535 26.26 -1.72 -6.33
CA LYS C 535 25.71 -2.52 -5.20
C LYS C 535 25.92 -1.77 -3.88
N THR C 536 27.08 -1.15 -3.68
CA THR C 536 27.43 -0.45 -2.41
C THR C 536 26.54 0.77 -2.16
N PHE C 537 26.33 1.65 -3.14
CA PHE C 537 25.58 2.92 -2.96
C PHE C 537 24.08 2.74 -3.24
N PHE C 538 23.70 1.96 -4.24
CA PHE C 538 22.28 1.64 -4.56
C PHE C 538 22.03 0.23 -4.02
N ASN C 539 21.05 -0.51 -4.54
CA ASN C 539 20.76 -1.91 -4.14
C ASN C 539 21.37 -2.85 -5.18
N GLU C 540 21.23 -4.18 -5.03
CA GLU C 540 21.79 -5.16 -5.96
C GLU C 540 20.89 -5.43 -7.16
N PHE C 541 19.68 -4.87 -7.19
CA PHE C 541 18.87 -4.95 -8.40
C PHE C 541 19.51 -4.16 -9.53
N VAL C 542 20.10 -3.01 -9.23
CA VAL C 542 20.75 -2.21 -10.25
C VAL C 542 21.98 -2.93 -10.79
N ALA C 543 22.79 -3.51 -9.89
CA ALA C 543 24.01 -4.16 -10.33
C ALA C 543 23.72 -5.37 -11.21
N TYR C 544 22.72 -6.17 -10.85
CA TYR C 544 22.39 -7.34 -11.66
C TYR C 544 21.76 -6.93 -12.98
N GLN C 545 21.04 -5.81 -13.01
CA GLN C 545 20.53 -5.30 -14.28
C GLN C 545 21.68 -4.97 -15.23
N GLN C 546 22.70 -4.28 -14.72
CA GLN C 546 23.86 -3.97 -15.54
C GLN C 546 24.62 -5.22 -15.96
N LEU C 547 24.74 -6.18 -15.03
CA LEU C 547 25.43 -7.42 -15.35
C LEU C 547 24.69 -8.18 -16.44
N SER C 548 23.36 -8.20 -16.39
CA SER C 548 22.58 -8.87 -17.43
C SER C 548 22.81 -8.22 -18.78
N LYS C 549 22.90 -6.88 -18.81
CA LYS C 549 23.23 -6.19 -20.06
C LYS C 549 24.52 -6.72 -20.65
N LEU C 550 25.57 -6.81 -19.83
CA LEU C 550 26.86 -7.27 -20.32
C LEU C 550 26.80 -8.70 -20.79
N ILE C 551 26.06 -9.56 -20.08
CA ILE C 551 25.93 -10.95 -20.49
C ILE C 551 25.25 -11.04 -21.85
N SER C 552 24.18 -10.27 -22.04
CA SER C 552 23.48 -10.29 -23.33
C SER C 552 24.38 -9.80 -24.45
N LEU C 553 25.17 -8.75 -24.18
CA LEU C 553 26.07 -8.23 -25.20
C LEU C 553 27.07 -9.29 -25.64
N ARG C 554 27.63 -10.03 -24.68
CA ARG C 554 28.58 -11.09 -25.03
C ARG C 554 27.90 -12.20 -25.82
N GLN C 555 26.71 -12.62 -25.39
CA GLN C 555 26.01 -13.71 -26.08
C GLN C 555 25.63 -13.31 -27.50
N VAL C 556 25.40 -12.02 -27.74
CA VAL C 556 25.10 -11.57 -29.09
C VAL C 556 26.28 -11.85 -30.02
N GLY C 557 27.49 -11.60 -29.55
CA GLY C 557 28.68 -11.83 -30.33
C GLY C 557 29.25 -10.61 -31.03
N GLY C 558 28.81 -9.41 -30.66
CA GLY C 558 29.28 -8.22 -31.30
C GLY C 558 30.72 -7.90 -30.92
N PRO C 559 31.24 -6.80 -31.47
CA PRO C 559 32.63 -6.44 -31.19
C PRO C 559 32.85 -6.20 -29.70
N LYS C 560 34.01 -6.65 -29.21
CA LYS C 560 34.38 -6.46 -27.82
C LYS C 560 34.85 -5.05 -27.52
N PHE C 561 35.28 -4.31 -28.54
CA PHE C 561 35.71 -2.93 -28.39
C PHE C 561 35.13 -2.10 -29.52
N VAL C 562 34.52 -0.97 -29.16
CA VAL C 562 34.06 0.01 -30.14
C VAL C 562 34.52 1.39 -29.66
N ASP C 563 35.22 2.11 -30.52
CA ASP C 563 35.77 3.41 -30.18
C ASP C 563 36.73 3.32 -29.00
N GLY C 564 37.37 2.16 -28.83
CA GLY C 564 38.30 1.97 -27.74
C GLY C 564 37.66 1.77 -26.38
N VAL C 565 36.38 1.40 -26.34
CA VAL C 565 35.66 1.16 -25.10
C VAL C 565 35.23 -0.30 -25.07
N GLN C 566 35.57 -0.99 -23.98
CA GLN C 566 35.20 -2.38 -23.84
C GLN C 566 33.69 -2.50 -23.63
N GLN C 567 33.05 -3.38 -24.40
CA GLN C 567 31.60 -3.54 -24.33
C GLN C 567 31.18 -4.65 -23.38
N TYR C 568 31.91 -5.76 -23.38
CA TYR C 568 31.62 -6.88 -22.50
C TYR C 568 32.93 -7.50 -22.04
N MET C 569 32.82 -8.42 -21.08
CA MET C 569 33.98 -9.06 -20.47
C MET C 569 33.80 -10.58 -20.53
N SER C 570 34.76 -11.28 -19.94
CA SER C 570 34.84 -12.73 -20.06
C SER C 570 33.72 -13.41 -19.27
N MET C 571 33.56 -14.72 -19.54
CA MET C 571 32.56 -15.50 -18.82
C MET C 571 32.98 -15.73 -17.38
N ARG C 572 34.28 -15.94 -17.13
CA ARG C 572 34.76 -16.14 -15.77
C ARG C 572 34.52 -14.89 -14.93
N SER C 573 34.76 -13.71 -15.49
CA SER C 573 34.53 -12.48 -14.75
C SER C 573 33.06 -12.31 -14.40
N GLU C 574 32.17 -12.72 -15.31
CA GLU C 574 30.74 -12.67 -15.03
C GLU C 574 30.38 -13.56 -13.84
N ALA C 575 30.97 -14.75 -13.79
CA ALA C 575 30.73 -15.65 -12.66
C ALA C 575 31.20 -15.02 -11.36
N ILE C 576 32.41 -14.47 -11.36
CA ILE C 576 32.95 -13.86 -10.14
C ILE C 576 32.06 -12.71 -9.70
N SER C 577 31.64 -11.87 -10.64
CA SER C 577 30.74 -10.77 -10.30
C SER C 577 29.41 -11.29 -9.74
N THR C 578 28.96 -12.46 -10.24
CA THR C 578 27.73 -13.04 -9.72
C THR C 578 27.86 -13.40 -8.24
N TYR C 579 29.01 -13.97 -7.86
CA TYR C 579 29.23 -14.34 -6.47
C TYR C 579 29.38 -13.11 -5.58
N ALA C 580 30.11 -12.10 -6.06
CA ALA C 580 30.39 -10.93 -5.24
C ALA C 580 29.14 -10.10 -4.97
N LEU C 581 28.18 -10.12 -5.88
CA LEU C 581 27.00 -9.27 -5.79
C LEU C 581 25.84 -9.93 -5.04
N CYS C 582 25.99 -11.16 -4.59
CA CYS C 582 24.89 -11.88 -3.94
C CYS C 582 24.84 -11.49 -2.48
N GLY C 583 24.13 -10.40 -2.20
CA GLY C 583 23.98 -9.94 -0.84
C GLY C 583 23.03 -8.76 -0.75
N PHE C 584 22.49 -8.58 0.46
CA PHE C 584 21.63 -7.45 0.78
C PHE C 584 22.37 -6.33 1.49
N ALA C 585 23.69 -6.25 1.31
CA ALA C 585 24.52 -5.30 2.02
C ALA C 585 24.57 -4.00 1.23
N ASN C 586 23.89 -2.97 1.74
CA ASN C 586 23.97 -1.64 1.19
C ASN C 586 23.74 -0.64 2.32
N PHE C 587 24.26 0.57 2.14
CA PHE C 587 24.15 1.58 3.18
C PHE C 587 22.71 1.87 3.56
N GLY C 588 21.79 1.81 2.59
CA GLY C 588 20.40 2.07 2.88
C GLY C 588 19.77 1.03 3.78
N SER C 589 20.13 -0.25 3.58
CA SER C 589 19.53 -1.33 4.36
C SER C 589 19.90 -1.25 5.83
N LEU C 590 20.88 -0.44 6.20
CA LEU C 590 21.31 -0.36 7.59
C LEU C 590 20.17 0.07 8.49
N GLY C 591 19.42 1.10 8.08
CA GLY C 591 18.37 1.61 8.93
C GLY C 591 17.23 0.63 9.13
N ILE C 592 16.77 0.00 8.06
CA ILE C 592 15.62 -0.90 8.18
C ILE C 592 16.00 -2.14 8.97
N VAL C 593 17.24 -2.61 8.83
CA VAL C 593 17.71 -3.74 9.62
C VAL C 593 17.70 -3.39 11.10
N ILE C 594 18.21 -2.22 11.44
CA ILE C 594 18.22 -1.79 12.85
C ILE C 594 16.80 -1.65 13.37
N GLY C 595 15.92 -1.02 12.59
CA GLY C 595 14.55 -0.81 13.04
C GLY C 595 13.82 -2.10 13.29
N GLY C 596 13.95 -3.06 12.37
CA GLY C 596 13.27 -4.33 12.53
C GLY C 596 13.79 -5.14 13.71
N LEU C 597 15.10 -5.14 13.92
CA LEU C 597 15.68 -5.91 15.01
C LEU C 597 15.37 -5.27 16.36
N THR C 598 15.31 -3.94 16.42
CA THR C 598 14.88 -3.28 17.64
C THR C 598 13.41 -3.57 17.93
N SER C 599 12.58 -3.60 16.88
CA SER C 599 11.17 -3.91 17.08
C SER C 599 10.98 -5.32 17.63
N MET C 600 11.89 -6.24 17.30
CA MET C 600 11.81 -7.60 17.83
C MET C 600 12.42 -7.71 19.22
N ALA C 601 13.47 -6.93 19.50
CA ALA C 601 14.14 -6.93 20.81
C ALA C 601 14.33 -5.49 21.25
N PRO C 602 13.28 -4.85 21.79
CA PRO C 602 13.40 -3.44 22.17
C PRO C 602 14.51 -3.16 23.18
N SER C 603 14.76 -4.09 24.11
CA SER C 603 15.74 -3.86 25.16
C SER C 603 17.16 -3.78 24.63
N ARG C 604 17.43 -4.35 23.46
CA ARG C 604 18.79 -4.45 22.92
C ARG C 604 19.08 -3.38 21.88
N LYS C 605 18.37 -2.25 21.92
CA LYS C 605 18.58 -1.21 20.91
C LYS C 605 20.00 -0.68 20.94
N ARG C 606 20.57 -0.50 22.13
CA ARG C 606 21.92 0.04 22.22
C ARG C 606 22.94 -0.89 21.58
N ASP C 607 22.79 -2.21 21.81
CA ASP C 607 23.74 -3.16 21.25
C ASP C 607 23.56 -3.31 19.75
N ILE C 608 22.31 -3.25 19.26
CA ILE C 608 22.05 -3.45 17.85
C ILE C 608 22.75 -2.39 17.01
N THR C 609 22.64 -1.12 17.44
CA THR C 609 23.23 -0.04 16.67
C THR C 609 24.74 -0.15 16.60
N ALA C 610 25.36 -0.61 17.69
CA ALA C 610 26.83 -0.62 17.75
C ALA C 610 27.43 -1.54 16.70
N GLY C 611 26.86 -2.73 16.53
CA GLY C 611 27.42 -3.72 15.64
C GLY C 611 26.90 -3.71 14.23
N ALA C 612 25.94 -2.83 13.91
CA ALA C 612 25.34 -2.85 12.58
C ALA C 612 26.36 -2.52 11.50
N MET C 613 27.19 -1.49 11.73
CA MET C 613 28.15 -1.09 10.71
C MET C 613 29.20 -2.17 10.48
N ARG C 614 29.72 -2.77 11.56
CA ARG C 614 30.69 -3.85 11.41
C ARG C 614 30.07 -5.04 10.68
N ALA C 615 28.80 -5.33 10.98
CA ALA C 615 28.12 -6.42 10.31
C ALA C 615 27.96 -6.14 8.82
N LEU C 616 27.65 -4.89 8.46
CA LEU C 616 27.50 -4.53 7.07
C LEU C 616 28.81 -4.72 6.31
N ILE C 617 29.93 -4.36 6.94
CA ILE C 617 31.23 -4.55 6.30
C ILE C 617 31.57 -6.02 6.21
N ALA C 618 31.26 -6.79 7.26
CA ALA C 618 31.57 -8.21 7.26
C ALA C 618 30.82 -8.95 6.16
N GLY C 619 29.56 -8.57 5.92
CA GLY C 619 28.80 -9.21 4.86
C GLY C 619 29.44 -9.05 3.49
N THR C 620 29.90 -7.84 3.19
CA THR C 620 30.58 -7.60 1.91
C THR C 620 31.86 -8.43 1.81
N ILE C 621 32.62 -8.50 2.88
CA ILE C 621 33.85 -9.30 2.88
C ILE C 621 33.52 -10.76 2.65
N ALA C 622 32.45 -11.25 3.27
CA ALA C 622 32.06 -12.64 3.07
C ALA C 622 31.70 -12.91 1.62
N CYS C 623 30.97 -11.99 0.99
CA CYS C 623 30.65 -12.14 -0.42
C CYS C 623 31.91 -12.16 -1.27
N PHE C 624 32.87 -11.31 -0.95
CA PHE C 624 34.15 -11.32 -1.67
C PHE C 624 34.89 -12.63 -1.44
N LEU C 625 34.82 -13.16 -0.22
CA LEU C 625 35.50 -14.42 0.07
C LEU C 625 34.95 -15.54 -0.81
N THR C 626 33.62 -15.60 -0.97
CA THR C 626 33.03 -16.57 -1.87
C THR C 626 33.51 -16.38 -3.30
N ALA C 627 33.59 -15.12 -3.74
CA ALA C 627 34.05 -14.84 -5.10
C ALA C 627 35.49 -15.29 -5.30
N CYS C 628 36.35 -15.09 -4.30
CA CYS C 628 37.74 -15.52 -4.42
C CYS C 628 37.83 -17.02 -4.61
N ILE C 629 37.05 -17.78 -3.83
CA ILE C 629 37.07 -19.23 -3.95
C ILE C 629 36.56 -19.67 -5.31
N ALA C 630 35.51 -19.03 -5.81
CA ALA C 630 35.03 -19.33 -7.15
C ALA C 630 36.10 -19.02 -8.20
N GLY C 631 36.80 -17.89 -8.03
CA GLY C 631 37.78 -17.51 -9.03
C GLY C 631 38.96 -18.46 -9.11
N MET C 632 39.40 -18.99 -7.97
CA MET C 632 40.57 -19.86 -7.95
C MET C 632 40.27 -21.27 -8.45
N LEU C 633 38.99 -21.62 -8.65
CA LEU C 633 38.61 -22.93 -9.17
C LEU C 633 38.14 -22.88 -10.61
N THR C 634 37.59 -21.77 -11.07
CA THR C 634 37.20 -21.62 -12.45
C THR C 634 38.42 -21.43 -13.35
N ASN C 635 38.30 -21.88 -14.59
CA ASN C 635 39.38 -21.82 -15.55
C ASN C 635 39.15 -20.70 -16.56
N THR C 636 40.25 -20.24 -17.16
CA THR C 636 40.20 -19.21 -18.18
C THR C 636 39.92 -19.85 -19.53
N PRO C 637 38.80 -19.55 -20.20
CA PRO C 637 38.54 -20.19 -21.49
C PRO C 637 39.47 -19.68 -22.59
#